data_7NP3
#
_entry.id   7NP3
#
_cell.length_a   1.00
_cell.length_b   1.00
_cell.length_c   1.00
_cell.angle_alpha   90.00
_cell.angle_beta   90.00
_cell.angle_gamma   90.00
#
_symmetry.space_group_name_H-M   'P 1'
#
_entity_poly.entity_id   1
_entity_poly.type   'polypeptide(L)'
_entity_poly.pdbx_seq_one_letter_code
;MDKLPPSMRKRLYSLPQQVGAKAWIMDEEEDAEEEGAGGRQDPRRRSIRLRPLPSPSPSPSAAAAAAGGAESRGAALGGA
ADGEGPARGAAKSSTNGDCRRFRGSLASLGSRGGGGGGGSTGGGSHGHLHDSAEERRLIAEGDASPGEDRTPPGLAAEPE
RPGAPAPPAASPPQVPSSCGEQRPADAAVKVEGGAAAGDQILPEAEARLGQAGFMQRQFGAMLQPGVNKFSLRMFGSQKA
VEREQERVKSAGFWIIHPYSDFRFYWDLTMLLLMVGNLIIIPVGITFFKDENTTPWIVFNVVSDTFFLIDLVLNFRTGIV
VEDNTDIILDPRRIKMKYLKSWFVVDFVSSIPVDYIFLIVETRIDSEVYKTARALRIVRFTKILSLLRLLRLSRLIRYIH
QWEEIFHMTYDLASAVVRIVNLIGMMLLLCHWDGCLQFLVPMLQDFPDDCWVSLNNMVNNSWGKQYSYALFKAMSHMLCI
GYGRQAPMGMSDVWLTMLSMIVGATCYAMFIGHATALIQSLDSSRRQYQEKYKQVEQYMSFHKLPPDTRQRIHDYYEHRY
QGKMFDEESILGELSEPLREEIINFNCRKLVASMPLFANADPNFVTSMLTKLRFEVFQPGDYIIREGTIGKKMYFIQHGV
VSVLTKGNKETKLADGSYFGEICLLTRGRRTASVRADTYCRLYSLSVDNFNEVLEEYPMMRRAFETVALDRLDRIGKKNS
IHKVQHDLSSGVSNYQENAIVQRIVQHDREMAHCARRAQATTPVAPAIWTPLIQAPLQAAAQDLKLISASQPALPQDGAQ
TLRRASPHSSSGESVAALPPAGGPFPRAPGRPPGAGPGQHVTLTLPRKASSGSLPPPLSLFGPRAAPRLTAAPQREPGAK
SEPVRSKLPSNL
;
_entity_poly.pdbx_strand_id   A,B,C,D
#
# COMPACT_ATOMS: atom_id res chain seq x y z
N ARG A 217 -22.33 -33.23 -40.61
CA ARG A 217 -20.96 -32.87 -40.94
C ARG A 217 -20.76 -31.36 -40.85
N GLN A 218 -21.70 -30.60 -41.41
CA GLN A 218 -21.57 -29.15 -41.41
C GLN A 218 -21.74 -28.57 -40.01
N PHE A 219 -22.48 -29.25 -39.13
CA PHE A 219 -22.59 -28.80 -37.75
C PHE A 219 -21.28 -28.96 -36.99
N GLY A 220 -20.38 -29.81 -37.48
CA GLY A 220 -19.05 -29.91 -36.93
C GLY A 220 -18.14 -28.74 -37.21
N ALA A 221 -18.69 -27.65 -37.75
CA ALA A 221 -17.92 -26.44 -38.01
C ALA A 221 -18.01 -25.42 -36.89
N MET A 222 -19.10 -25.43 -36.11
CA MET A 222 -19.19 -24.59 -34.93
C MET A 222 -18.22 -24.99 -33.85
N LEU A 223 -17.68 -26.22 -33.90
CA LEU A 223 -16.73 -26.68 -32.90
C LEU A 223 -15.35 -26.07 -33.08
N GLN A 224 -15.18 -25.19 -34.06
CA GLN A 224 -13.95 -24.47 -34.32
C GLN A 224 -14.21 -22.97 -34.26
N PRO A 225 -13.28 -22.19 -33.73
CA PRO A 225 -13.53 -20.76 -33.55
C PRO A 225 -13.82 -20.09 -34.88
N GLY A 226 -14.61 -19.02 -34.83
CA GLY A 226 -15.03 -18.30 -36.00
C GLY A 226 -14.69 -16.82 -35.94
N VAL A 227 -15.15 -16.11 -36.98
CA VAL A 227 -15.01 -14.66 -37.04
C VAL A 227 -16.03 -14.03 -36.10
N ASN A 228 -15.54 -13.34 -35.08
CA ASN A 228 -16.40 -12.77 -34.05
C ASN A 228 -15.58 -11.75 -33.28
N LYS A 229 -16.26 -10.67 -32.87
CA LYS A 229 -15.59 -9.54 -32.23
C LYS A 229 -14.69 -9.99 -31.09
N PHE A 230 -15.12 -10.99 -30.32
CA PHE A 230 -14.28 -11.51 -29.26
C PHE A 230 -13.08 -12.26 -29.82
N SER A 231 -13.34 -13.20 -30.75
CA SER A 231 -12.23 -13.92 -31.37
C SER A 231 -11.35 -12.97 -32.16
N LEU A 232 -11.96 -12.06 -32.93
CA LEU A 232 -11.19 -11.09 -33.70
C LEU A 232 -10.27 -10.27 -32.80
N ARG A 233 -10.82 -9.76 -31.69
CA ARG A 233 -10.02 -8.94 -30.79
C ARG A 233 -8.92 -9.75 -30.12
N MET A 234 -9.25 -10.93 -29.60
CA MET A 234 -8.27 -11.74 -28.90
C MET A 234 -7.24 -12.35 -29.84
N PHE A 235 -7.48 -12.28 -31.15
CA PHE A 235 -6.54 -12.81 -32.13
C PHE A 235 -5.82 -11.72 -32.91
N GLY A 236 -6.51 -10.64 -33.25
CA GLY A 236 -5.87 -9.49 -33.88
C GLY A 236 -6.25 -9.28 -35.33
N SER A 237 -6.40 -10.36 -36.08
CA SER A 237 -6.69 -10.28 -37.50
C SER A 237 -7.44 -11.52 -37.94
N GLN A 238 -8.34 -11.34 -38.90
CA GLN A 238 -9.09 -12.48 -39.44
C GLN A 238 -8.16 -13.56 -39.97
N LYS A 239 -6.99 -13.17 -40.49
CA LYS A 239 -6.01 -14.17 -40.88
C LYS A 239 -5.62 -15.03 -39.69
N ALA A 240 -5.43 -14.42 -38.52
CA ALA A 240 -5.15 -15.22 -37.33
C ALA A 240 -6.33 -16.11 -36.97
N VAL A 241 -7.55 -15.65 -37.24
CA VAL A 241 -8.72 -16.48 -36.95
C VAL A 241 -8.72 -17.73 -37.81
N GLU A 242 -8.49 -17.58 -39.11
CA GLU A 242 -8.43 -18.77 -39.96
C GLU A 242 -7.19 -19.60 -39.65
N ARG A 243 -6.14 -18.93 -39.20
CA ARG A 243 -4.90 -19.64 -38.80
C ARG A 243 -5.27 -20.74 -37.80
N GLU A 244 -5.83 -20.36 -36.65
CA GLU A 244 -6.19 -21.35 -35.60
C GLU A 244 -7.23 -22.30 -36.17
N GLN A 245 -8.21 -21.75 -36.90
CA GLN A 245 -9.25 -22.60 -37.52
C GLN A 245 -8.54 -23.80 -38.14
N GLU A 246 -7.41 -23.56 -38.83
CA GLU A 246 -6.66 -24.66 -39.41
C GLU A 246 -5.86 -25.42 -38.35
N ARG A 247 -5.33 -24.71 -37.35
CA ARG A 247 -4.61 -25.37 -36.27
C ARG A 247 -5.50 -26.39 -35.56
N VAL A 248 -6.78 -26.07 -35.42
CA VAL A 248 -7.72 -27.07 -34.92
C VAL A 248 -8.01 -28.12 -35.99
N LYS A 249 -8.13 -27.68 -37.24
CA LYS A 249 -8.44 -28.59 -38.34
C LYS A 249 -7.35 -29.63 -38.54
N SER A 250 -6.25 -29.49 -37.80
CA SER A 250 -5.31 -30.60 -37.66
C SER A 250 -5.96 -31.83 -37.02
N ALA A 251 -7.21 -31.74 -36.59
CA ALA A 251 -7.88 -32.82 -35.89
C ALA A 251 -8.54 -33.79 -36.84
N GLY A 252 -8.65 -35.04 -36.41
CA GLY A 252 -9.46 -36.03 -37.09
C GLY A 252 -10.84 -36.16 -36.50
N PHE A 253 -10.91 -36.34 -35.18
CA PHE A 253 -12.18 -36.47 -34.47
C PHE A 253 -12.60 -35.14 -33.88
N TRP A 254 -13.90 -34.96 -33.71
CA TRP A 254 -14.45 -33.71 -33.23
C TRP A 254 -13.82 -33.32 -31.90
N ILE A 255 -13.07 -32.22 -31.91
CA ILE A 255 -12.49 -31.65 -30.69
C ILE A 255 -13.09 -30.27 -30.49
N ILE A 256 -13.56 -30.01 -29.28
CA ILE A 256 -14.20 -28.74 -28.97
C ILE A 256 -13.10 -27.70 -28.77
N HIS A 257 -13.10 -26.67 -29.59
CA HIS A 257 -12.23 -25.55 -29.31
C HIS A 257 -12.84 -24.69 -28.22
N PRO A 258 -12.08 -24.39 -27.16
CA PRO A 258 -12.67 -23.65 -26.03
C PRO A 258 -13.32 -22.34 -26.43
N TYR A 259 -12.91 -21.74 -27.55
CA TYR A 259 -13.50 -20.50 -28.03
C TYR A 259 -14.54 -20.74 -29.11
N SER A 260 -14.86 -22.00 -29.39
CA SER A 260 -15.88 -22.31 -30.37
C SER A 260 -17.24 -21.90 -29.84
N ASP A 261 -18.01 -21.18 -30.66
CA ASP A 261 -19.33 -20.70 -30.29
C ASP A 261 -20.16 -21.79 -29.63
N PHE A 262 -19.93 -23.03 -30.06
CA PHE A 262 -20.58 -24.15 -29.41
C PHE A 262 -20.27 -24.19 -27.93
N ARG A 263 -18.98 -24.16 -27.57
CA ARG A 263 -18.64 -24.23 -26.16
C ARG A 263 -19.08 -22.98 -25.41
N PHE A 264 -19.15 -21.83 -26.08
CA PHE A 264 -19.63 -20.65 -25.36
C PHE A 264 -21.10 -20.78 -25.01
N TYR A 265 -21.93 -21.25 -25.94
CA TYR A 265 -23.34 -21.42 -25.63
C TYR A 265 -23.55 -22.56 -24.64
N TRP A 266 -22.80 -23.64 -24.80
CA TRP A 266 -22.71 -24.69 -23.80
C TRP A 266 -22.48 -24.10 -22.41
N ASP A 267 -21.40 -23.34 -22.26
CA ASP A 267 -21.04 -22.82 -20.94
C ASP A 267 -22.06 -21.83 -20.44
N LEU A 268 -22.75 -21.13 -21.32
CA LEU A 268 -23.83 -20.26 -20.85
C LEU A 268 -24.96 -21.07 -20.23
N THR A 269 -25.43 -22.09 -20.95
CA THR A 269 -26.46 -22.95 -20.38
C THR A 269 -25.98 -23.61 -19.09
N MET A 270 -24.71 -24.01 -19.07
CA MET A 270 -24.19 -24.70 -17.89
C MET A 270 -23.99 -23.76 -16.73
N LEU A 271 -23.71 -22.49 -16.98
CA LEU A 271 -23.65 -21.52 -15.91
C LEU A 271 -25.03 -21.31 -15.31
N LEU A 272 -26.05 -21.23 -16.16
CA LEU A 272 -27.42 -21.17 -15.66
C LEU A 272 -27.73 -22.39 -14.80
N LEU A 273 -27.36 -23.58 -15.29
CA LEU A 273 -27.63 -24.81 -14.53
C LEU A 273 -26.91 -24.80 -13.18
N MET A 274 -25.63 -24.43 -13.16
CA MET A 274 -24.88 -24.47 -11.91
C MET A 274 -25.45 -23.49 -10.90
N VAL A 275 -25.83 -22.29 -11.34
CA VAL A 275 -26.39 -21.33 -10.40
C VAL A 275 -27.75 -21.82 -9.89
N GLY A 276 -28.59 -22.32 -10.79
CA GLY A 276 -29.86 -22.87 -10.36
C GLY A 276 -29.69 -23.98 -9.35
N ASN A 277 -28.70 -24.84 -9.54
CA ASN A 277 -28.53 -25.94 -8.61
C ASN A 277 -27.96 -25.47 -7.28
N LEU A 278 -26.96 -24.60 -7.29
CA LEU A 278 -26.41 -24.14 -6.03
C LEU A 278 -27.42 -23.36 -5.21
N ILE A 279 -28.41 -22.76 -5.85
CA ILE A 279 -29.46 -22.10 -5.09
C ILE A 279 -30.58 -23.05 -4.69
N ILE A 280 -30.90 -24.04 -5.53
CA ILE A 280 -32.11 -24.83 -5.31
C ILE A 280 -31.83 -26.11 -4.53
N ILE A 281 -30.63 -26.66 -4.61
CA ILE A 281 -30.31 -27.92 -3.93
C ILE A 281 -30.46 -27.73 -2.42
N PRO A 282 -29.70 -26.85 -1.76
CA PRO A 282 -29.81 -26.77 -0.29
C PRO A 282 -31.22 -26.50 0.19
N VAL A 283 -31.92 -25.57 -0.45
CA VAL A 283 -33.27 -25.24 -0.03
C VAL A 283 -34.19 -26.43 -0.18
N GLY A 284 -33.84 -27.37 -1.04
CA GLY A 284 -34.70 -28.51 -1.24
C GLY A 284 -34.37 -29.63 -0.29
N ILE A 285 -33.08 -29.75 0.04
CA ILE A 285 -32.66 -30.73 1.04
C ILE A 285 -33.27 -30.39 2.40
N THR A 286 -32.98 -29.19 2.89
CA THR A 286 -33.26 -28.90 4.30
C THR A 286 -34.75 -28.76 4.56
N PHE A 287 -35.39 -27.77 3.94
CA PHE A 287 -36.83 -27.61 4.06
C PHE A 287 -37.51 -28.65 3.16
N PHE A 288 -38.82 -28.55 3.03
CA PHE A 288 -39.60 -29.52 2.24
C PHE A 288 -39.38 -30.94 2.76
N LYS A 289 -39.82 -31.17 3.99
CA LYS A 289 -39.95 -32.53 4.54
C LYS A 289 -40.56 -33.43 3.47
N ASP A 290 -40.06 -34.65 3.38
CA ASP A 290 -40.48 -35.57 2.31
C ASP A 290 -40.31 -34.87 0.96
N GLU A 291 -39.03 -34.62 0.65
CA GLU A 291 -38.69 -33.76 -0.47
C GLU A 291 -38.99 -34.42 -1.81
N ASN A 292 -38.96 -35.74 -1.87
CA ASN A 292 -39.20 -36.44 -3.13
C ASN A 292 -40.66 -36.29 -3.54
N THR A 293 -40.90 -35.58 -4.65
CA THR A 293 -42.22 -35.41 -5.23
C THR A 293 -42.13 -35.79 -6.69
N THR A 294 -43.23 -35.67 -7.43
CA THR A 294 -43.17 -35.90 -8.87
C THR A 294 -42.23 -34.92 -9.57
N PRO A 295 -42.20 -33.62 -9.25
CA PRO A 295 -41.07 -32.81 -9.70
C PRO A 295 -39.86 -33.01 -8.82
N TRP A 296 -38.81 -32.24 -9.08
CA TRP A 296 -37.56 -32.20 -8.32
C TRP A 296 -36.74 -33.47 -8.56
N ILE A 297 -37.40 -34.54 -8.97
CA ILE A 297 -36.66 -35.72 -9.43
C ILE A 297 -36.35 -35.61 -10.91
N VAL A 298 -37.32 -35.16 -11.70
CA VAL A 298 -37.04 -34.68 -13.05
C VAL A 298 -35.92 -33.64 -13.00
N PHE A 299 -35.97 -32.74 -12.02
CA PHE A 299 -34.96 -31.69 -11.95
C PHE A 299 -33.58 -32.28 -11.70
N ASN A 300 -33.46 -33.14 -10.68
CA ASN A 300 -32.15 -33.73 -10.42
C ASN A 300 -31.66 -34.56 -11.58
N VAL A 301 -32.55 -35.25 -12.29
CA VAL A 301 -32.04 -36.14 -13.34
C VAL A 301 -31.65 -35.34 -14.58
N VAL A 302 -32.40 -34.28 -14.92
CA VAL A 302 -32.00 -33.41 -16.02
C VAL A 302 -30.67 -32.74 -15.71
N SER A 303 -30.53 -32.20 -14.49
CA SER A 303 -29.26 -31.60 -14.11
C SER A 303 -28.14 -32.63 -14.16
N ASP A 304 -28.43 -33.87 -13.79
CA ASP A 304 -27.38 -34.88 -13.78
C ASP A 304 -26.97 -35.26 -15.19
N THR A 305 -27.93 -35.34 -16.12
CA THR A 305 -27.58 -35.61 -17.51
C THR A 305 -26.74 -34.48 -18.10
N PHE A 306 -27.16 -33.23 -17.89
CA PHE A 306 -26.36 -32.12 -18.39
C PHE A 306 -24.97 -32.13 -17.80
N PHE A 307 -24.84 -32.39 -16.51
CA PHE A 307 -23.53 -32.37 -15.90
C PHE A 307 -22.70 -33.59 -16.26
N LEU A 308 -23.34 -34.69 -16.63
CA LEU A 308 -22.59 -35.85 -17.10
C LEU A 308 -22.06 -35.62 -18.51
N ILE A 309 -22.87 -34.99 -19.36
CA ILE A 309 -22.36 -34.55 -20.66
C ILE A 309 -21.22 -33.55 -20.46
N ASP A 310 -21.33 -32.69 -19.45
CA ASP A 310 -20.21 -31.83 -19.10
C ASP A 310 -18.98 -32.66 -18.74
N LEU A 311 -19.17 -33.75 -18.01
CA LEU A 311 -18.04 -34.59 -17.63
C LEU A 311 -17.41 -35.24 -18.85
N VAL A 312 -18.23 -35.71 -19.79
CA VAL A 312 -17.69 -36.40 -20.96
C VAL A 312 -17.02 -35.40 -21.90
N LEU A 313 -17.79 -34.42 -22.40
CA LEU A 313 -17.23 -33.39 -23.26
C LEU A 313 -16.16 -32.57 -22.56
N ASN A 314 -15.95 -32.82 -21.27
CA ASN A 314 -14.82 -32.13 -20.58
C ASN A 314 -13.50 -32.77 -21.01
N PHE A 315 -13.49 -34.09 -21.22
CA PHE A 315 -12.25 -34.75 -21.73
C PHE A 315 -11.93 -34.30 -23.15
N ARG A 316 -12.95 -34.27 -24.02
CA ARG A 316 -12.72 -33.90 -25.45
C ARG A 316 -12.89 -32.40 -25.62
N THR A 317 -11.93 -31.60 -25.13
CA THR A 317 -12.08 -30.13 -25.21
C THR A 317 -10.73 -29.46 -25.46
N GLY A 318 -10.76 -28.20 -25.94
CA GLY A 318 -9.51 -27.44 -26.10
C GLY A 318 -9.18 -26.72 -24.81
N ILE A 319 -7.97 -26.94 -24.29
CA ILE A 319 -7.43 -26.15 -23.14
C ILE A 319 -6.61 -24.97 -23.68
N VAL A 320 -6.50 -23.90 -22.90
CA VAL A 320 -5.69 -22.71 -23.33
C VAL A 320 -4.71 -22.34 -22.21
N VAL A 321 -3.42 -22.19 -22.53
CA VAL A 321 -2.40 -21.78 -21.53
C VAL A 321 -1.56 -20.63 -22.08
N GLU A 322 -1.43 -19.52 -21.34
CA GLU A 322 -0.57 -18.37 -21.75
C GLU A 322 -1.18 -17.64 -22.94
N ASP A 323 -2.44 -17.94 -23.28
CA ASP A 323 -3.13 -17.32 -24.44
C ASP A 323 -2.63 -18.02 -25.71
N ASN A 324 -1.66 -18.91 -25.54
CA ASN A 324 -1.13 -19.78 -26.64
C ASN A 324 -2.06 -20.98 -26.77
N THR A 325 -2.45 -21.31 -28.00
CA THR A 325 -3.45 -22.40 -28.17
C THR A 325 -2.83 -23.66 -27.56
N ASP A 326 -3.58 -24.34 -26.70
CA ASP A 326 -3.08 -25.62 -26.13
C ASP A 326 -3.93 -26.76 -26.67
N ILE A 327 -4.70 -26.50 -27.73
CA ILE A 327 -5.64 -27.58 -28.18
C ILE A 327 -4.77 -28.81 -28.30
N ILE A 328 -5.13 -29.88 -27.57
CA ILE A 328 -4.25 -31.08 -27.57
C ILE A 328 -4.98 -32.20 -28.31
N LEU A 329 -4.44 -32.59 -29.47
CA LEU A 329 -5.15 -33.61 -30.26
C LEU A 329 -5.14 -34.90 -29.44
N ASP A 330 -4.00 -35.20 -28.82
CA ASP A 330 -3.93 -36.49 -28.08
C ASP A 330 -5.04 -36.49 -27.06
N PRO A 331 -6.10 -37.36 -27.16
CA PRO A 331 -7.14 -37.45 -26.12
C PRO A 331 -6.46 -37.75 -24.76
N ARG A 332 -5.45 -38.61 -24.77
CA ARG A 332 -4.80 -39.02 -23.49
C ARG A 332 -4.19 -37.80 -22.79
N ARG A 333 -3.48 -36.95 -23.56
CA ARG A 333 -2.79 -35.74 -23.03
C ARG A 333 -3.78 -34.79 -22.35
N ILE A 334 -4.92 -34.50 -23.00
CA ILE A 334 -6.01 -33.66 -22.43
C ILE A 334 -6.67 -34.46 -21.29
N LYS A 335 -6.90 -35.75 -21.52
CA LYS A 335 -7.55 -36.60 -20.49
C LYS A 335 -6.66 -36.61 -19.25
N MET A 336 -5.34 -36.76 -19.44
CA MET A 336 -4.43 -36.85 -18.28
C MET A 336 -4.49 -35.52 -17.51
N LYS A 337 -4.46 -34.40 -18.23
CA LYS A 337 -4.45 -33.08 -17.54
C LYS A 337 -5.76 -32.93 -16.76
N TYR A 338 -6.89 -33.30 -17.36
CA TYR A 338 -8.20 -33.18 -16.67
C TYR A 338 -8.23 -34.09 -15.45
N LEU A 339 -7.73 -35.31 -15.58
CA LEU A 339 -7.69 -36.28 -14.45
C LEU A 339 -6.95 -35.63 -13.29
N LYS A 340 -5.77 -35.05 -13.58
CA LYS A 340 -4.97 -34.43 -12.53
C LYS A 340 -5.77 -33.34 -11.83
N SER A 341 -6.38 -32.44 -12.61
CA SER A 341 -6.92 -31.22 -12.02
C SER A 341 -8.30 -31.43 -11.37
N TRP A 342 -9.31 -31.77 -12.16
CA TRP A 342 -10.67 -31.62 -11.65
C TRP A 342 -11.61 -32.77 -11.94
N PHE A 343 -11.22 -33.75 -12.76
CA PHE A 343 -12.10 -34.86 -13.08
C PHE A 343 -12.61 -35.58 -11.84
N VAL A 344 -11.82 -35.63 -10.78
CA VAL A 344 -12.24 -36.36 -9.58
C VAL A 344 -13.45 -35.71 -8.92
N VAL A 345 -13.37 -34.41 -8.64
CA VAL A 345 -14.52 -33.77 -8.02
C VAL A 345 -15.68 -33.68 -8.99
N ASP A 346 -15.41 -33.53 -10.29
CA ASP A 346 -16.53 -33.48 -11.21
C ASP A 346 -17.26 -34.81 -11.29
N PHE A 347 -16.53 -35.91 -11.17
CA PHE A 347 -17.16 -37.21 -11.12
C PHE A 347 -17.96 -37.36 -9.82
N VAL A 348 -17.37 -36.97 -8.70
CA VAL A 348 -18.07 -37.14 -7.42
C VAL A 348 -19.32 -36.27 -7.36
N SER A 349 -19.34 -35.17 -8.09
CA SER A 349 -20.47 -34.26 -8.07
C SER A 349 -21.34 -34.37 -9.33
N SER A 350 -21.10 -35.37 -10.17
CA SER A 350 -21.94 -35.59 -11.34
C SER A 350 -22.98 -36.70 -11.11
N ILE A 351 -22.53 -37.88 -10.74
CA ILE A 351 -23.45 -39.02 -10.59
C ILE A 351 -24.35 -38.78 -9.36
N PRO A 352 -25.64 -39.13 -9.43
CA PRO A 352 -26.48 -39.01 -8.23
C PRO A 352 -26.13 -40.05 -7.19
N VAL A 353 -25.09 -39.75 -6.40
CA VAL A 353 -24.59 -40.70 -5.42
C VAL A 353 -25.67 -41.08 -4.41
N ASP A 354 -26.52 -40.13 -4.05
CA ASP A 354 -27.58 -40.46 -3.09
C ASP A 354 -28.55 -41.48 -3.66
N TYR A 355 -28.84 -41.41 -4.95
CA TYR A 355 -29.77 -42.37 -5.55
C TYR A 355 -29.17 -43.77 -5.57
N ILE A 356 -27.89 -43.90 -5.93
CA ILE A 356 -27.30 -45.24 -5.94
C ILE A 356 -27.16 -45.76 -4.52
N PHE A 357 -26.92 -44.88 -3.54
CA PHE A 357 -26.91 -45.33 -2.15
C PHE A 357 -28.29 -45.86 -1.74
N LEU A 358 -29.33 -45.09 -2.04
CA LEU A 358 -30.69 -45.53 -1.75
C LEU A 358 -30.99 -46.86 -2.42
N ILE A 359 -30.47 -47.06 -3.64
CA ILE A 359 -30.76 -48.29 -4.36
C ILE A 359 -30.06 -49.48 -3.72
N VAL A 360 -28.78 -49.32 -3.41
CA VAL A 360 -28.05 -50.43 -2.77
C VAL A 360 -28.55 -50.68 -1.36
N GLU A 361 -29.49 -49.85 -0.91
CA GLU A 361 -30.17 -50.14 0.37
C GLU A 361 -31.55 -50.74 0.11
N THR A 362 -32.30 -50.22 -0.86
CA THR A 362 -33.69 -50.71 -1.03
C THR A 362 -33.67 -52.21 -1.34
N ARG A 363 -32.77 -52.64 -2.23
CA ARG A 363 -32.67 -54.07 -2.60
C ARG A 363 -32.20 -54.90 -1.40
N ILE A 364 -31.16 -54.44 -0.70
CA ILE A 364 -30.59 -55.27 0.40
C ILE A 364 -31.57 -55.41 1.57
N ASP A 365 -32.24 -54.33 1.96
CA ASP A 365 -33.11 -54.39 3.17
C ASP A 365 -34.58 -54.28 2.80
N SER A 366 -35.33 -55.38 2.85
CA SER A 366 -36.80 -55.31 2.66
C SER A 366 -37.40 -54.63 3.89
N GLU A 367 -36.90 -54.97 5.08
CA GLU A 367 -37.46 -54.44 6.36
C GLU A 367 -36.94 -53.03 6.63
N VAL A 368 -36.46 -52.33 5.60
CA VAL A 368 -35.90 -50.96 5.78
C VAL A 368 -36.97 -50.07 6.41
N TYR A 369 -38.19 -50.10 5.89
CA TYR A 369 -39.30 -49.33 6.48
C TYR A 369 -39.48 -49.74 7.95
N LYS A 370 -39.58 -51.06 8.18
CA LYS A 370 -39.79 -51.58 9.56
C LYS A 370 -38.57 -51.27 10.44
N THR A 371 -37.35 -51.43 9.92
CA THR A 371 -36.12 -51.25 10.74
C THR A 371 -35.82 -49.76 11.03
N ALA A 372 -35.02 -49.49 12.06
CA ALA A 372 -34.60 -48.11 12.39
C ALA A 372 -33.67 -47.59 11.30
N ARG A 373 -33.13 -48.48 10.46
CA ARG A 373 -32.13 -48.09 9.43
C ARG A 373 -32.76 -47.06 8.49
N ALA A 374 -34.03 -47.20 8.14
CA ALA A 374 -34.63 -46.27 7.14
C ALA A 374 -34.50 -44.84 7.68
N LEU A 375 -34.76 -44.64 8.97
CA LEU A 375 -34.54 -43.30 9.52
C LEU A 375 -33.06 -42.99 9.36
N ARG A 376 -32.19 -43.91 9.76
CA ARG A 376 -30.75 -43.64 9.51
C ARG A 376 -30.58 -43.37 8.00
N ILE A 377 -31.26 -44.15 7.17
CA ILE A 377 -31.06 -44.10 5.73
C ILE A 377 -31.63 -42.82 5.14
N VAL A 378 -32.70 -42.26 5.72
CA VAL A 378 -33.19 -40.98 5.19
C VAL A 378 -32.25 -39.86 5.61
N ARG A 379 -31.69 -39.94 6.82
CA ARG A 379 -30.67 -38.98 7.20
C ARG A 379 -29.46 -39.06 6.29
N PHE A 380 -29.05 -40.28 5.93
CA PHE A 380 -27.90 -40.42 5.03
C PHE A 380 -28.23 -39.98 3.62
N THR A 381 -29.47 -40.18 3.18
CA THR A 381 -29.87 -39.63 1.88
C THR A 381 -29.74 -38.11 1.88
N LYS A 382 -30.27 -37.46 2.92
CA LYS A 382 -30.22 -36.00 2.98
C LYS A 382 -28.79 -35.49 3.12
N ILE A 383 -27.90 -36.26 3.76
CA ILE A 383 -26.51 -35.80 3.88
C ILE A 383 -25.76 -36.04 2.58
N LEU A 384 -25.93 -37.21 1.98
CA LEU A 384 -25.17 -37.55 0.78
C LEU A 384 -25.64 -36.77 -0.44
N SER A 385 -26.90 -36.33 -0.46
CA SER A 385 -27.33 -35.47 -1.55
C SER A 385 -26.61 -34.13 -1.54
N LEU A 386 -25.85 -33.83 -0.49
CA LEU A 386 -25.12 -32.57 -0.41
C LEU A 386 -23.88 -32.56 -1.27
N LEU A 387 -23.48 -33.70 -1.83
CA LEU A 387 -22.31 -33.70 -2.70
C LEU A 387 -22.54 -32.83 -3.91
N ARG A 388 -23.78 -32.80 -4.42
CA ARG A 388 -24.06 -32.11 -5.67
C ARG A 388 -23.65 -30.66 -5.67
N LEU A 389 -23.35 -30.07 -4.52
CA LEU A 389 -22.92 -28.68 -4.49
C LEU A 389 -21.42 -28.55 -4.35
N LEU A 390 -20.69 -29.50 -4.92
CA LEU A 390 -19.30 -29.29 -5.32
C LEU A 390 -19.20 -28.72 -6.73
N ARG A 391 -20.31 -28.66 -7.46
CA ARG A 391 -20.36 -27.98 -8.74
C ARG A 391 -19.99 -26.51 -8.61
N LEU A 392 -19.85 -25.99 -7.40
CA LEU A 392 -19.27 -24.66 -7.24
C LEU A 392 -17.87 -24.61 -7.83
N SER A 393 -17.16 -25.74 -7.82
CA SER A 393 -15.86 -25.80 -8.47
C SER A 393 -15.98 -25.45 -9.94
N ARG A 394 -16.88 -26.12 -10.66
CA ARG A 394 -17.11 -25.79 -12.06
C ARG A 394 -17.60 -24.37 -12.23
N LEU A 395 -18.44 -23.90 -11.31
CA LEU A 395 -18.96 -22.54 -11.46
C LEU A 395 -17.81 -21.53 -11.44
N ILE A 396 -16.95 -21.60 -10.43
CA ILE A 396 -15.85 -20.65 -10.37
C ILE A 396 -14.87 -20.87 -11.51
N ARG A 397 -14.67 -22.12 -11.92
CA ARG A 397 -13.78 -22.41 -13.06
C ARG A 397 -14.28 -21.70 -14.31
N TYR A 398 -15.51 -21.99 -14.70
CA TYR A 398 -16.04 -21.44 -15.94
C TYR A 398 -16.20 -19.94 -15.86
N ILE A 399 -16.43 -19.39 -14.66
CA ILE A 399 -16.53 -17.95 -14.56
C ILE A 399 -15.16 -17.31 -14.76
N HIS A 400 -14.13 -17.80 -14.06
CA HIS A 400 -12.80 -17.26 -14.28
C HIS A 400 -12.40 -17.38 -15.75
N GLN A 401 -12.68 -18.53 -16.35
CA GLN A 401 -12.38 -18.72 -17.77
C GLN A 401 -13.08 -17.66 -18.60
N TRP A 402 -14.40 -17.61 -18.57
CA TRP A 402 -15.12 -16.70 -19.44
C TRP A 402 -15.18 -15.27 -18.91
N GLU A 403 -14.35 -14.93 -17.92
CA GLU A 403 -14.10 -13.55 -17.57
C GLU A 403 -12.70 -13.07 -17.92
N GLU A 404 -11.68 -13.94 -17.86
CA GLU A 404 -10.36 -13.50 -18.28
C GLU A 404 -10.15 -13.76 -19.77
N ILE A 405 -10.58 -14.92 -20.25
CA ILE A 405 -10.74 -15.13 -21.69
C ILE A 405 -11.59 -14.01 -22.28
N PHE A 406 -12.64 -13.61 -21.58
CA PHE A 406 -13.39 -12.44 -21.98
C PHE A 406 -12.51 -11.20 -21.89
N HIS A 407 -12.51 -10.40 -22.95
CA HIS A 407 -11.59 -9.27 -23.02
C HIS A 407 -12.20 -8.00 -22.44
N MET A 408 -13.41 -7.63 -22.88
CA MET A 408 -14.08 -6.45 -22.34
C MET A 408 -14.20 -6.51 -20.82
N THR A 409 -14.11 -7.69 -20.23
CA THR A 409 -14.01 -7.82 -18.78
C THR A 409 -12.57 -7.79 -18.28
N TYR A 410 -11.64 -8.35 -19.06
CA TYR A 410 -10.23 -8.32 -18.68
C TYR A 410 -9.67 -6.91 -18.62
N ASP A 411 -10.39 -5.92 -19.14
CA ASP A 411 -9.94 -4.53 -19.13
C ASP A 411 -10.31 -3.85 -17.81
N LEU A 412 -9.47 -2.91 -17.39
CA LEU A 412 -9.72 -2.09 -16.21
C LEU A 412 -9.73 -2.94 -14.94
N ALA A 413 -9.50 -4.25 -15.09
CA ALA A 413 -9.74 -5.27 -14.08
C ALA A 413 -11.24 -5.39 -13.82
N SER A 414 -12.03 -4.53 -14.47
CA SER A 414 -13.48 -4.52 -14.35
C SER A 414 -13.91 -4.61 -12.89
N ALA A 415 -13.55 -3.55 -12.14
CA ALA A 415 -13.87 -3.50 -10.72
C ALA A 415 -15.34 -3.79 -10.45
N VAL A 416 -16.22 -3.33 -11.35
CA VAL A 416 -17.64 -3.63 -11.21
C VAL A 416 -17.88 -5.14 -11.22
N VAL A 417 -17.35 -5.81 -12.23
CA VAL A 417 -17.54 -7.25 -12.35
C VAL A 417 -16.93 -7.97 -11.16
N ARG A 418 -15.74 -7.57 -10.74
CA ARG A 418 -15.06 -8.28 -9.67
C ARG A 418 -15.79 -8.09 -8.33
N ILE A 419 -16.29 -6.88 -8.07
CA ILE A 419 -17.00 -6.68 -6.83
C ILE A 419 -18.35 -7.38 -6.87
N VAL A 420 -18.94 -7.54 -8.05
CA VAL A 420 -20.19 -8.29 -8.10
C VAL A 420 -19.92 -9.77 -7.91
N ASN A 421 -18.81 -10.27 -8.45
CA ASN A 421 -18.33 -11.60 -8.12
C ASN A 421 -18.27 -11.79 -6.61
N LEU A 422 -17.63 -10.84 -5.92
CA LEU A 422 -17.44 -10.98 -4.47
C LEU A 422 -18.76 -10.92 -3.72
N ILE A 423 -19.65 -10.01 -4.11
CA ILE A 423 -20.96 -9.94 -3.46
C ILE A 423 -21.72 -11.24 -3.68
N GLY A 424 -21.61 -11.82 -4.87
CA GLY A 424 -22.28 -13.09 -5.11
C GLY A 424 -21.71 -14.20 -4.27
N MET A 425 -20.40 -14.22 -4.10
CA MET A 425 -19.78 -15.28 -3.31
C MET A 425 -20.15 -15.16 -1.83
N MET A 426 -20.17 -13.94 -1.29
CA MET A 426 -20.61 -13.77 0.09
C MET A 426 -22.08 -14.14 0.25
N LEU A 427 -22.91 -13.78 -0.71
CA LEU A 427 -24.33 -14.12 -0.60
C LEU A 427 -24.54 -15.61 -0.67
N LEU A 428 -23.75 -16.32 -1.47
CA LEU A 428 -23.90 -17.76 -1.54
C LEU A 428 -23.43 -18.43 -0.26
N LEU A 429 -22.27 -18.00 0.26
CA LEU A 429 -21.82 -18.54 1.54
C LEU A 429 -22.88 -18.31 2.62
N CYS A 430 -23.46 -17.12 2.66
CA CYS A 430 -24.45 -16.81 3.69
C CYS A 430 -25.72 -17.62 3.51
N HIS A 431 -26.10 -17.92 2.28
CA HIS A 431 -27.32 -18.69 2.03
C HIS A 431 -27.12 -20.17 2.35
N TRP A 432 -25.95 -20.72 2.00
CA TRP A 432 -25.64 -22.09 2.41
C TRP A 432 -25.54 -22.20 3.92
N ASP A 433 -24.98 -21.16 4.55
CA ASP A 433 -24.90 -21.13 6.00
C ASP A 433 -26.27 -21.11 6.64
N GLY A 434 -27.21 -20.34 6.08
CA GLY A 434 -28.57 -20.38 6.59
C GLY A 434 -29.20 -21.75 6.47
N CYS A 435 -29.09 -22.35 5.29
CA CYS A 435 -29.63 -23.70 5.14
C CYS A 435 -28.97 -24.69 6.08
N LEU A 436 -27.70 -24.48 6.40
CA LEU A 436 -27.02 -25.37 7.35
C LEU A 436 -27.54 -25.18 8.76
N GLN A 437 -27.62 -23.93 9.21
CA GLN A 437 -28.22 -23.61 10.50
C GLN A 437 -29.59 -24.24 10.64
N PHE A 438 -30.30 -24.45 9.55
CA PHE A 438 -31.57 -25.15 9.69
C PHE A 438 -31.47 -26.65 9.49
N LEU A 439 -30.48 -27.13 8.74
CA LEU A 439 -30.37 -28.57 8.53
C LEU A 439 -29.98 -29.28 9.80
N VAL A 440 -28.98 -28.76 10.50
CA VAL A 440 -28.40 -29.46 11.65
C VAL A 440 -29.39 -29.60 12.81
N PRO A 441 -30.18 -28.58 13.18
CA PRO A 441 -31.24 -28.83 14.16
C PRO A 441 -32.27 -29.84 13.69
N MET A 442 -32.61 -29.82 12.41
CA MET A 442 -33.67 -30.69 11.91
C MET A 442 -33.27 -32.15 11.97
N LEU A 443 -32.03 -32.46 11.57
CA LEU A 443 -31.57 -33.84 11.58
C LEU A 443 -31.74 -34.50 12.94
N GLN A 444 -31.52 -33.74 14.01
CA GLN A 444 -31.76 -34.23 15.35
C GLN A 444 -33.21 -34.06 15.77
N ASP A 445 -34.10 -33.79 14.82
CA ASP A 445 -35.54 -33.81 15.06
C ASP A 445 -35.94 -32.77 16.09
N PHE A 446 -35.34 -31.58 15.98
CA PHE A 446 -35.73 -30.41 16.75
C PHE A 446 -35.69 -30.67 18.25
N PRO A 447 -34.50 -30.80 18.84
CA PRO A 447 -34.41 -30.93 20.28
C PRO A 447 -34.95 -29.69 20.97
N ASP A 448 -35.29 -29.84 22.25
CA ASP A 448 -35.98 -28.75 22.93
C ASP A 448 -35.12 -27.52 23.13
N ASP A 449 -33.91 -27.48 22.61
CA ASP A 449 -33.02 -26.34 22.80
C ASP A 449 -32.37 -25.88 21.50
N CYS A 450 -32.98 -26.18 20.36
CA CYS A 450 -32.53 -25.60 19.10
C CYS A 450 -33.39 -24.39 18.79
N TRP A 451 -32.76 -23.38 18.19
CA TRP A 451 -33.46 -22.12 17.99
C TRP A 451 -34.79 -22.33 17.29
N VAL A 452 -34.84 -23.26 16.34
CA VAL A 452 -36.10 -23.62 15.69
C VAL A 452 -37.15 -24.03 16.70
N SER A 453 -36.77 -24.42 17.91
CA SER A 453 -37.74 -24.87 18.89
C SER A 453 -37.87 -23.94 20.09
N LEU A 454 -37.05 -22.89 20.15
CA LEU A 454 -37.25 -21.78 21.07
C LEU A 454 -37.88 -20.58 20.39
N ASN A 455 -37.46 -20.27 19.16
CA ASN A 455 -38.17 -19.30 18.34
C ASN A 455 -39.50 -19.85 17.85
N ASN A 456 -39.86 -21.06 18.24
CA ASN A 456 -41.17 -21.63 17.96
C ASN A 456 -41.46 -21.68 16.45
N MET A 457 -40.45 -22.03 15.68
CA MET A 457 -40.54 -22.11 14.22
C MET A 457 -40.54 -23.54 13.71
N VAL A 458 -41.15 -24.46 14.47
CA VAL A 458 -41.27 -25.83 13.98
C VAL A 458 -42.41 -25.92 12.97
N ASN A 459 -43.56 -25.38 13.32
CA ASN A 459 -44.75 -25.45 12.49
C ASN A 459 -44.86 -24.32 11.48
N ASN A 460 -43.84 -23.50 11.34
CA ASN A 460 -43.91 -22.36 10.44
C ASN A 460 -43.89 -22.82 8.98
N SER A 461 -43.87 -21.84 8.09
CA SER A 461 -43.81 -22.12 6.67
C SER A 461 -42.40 -21.96 6.16
N TRP A 462 -42.09 -22.68 5.07
CA TRP A 462 -40.70 -22.73 4.63
C TRP A 462 -40.17 -21.35 4.26
N GLY A 463 -41.05 -20.40 3.97
CA GLY A 463 -40.59 -19.05 3.73
C GLY A 463 -40.06 -18.39 4.99
N LYS A 464 -40.82 -18.49 6.08
CA LYS A 464 -40.38 -17.89 7.32
C LYS A 464 -39.16 -18.59 7.88
N GLN A 465 -39.15 -19.93 7.85
CA GLN A 465 -37.99 -20.67 8.31
C GLN A 465 -36.74 -20.29 7.53
N TYR A 466 -36.83 -20.23 6.20
CA TYR A 466 -35.66 -19.86 5.42
C TYR A 466 -35.24 -18.44 5.71
N SER A 467 -36.19 -17.51 5.72
CA SER A 467 -35.82 -16.10 5.89
C SER A 467 -35.15 -15.88 7.23
N TYR A 468 -35.65 -16.51 8.29
CA TYR A 468 -35.05 -16.27 9.58
C TYR A 468 -33.73 -17.01 9.77
N ALA A 469 -33.59 -18.21 9.21
CA ALA A 469 -32.28 -18.88 9.29
C ALA A 469 -31.24 -18.12 8.49
N LEU A 470 -31.63 -17.53 7.36
CA LEU A 470 -30.70 -16.68 6.64
C LEU A 470 -30.39 -15.43 7.43
N PHE A 471 -31.37 -14.94 8.18
CA PHE A 471 -31.11 -13.85 9.12
C PHE A 471 -30.00 -14.21 10.07
N LYS A 472 -30.13 -15.35 10.76
CA LYS A 472 -29.10 -15.78 11.70
C LYS A 472 -27.74 -15.88 11.04
N ALA A 473 -27.66 -16.56 9.90
CA ALA A 473 -26.36 -16.71 9.26
C ALA A 473 -25.77 -15.37 8.87
N MET A 474 -26.60 -14.40 8.53
CA MET A 474 -26.07 -13.10 8.16
C MET A 474 -25.68 -12.28 9.39
N SER A 475 -26.38 -12.49 10.50
CA SER A 475 -25.94 -11.92 11.77
C SER A 475 -24.53 -12.38 12.08
N HIS A 476 -24.35 -13.69 12.18
CA HIS A 476 -23.03 -14.25 12.44
C HIS A 476 -21.98 -13.73 11.47
N MET A 477 -22.35 -13.55 10.20
CA MET A 477 -21.35 -13.11 9.23
C MET A 477 -20.85 -11.70 9.54
N LEU A 478 -21.76 -10.76 9.76
CA LEU A 478 -21.36 -9.37 9.98
C LEU A 478 -20.92 -9.10 11.41
N CYS A 479 -21.09 -10.08 12.30
CA CYS A 479 -20.77 -9.94 13.71
C CYS A 479 -21.64 -8.89 14.37
N ILE A 480 -22.94 -9.04 14.17
CA ILE A 480 -23.91 -8.12 14.73
C ILE A 480 -24.69 -8.73 15.88
N GLY A 481 -24.61 -10.04 16.07
CA GLY A 481 -25.41 -10.70 17.07
C GLY A 481 -25.54 -12.15 16.68
N TYR A 482 -26.32 -12.88 17.47
CA TYR A 482 -26.67 -14.24 17.11
C TYR A 482 -28.01 -14.30 16.40
N GLY A 483 -29.07 -13.91 17.07
CA GLY A 483 -30.40 -13.99 16.52
C GLY A 483 -31.33 -13.44 17.56
N ARG A 484 -32.45 -14.12 17.79
CA ARG A 484 -33.31 -13.73 18.88
C ARG A 484 -32.63 -13.87 20.24
N GLN A 485 -31.57 -14.67 20.32
CA GLN A 485 -30.95 -15.01 21.60
C GLN A 485 -29.60 -15.67 21.32
N ALA A 486 -29.02 -16.25 22.34
CA ALA A 486 -27.69 -16.86 22.30
C ALA A 486 -27.81 -18.37 22.46
N PRO A 487 -26.96 -19.14 21.77
CA PRO A 487 -27.11 -20.59 21.72
C PRO A 487 -27.24 -21.22 23.10
N MET A 488 -27.93 -22.35 23.16
CA MET A 488 -28.20 -22.98 24.45
C MET A 488 -27.87 -24.46 24.51
N GLY A 489 -27.85 -25.17 23.38
CA GLY A 489 -27.45 -26.57 23.36
C GLY A 489 -26.11 -26.70 22.68
N MET A 490 -25.52 -27.89 22.78
CA MET A 490 -24.15 -28.04 22.33
C MET A 490 -24.04 -27.97 20.81
N SER A 491 -25.04 -28.47 20.09
CA SER A 491 -25.03 -28.36 18.64
C SER A 491 -25.19 -26.91 18.21
N ASP A 492 -26.06 -26.17 18.89
CA ASP A 492 -26.20 -24.75 18.59
C ASP A 492 -24.91 -24.00 18.86
N VAL A 493 -24.29 -24.23 20.01
CA VAL A 493 -23.06 -23.51 20.35
C VAL A 493 -21.99 -23.81 19.31
N TRP A 494 -21.84 -25.07 18.90
CA TRP A 494 -20.75 -25.37 17.99
C TRP A 494 -21.03 -24.93 16.57
N LEU A 495 -22.30 -24.97 16.12
CA LEU A 495 -22.63 -24.37 14.83
C LEU A 495 -22.43 -22.87 14.85
N THR A 496 -22.95 -22.20 15.88
CA THR A 496 -22.77 -20.75 15.97
C THR A 496 -21.30 -20.39 15.98
N MET A 497 -20.47 -21.20 16.62
CA MET A 497 -19.04 -20.90 16.68
C MET A 497 -18.37 -21.10 15.32
N LEU A 498 -18.66 -22.23 14.67
CA LEU A 498 -18.14 -22.46 13.33
C LEU A 498 -18.58 -21.38 12.36
N SER A 499 -19.86 -20.98 12.42
CA SER A 499 -20.39 -19.99 11.51
C SER A 499 -19.84 -18.60 11.82
N MET A 500 -19.70 -18.27 13.11
CA MET A 500 -19.10 -16.99 13.46
C MET A 500 -17.70 -16.88 12.91
N ILE A 501 -16.86 -17.87 13.19
CA ILE A 501 -15.47 -17.75 12.80
C ILE A 501 -15.33 -17.75 11.27
N VAL A 502 -16.04 -18.66 10.59
CA VAL A 502 -15.93 -18.73 9.14
C VAL A 502 -16.53 -17.49 8.48
N GLY A 503 -17.74 -17.10 8.88
CA GLY A 503 -18.37 -15.94 8.28
C GLY A 503 -17.60 -14.67 8.52
N ALA A 504 -17.16 -14.43 9.75
CA ALA A 504 -16.48 -13.18 10.05
C ALA A 504 -15.13 -13.12 9.38
N THR A 505 -14.38 -14.22 9.36
CA THR A 505 -13.10 -14.23 8.67
C THR A 505 -13.30 -13.97 7.18
N CYS A 506 -14.27 -14.65 6.56
CA CYS A 506 -14.48 -14.50 5.13
C CYS A 506 -14.96 -13.09 4.78
N TYR A 507 -15.85 -12.54 5.59
CA TYR A 507 -16.36 -11.19 5.34
C TYR A 507 -15.25 -10.15 5.46
N ALA A 508 -14.46 -10.23 6.51
CA ALA A 508 -13.36 -9.28 6.66
C ALA A 508 -12.35 -9.43 5.53
N MET A 509 -12.12 -10.65 5.05
CA MET A 509 -11.19 -10.80 3.92
C MET A 509 -11.78 -10.21 2.65
N PHE A 510 -13.06 -10.45 2.39
CA PHE A 510 -13.71 -9.85 1.23
C PHE A 510 -13.65 -8.33 1.29
N ILE A 511 -13.78 -7.75 2.48
CA ILE A 511 -13.80 -6.31 2.53
C ILE A 511 -12.40 -5.71 2.43
N GLY A 512 -11.39 -6.36 3.00
CA GLY A 512 -10.03 -5.97 2.70
C GLY A 512 -9.76 -6.03 1.20
N HIS A 513 -10.27 -7.09 0.56
CA HIS A 513 -10.14 -7.24 -0.89
C HIS A 513 -10.74 -6.06 -1.63
N ALA A 514 -12.02 -5.79 -1.38
CA ALA A 514 -12.70 -4.72 -2.12
C ALA A 514 -12.12 -3.35 -1.79
N THR A 515 -11.70 -3.13 -0.55
CA THR A 515 -11.05 -1.88 -0.20
C THR A 515 -9.80 -1.66 -1.04
N ALA A 516 -8.91 -2.67 -1.08
CA ALA A 516 -7.70 -2.51 -1.89
C ALA A 516 -8.05 -2.36 -3.37
N LEU A 517 -9.09 -3.05 -3.84
CA LEU A 517 -9.45 -2.98 -5.24
C LEU A 517 -10.07 -1.64 -5.61
N ILE A 518 -10.63 -0.93 -4.65
CA ILE A 518 -11.12 0.42 -4.91
C ILE A 518 -10.01 1.45 -4.78
N GLN A 519 -9.17 1.33 -3.76
CA GLN A 519 -8.03 2.23 -3.64
C GLN A 519 -6.98 1.99 -4.71
N SER A 520 -7.13 0.98 -5.55
CA SER A 520 -6.29 0.85 -6.72
C SER A 520 -6.88 1.54 -7.93
N LEU A 521 -7.97 2.29 -7.76
CA LEU A 521 -8.56 3.01 -8.87
C LEU A 521 -8.03 4.42 -9.02
N ASP A 522 -7.49 5.01 -7.96
CA ASP A 522 -6.91 6.34 -8.00
C ASP A 522 -5.40 6.29 -7.86
N SER A 523 -4.78 5.28 -8.47
CA SER A 523 -3.34 5.11 -8.36
C SER A 523 -2.61 6.26 -9.03
N SER A 524 -2.97 6.59 -10.27
CA SER A 524 -2.24 7.62 -10.98
C SER A 524 -2.53 9.02 -10.46
N ARG A 525 -3.41 9.17 -9.48
CA ARG A 525 -3.55 10.44 -8.79
C ARG A 525 -2.85 10.45 -7.44
N ARG A 526 -2.90 9.32 -6.72
CA ARG A 526 -2.08 9.20 -5.52
C ARG A 526 -0.60 9.39 -5.84
N GLN A 527 -0.17 8.92 -7.00
CA GLN A 527 1.24 9.05 -7.33
C GLN A 527 1.63 10.48 -7.66
N TYR A 528 0.73 11.25 -8.28
CA TYR A 528 1.00 12.66 -8.45
C TYR A 528 1.05 13.38 -7.12
N GLN A 529 0.13 13.03 -6.20
CA GLN A 529 0.17 13.65 -4.90
C GLN A 529 1.49 13.39 -4.19
N GLU A 530 2.01 12.17 -4.30
CA GLU A 530 3.29 11.86 -3.69
C GLU A 530 4.44 12.65 -4.33
N LYS A 531 4.48 12.69 -5.66
CA LYS A 531 5.54 13.44 -6.31
C LYS A 531 5.48 14.92 -5.95
N TYR A 532 4.28 15.46 -5.78
CA TYR A 532 4.21 16.85 -5.40
C TYR A 532 4.62 17.06 -3.95
N LYS A 533 4.37 16.11 -3.05
CA LYS A 533 4.86 16.30 -1.68
C LYS A 533 6.38 16.31 -1.70
N GLN A 534 6.98 15.54 -2.60
CA GLN A 534 8.44 15.59 -2.66
C GLN A 534 8.91 16.94 -3.21
N VAL A 535 8.18 17.53 -4.14
CA VAL A 535 8.55 18.86 -4.59
C VAL A 535 8.40 19.87 -3.45
N GLU A 536 7.36 19.71 -2.64
CA GLU A 536 7.17 20.57 -1.49
C GLU A 536 8.37 20.52 -0.57
N GLN A 537 8.88 19.33 -0.28
CA GLN A 537 9.98 19.22 0.69
C GLN A 537 11.30 19.65 0.06
N TYR A 538 11.45 19.52 -1.25
CA TYR A 538 12.63 20.13 -1.86
C TYR A 538 12.57 21.65 -1.71
N MET A 539 11.41 22.24 -1.99
CA MET A 539 11.28 23.68 -1.88
C MET A 539 11.59 24.15 -0.47
N SER A 540 11.00 23.48 0.53
CA SER A 540 11.30 23.82 1.91
C SER A 540 12.79 23.71 2.21
N PHE A 541 13.40 22.57 1.91
CA PHE A 541 14.81 22.32 2.22
C PHE A 541 15.73 23.39 1.66
N HIS A 542 15.27 24.18 0.69
CA HIS A 542 16.05 25.31 0.20
C HIS A 542 15.40 26.66 0.51
N LYS A 543 14.25 26.59 1.17
CA LYS A 543 13.64 27.79 1.77
C LYS A 543 13.35 28.80 0.67
N LEU A 544 12.49 28.44 -0.29
CA LEU A 544 12.32 29.31 -1.43
C LEU A 544 11.29 30.39 -1.13
N PRO A 545 11.47 31.56 -1.73
CA PRO A 545 10.50 32.65 -1.56
C PRO A 545 9.11 32.22 -1.96
N PRO A 546 8.10 32.62 -1.23
CA PRO A 546 6.73 32.16 -1.51
C PRO A 546 6.12 32.78 -2.76
N ASP A 547 6.95 33.42 -3.58
CA ASP A 547 6.58 33.73 -4.95
C ASP A 547 6.96 32.60 -5.90
N THR A 548 8.23 32.18 -5.83
CA THR A 548 8.65 31.01 -6.60
C THR A 548 7.90 29.77 -6.14
N ARG A 549 7.64 29.66 -4.83
CA ARG A 549 6.87 28.52 -4.35
C ARG A 549 5.48 28.47 -4.95
N GLN A 550 4.96 29.59 -5.43
CA GLN A 550 3.64 29.58 -6.06
C GLN A 550 3.75 29.36 -7.56
N ARG A 551 4.80 29.92 -8.18
CA ARG A 551 5.01 29.68 -9.62
C ARG A 551 5.19 28.18 -9.84
N ILE A 552 5.96 27.53 -8.99
CA ILE A 552 6.22 26.10 -9.16
C ILE A 552 4.93 25.31 -9.05
N HIS A 553 4.11 25.63 -8.06
CA HIS A 553 2.85 24.93 -7.89
C HIS A 553 1.95 25.12 -9.11
N ASP A 554 1.89 26.34 -9.63
CA ASP A 554 1.11 26.57 -10.84
C ASP A 554 1.60 25.70 -11.98
N TYR A 555 2.92 25.69 -12.20
CA TYR A 555 3.48 24.92 -13.31
C TYR A 555 3.16 23.44 -13.16
N TYR A 556 3.35 22.90 -11.96
CA TYR A 556 3.05 21.49 -11.77
C TYR A 556 1.59 21.19 -12.06
N GLU A 557 0.68 21.84 -11.33
CA GLU A 557 -0.74 21.59 -11.57
C GLU A 557 -1.12 21.77 -13.04
N HIS A 558 -0.42 22.62 -13.78
CA HIS A 558 -0.72 22.85 -15.19
C HIS A 558 0.15 22.04 -16.13
N ARG A 559 0.91 21.08 -15.63
CA ARG A 559 1.61 20.15 -16.50
C ARG A 559 1.20 18.70 -16.27
N TYR A 560 1.02 18.30 -15.03
CA TYR A 560 0.67 16.93 -14.71
C TYR A 560 -0.78 16.77 -14.29
N GLN A 561 -1.54 17.87 -14.24
CA GLN A 561 -3.00 17.86 -14.19
C GLN A 561 -3.53 16.84 -13.19
N GLY A 562 -2.79 16.62 -12.10
CA GLY A 562 -3.20 15.61 -11.16
C GLY A 562 -3.13 14.19 -11.69
N LYS A 563 -2.20 13.92 -12.61
CA LYS A 563 -2.06 12.57 -13.15
C LYS A 563 -0.68 12.44 -13.78
N MET A 564 0.11 11.48 -13.31
CA MET A 564 1.48 11.34 -13.73
C MET A 564 1.61 10.42 -14.93
N PHE A 565 2.52 10.77 -15.83
CA PHE A 565 2.92 9.89 -16.92
C PHE A 565 4.34 10.25 -17.31
N ASP A 566 4.90 9.48 -18.23
CA ASP A 566 6.32 9.61 -18.59
C ASP A 566 6.48 9.42 -20.10
N GLU A 567 6.57 10.54 -20.82
CA GLU A 567 6.70 10.48 -22.27
C GLU A 567 8.00 9.86 -22.73
N GLU A 568 8.86 9.43 -21.81
CA GLU A 568 10.10 8.78 -22.19
C GLU A 568 10.02 7.26 -22.05
N SER A 569 9.52 6.77 -20.91
CA SER A 569 9.25 5.35 -20.80
C SER A 569 8.15 4.92 -21.76
N ILE A 570 7.03 5.65 -21.78
CA ILE A 570 5.86 5.27 -22.56
C ILE A 570 6.16 5.38 -24.05
N LEU A 571 7.35 5.86 -24.39
CA LEU A 571 7.82 5.78 -25.76
C LEU A 571 8.99 4.82 -25.92
N GLY A 572 9.63 4.41 -24.82
CA GLY A 572 10.64 3.37 -24.89
C GLY A 572 10.02 1.99 -24.75
N GLU A 573 8.74 1.94 -24.42
CA GLU A 573 8.05 0.66 -24.32
C GLU A 573 7.35 0.31 -25.62
N LEU A 574 6.92 1.31 -26.38
CA LEU A 574 6.20 1.05 -27.62
C LEU A 574 7.16 0.57 -28.70
N SER A 575 6.62 -0.13 -29.68
CA SER A 575 7.43 -0.57 -30.81
C SER A 575 7.76 0.62 -31.70
N GLU A 576 8.48 0.37 -32.77
CA GLU A 576 8.85 1.46 -33.65
C GLU A 576 7.67 1.95 -34.48
N PRO A 577 6.81 1.09 -35.01
CA PRO A 577 5.60 1.61 -35.68
C PRO A 577 4.76 2.50 -34.81
N LEU A 578 4.53 2.13 -33.54
CA LEU A 578 3.71 2.97 -32.68
C LEU A 578 4.45 4.24 -32.27
N ARG A 579 5.76 4.14 -31.99
CA ARG A 579 6.55 5.34 -31.78
C ARG A 579 6.34 6.32 -32.93
N GLU A 580 6.41 5.82 -34.16
CA GLU A 580 6.29 6.71 -35.30
C GLU A 580 4.87 7.20 -35.50
N GLU A 581 3.86 6.41 -35.14
CA GLU A 581 2.47 6.89 -35.27
C GLU A 581 2.21 8.04 -34.31
N ILE A 582 2.61 7.90 -33.05
CA ILE A 582 2.41 8.99 -32.10
C ILE A 582 3.26 10.19 -32.47
N ILE A 583 4.54 10.00 -32.76
CA ILE A 583 5.40 11.13 -33.12
C ILE A 583 4.84 11.86 -34.34
N ASN A 584 4.39 11.12 -35.35
CA ASN A 584 3.85 11.75 -36.55
C ASN A 584 2.57 12.51 -36.23
N PHE A 585 1.62 11.87 -35.57
CA PHE A 585 0.37 12.55 -35.25
C PHE A 585 0.61 13.80 -34.43
N ASN A 586 1.66 13.80 -33.61
CA ASN A 586 1.94 14.99 -32.79
C ASN A 586 2.54 16.10 -33.65
N CYS A 587 3.62 15.81 -34.37
CA CYS A 587 4.45 16.87 -34.93
C CYS A 587 4.28 17.07 -36.43
N ARG A 588 3.26 16.44 -37.03
CA ARG A 588 3.17 16.49 -38.51
C ARG A 588 2.89 17.92 -38.96
N LYS A 589 1.71 18.42 -38.61
CA LYS A 589 1.30 19.73 -39.11
C LYS A 589 2.27 20.81 -38.65
N LEU A 590 2.95 20.59 -37.53
CA LEU A 590 3.91 21.58 -37.04
C LEU A 590 5.15 21.63 -37.91
N VAL A 591 5.80 20.48 -38.14
CA VAL A 591 7.05 20.49 -38.89
C VAL A 591 6.79 20.70 -40.37
N ALA A 592 5.61 20.33 -40.86
CA ALA A 592 5.29 20.52 -42.27
C ALA A 592 5.09 21.99 -42.62
N SER A 593 4.81 22.84 -41.63
CA SER A 593 4.58 24.25 -41.92
C SER A 593 5.85 24.94 -42.40
N MET A 594 7.00 24.55 -41.87
CA MET A 594 8.25 25.16 -42.29
C MET A 594 8.57 24.77 -43.73
N PRO A 595 9.11 25.68 -44.54
CA PRO A 595 9.44 25.34 -45.92
C PRO A 595 10.72 24.53 -46.06
N LEU A 596 11.70 24.79 -45.19
CA LEU A 596 13.00 24.14 -45.31
C LEU A 596 12.94 22.65 -45.00
N PHE A 597 11.89 22.19 -44.33
CA PHE A 597 11.70 20.77 -44.03
C PHE A 597 10.65 20.10 -44.91
N ALA A 598 9.52 20.77 -45.16
CA ALA A 598 8.45 20.17 -45.94
C ALA A 598 8.91 19.79 -47.34
N ASN A 599 9.94 20.47 -47.86
CA ASN A 599 10.47 20.13 -49.18
C ASN A 599 11.35 18.90 -49.16
N ALA A 600 11.86 18.50 -47.99
CA ALA A 600 12.68 17.31 -47.90
C ALA A 600 11.82 16.05 -47.96
N ASP A 601 12.47 14.90 -47.80
CA ASP A 601 11.69 13.69 -47.95
C ASP A 601 11.39 13.06 -46.59
N PRO A 602 10.32 12.26 -46.53
CA PRO A 602 9.94 11.61 -45.26
C PRO A 602 11.10 10.96 -44.52
N ASN A 603 12.09 10.41 -45.21
CA ASN A 603 13.25 9.85 -44.53
C ASN A 603 13.87 10.88 -43.58
N PHE A 604 14.29 12.03 -44.12
CA PHE A 604 14.90 13.06 -43.28
C PHE A 604 13.89 13.65 -42.31
N VAL A 605 12.67 13.92 -42.77
CA VAL A 605 11.66 14.51 -41.88
C VAL A 605 11.48 13.65 -40.63
N THR A 606 11.03 12.41 -40.82
CA THR A 606 10.68 11.55 -39.70
C THR A 606 11.90 10.89 -39.06
N SER A 607 13.10 11.13 -39.58
CA SER A 607 14.30 10.83 -38.81
C SER A 607 14.74 12.01 -37.97
N MET A 608 14.26 13.22 -38.30
CA MET A 608 14.50 14.39 -37.47
C MET A 608 13.50 14.51 -36.34
N LEU A 609 12.21 14.31 -36.64
CA LEU A 609 11.12 14.52 -35.68
C LEU A 609 11.32 13.78 -34.37
N THR A 610 12.25 12.84 -34.34
CA THR A 610 12.53 12.11 -33.11
C THR A 610 13.48 12.87 -32.18
N LYS A 611 13.83 14.10 -32.54
CA LYS A 611 14.62 14.98 -31.68
C LYS A 611 13.79 16.09 -31.06
N LEU A 612 12.52 16.22 -31.42
CA LEU A 612 11.64 17.21 -30.82
C LEU A 612 11.49 16.94 -29.33
N ARG A 613 11.20 18.00 -28.58
CA ARG A 613 11.02 17.92 -27.14
C ARG A 613 9.76 18.68 -26.75
N PHE A 614 9.10 18.19 -25.69
CA PHE A 614 7.91 18.84 -25.18
C PHE A 614 8.28 19.80 -24.05
N GLU A 615 7.51 20.88 -23.93
CA GLU A 615 7.85 22.00 -23.07
C GLU A 615 6.60 22.83 -22.82
N VAL A 616 6.34 23.18 -21.57
CA VAL A 616 5.12 23.87 -21.17
C VAL A 616 5.52 25.12 -20.42
N PHE A 617 5.63 26.24 -21.13
CA PHE A 617 6.05 27.47 -20.47
C PHE A 617 4.89 28.06 -19.69
N GLN A 618 5.10 29.25 -19.15
CA GLN A 618 4.19 29.86 -18.20
C GLN A 618 4.06 31.35 -18.50
N PRO A 619 2.84 31.90 -18.42
CA PRO A 619 2.65 33.30 -18.83
C PRO A 619 3.60 34.25 -18.12
N GLY A 620 4.52 34.83 -18.87
CA GLY A 620 5.51 35.75 -18.35
C GLY A 620 6.95 35.33 -18.57
N ASP A 621 7.20 34.07 -18.95
CA ASP A 621 8.58 33.66 -19.15
C ASP A 621 9.17 34.30 -20.40
N TYR A 622 10.49 34.35 -20.45
CA TYR A 622 11.20 34.82 -21.63
C TYR A 622 11.71 33.59 -22.39
N ILE A 623 10.78 32.95 -23.11
CA ILE A 623 11.10 31.77 -23.91
C ILE A 623 12.35 32.00 -24.73
N ILE A 624 12.54 33.22 -25.23
CA ILE A 624 13.81 33.66 -25.77
C ILE A 624 14.30 34.84 -24.95
N ARG A 625 15.61 34.96 -24.80
CA ARG A 625 16.21 36.11 -24.13
C ARG A 625 16.78 37.04 -25.20
N GLU A 626 16.55 38.34 -25.00
CA GLU A 626 16.92 39.32 -26.03
C GLU A 626 18.42 39.31 -26.26
N GLY A 627 18.82 39.33 -27.53
CA GLY A 627 20.22 39.33 -27.92
C GLY A 627 21.05 38.27 -27.23
N THR A 628 20.62 37.01 -27.34
CA THR A 628 21.24 35.93 -26.59
C THR A 628 21.42 34.74 -27.52
N ILE A 629 22.26 33.79 -27.08
CA ILE A 629 22.51 32.58 -27.85
C ILE A 629 21.25 31.73 -27.87
N GLY A 630 20.81 31.35 -29.06
CA GLY A 630 19.54 30.67 -29.27
C GLY A 630 19.69 29.22 -29.65
N LYS A 631 20.56 28.49 -28.94
CA LYS A 631 20.98 27.16 -29.34
C LYS A 631 19.84 26.26 -29.80
N LYS A 632 18.62 26.48 -29.33
CA LYS A 632 17.49 25.67 -29.79
C LYS A 632 16.48 26.55 -30.48
N MET A 633 15.78 25.99 -31.46
CA MET A 633 14.66 26.66 -32.11
C MET A 633 13.37 25.97 -31.72
N TYR A 634 12.31 26.75 -31.58
CA TYR A 634 11.06 26.27 -31.04
C TYR A 634 10.00 26.14 -32.12
N PHE A 635 9.12 25.16 -31.94
CA PHE A 635 7.92 25.01 -32.74
C PHE A 635 6.73 25.09 -31.81
N ILE A 636 5.89 26.08 -31.98
CA ILE A 636 4.77 26.24 -31.07
C ILE A 636 3.71 25.20 -31.45
N GLN A 637 2.92 24.82 -30.45
CA GLN A 637 1.89 23.80 -30.60
C GLN A 637 0.56 24.20 -29.98
N HIS A 638 0.52 25.25 -29.19
CA HIS A 638 -0.68 25.66 -28.48
C HIS A 638 -0.40 27.03 -27.86
N GLY A 639 -1.39 27.58 -27.18
CA GLY A 639 -1.25 28.86 -26.56
C GLY A 639 -0.98 29.95 -27.58
N VAL A 640 -0.39 31.05 -27.10
CA VAL A 640 -0.01 32.15 -27.98
C VAL A 640 1.18 32.90 -27.39
N VAL A 641 2.19 33.13 -28.20
CA VAL A 641 3.35 33.90 -27.77
C VAL A 641 3.29 35.27 -28.42
N SER A 642 4.16 36.17 -27.96
CA SER A 642 4.31 37.49 -28.57
C SER A 642 5.78 37.81 -28.68
N VAL A 643 6.32 37.73 -29.90
CA VAL A 643 7.70 38.13 -30.13
C VAL A 643 7.80 39.63 -29.85
N LEU A 644 8.95 40.04 -29.32
CA LEU A 644 9.18 41.45 -29.01
C LEU A 644 10.51 41.89 -29.58
N THR A 645 10.56 43.17 -29.96
CA THR A 645 11.78 43.82 -30.41
C THR A 645 11.84 45.22 -29.84
N LYS A 646 13.05 45.76 -29.72
CA LYS A 646 13.19 47.16 -29.32
C LYS A 646 12.61 48.09 -30.38
N GLY A 647 12.82 47.77 -31.66
CA GLY A 647 12.28 48.58 -32.74
C GLY A 647 10.87 48.20 -33.14
N ASN A 648 10.66 46.92 -33.48
CA ASN A 648 9.32 46.45 -33.81
C ASN A 648 8.40 46.62 -32.60
N LYS A 649 7.13 46.89 -32.87
CA LYS A 649 6.19 47.17 -31.79
C LYS A 649 5.65 45.88 -31.16
N GLU A 650 4.89 45.10 -31.93
CA GLU A 650 4.31 43.86 -31.44
C GLU A 650 4.17 42.88 -32.59
N THR A 651 3.94 41.62 -32.23
CA THR A 651 3.64 40.54 -33.17
C THR A 651 3.28 39.30 -32.35
N LYS A 652 2.48 38.42 -32.95
CA LYS A 652 1.99 37.24 -32.26
C LYS A 652 2.12 36.01 -33.16
N LEU A 653 2.07 34.84 -32.51
CA LEU A 653 2.00 33.56 -33.18
C LEU A 653 1.23 32.62 -32.26
N ALA A 654 0.54 31.64 -32.85
CA ALA A 654 -0.27 30.74 -32.04
C ALA A 654 -0.66 29.50 -32.82
N ASP A 655 -1.01 28.45 -32.07
CA ASP A 655 -1.71 27.26 -32.54
C ASP A 655 -1.19 26.74 -33.88
N GLY A 656 0.10 26.44 -33.92
CA GLY A 656 0.70 25.81 -35.07
C GLY A 656 1.67 26.64 -35.85
N SER A 657 2.14 27.76 -35.32
CA SER A 657 3.10 28.61 -36.00
C SER A 657 4.51 28.07 -35.73
N TYR A 658 5.53 28.87 -36.06
CA TYR A 658 6.90 28.46 -35.79
C TYR A 658 7.79 29.70 -35.81
N PHE A 659 8.74 29.77 -34.86
CA PHE A 659 9.65 30.90 -34.80
C PHE A 659 11.05 30.40 -34.44
N GLY A 660 12.00 31.32 -34.46
CA GLY A 660 13.38 30.99 -34.19
C GLY A 660 14.14 30.44 -35.37
N GLU A 661 13.89 30.92 -36.58
CA GLU A 661 14.53 30.36 -37.77
C GLU A 661 15.93 30.89 -37.99
N ILE A 662 16.26 32.06 -37.44
CA ILE A 662 17.54 32.69 -37.69
C ILE A 662 18.71 31.91 -37.09
N CYS A 663 18.44 30.86 -36.32
CA CYS A 663 19.50 30.17 -35.57
C CYS A 663 19.99 28.90 -36.24
N LEU A 664 19.14 28.23 -37.01
CA LEU A 664 19.48 26.89 -37.50
C LEU A 664 20.65 26.95 -38.49
N LEU A 665 20.50 27.75 -39.55
CA LEU A 665 21.53 27.77 -40.58
C LEU A 665 22.84 28.36 -40.05
N THR A 666 22.75 29.45 -39.27
CA THR A 666 23.95 30.09 -38.75
C THR A 666 23.73 30.44 -37.28
N ARG A 667 24.81 30.36 -36.51
CA ARG A 667 24.75 30.66 -35.09
C ARG A 667 25.14 32.11 -34.84
N GLY A 668 24.41 32.75 -33.95
CA GLY A 668 24.70 34.13 -33.60
C GLY A 668 23.90 34.54 -32.38
N ARG A 669 23.38 35.77 -32.43
CA ARG A 669 22.57 36.31 -31.35
C ARG A 669 21.15 36.56 -31.85
N ARG A 670 20.18 36.20 -31.02
CA ARG A 670 18.78 36.35 -31.40
C ARG A 670 18.41 37.81 -31.54
N THR A 671 17.69 38.14 -32.60
CA THR A 671 17.28 39.52 -32.88
C THR A 671 16.00 39.91 -32.16
N ALA A 672 15.52 39.10 -31.21
CA ALA A 672 14.25 39.37 -30.58
C ALA A 672 14.21 38.66 -29.22
N SER A 673 13.04 38.70 -28.60
CA SER A 673 12.79 38.02 -27.33
C SER A 673 11.28 37.88 -27.18
N VAL A 674 10.82 36.65 -27.02
CA VAL A 674 9.39 36.36 -27.01
C VAL A 674 8.95 36.12 -25.58
N ARG A 675 7.65 36.19 -25.36
CA ARG A 675 7.08 35.97 -24.03
C ARG A 675 5.87 35.07 -24.13
N ALA A 676 5.78 34.12 -23.21
CA ALA A 676 4.57 33.33 -23.07
C ALA A 676 3.44 34.23 -22.59
N ASP A 677 2.47 34.49 -23.45
CA ASP A 677 1.30 35.26 -23.04
C ASP A 677 0.23 34.40 -22.43
N THR A 678 0.25 33.10 -22.70
CA THR A 678 -0.57 32.14 -21.95
C THR A 678 0.25 30.87 -21.75
N TYR A 679 -0.40 29.81 -21.31
CA TYR A 679 0.35 28.59 -21.03
C TYR A 679 0.78 27.91 -22.30
N CYS A 680 1.82 28.43 -22.96
CA CYS A 680 2.27 27.89 -24.23
C CYS A 680 2.68 26.43 -24.07
N ARG A 681 2.80 25.75 -25.20
CA ARG A 681 3.07 24.32 -25.21
C ARG A 681 4.06 23.98 -26.32
N LEU A 682 5.12 24.77 -26.43
CA LEU A 682 6.03 24.70 -27.56
C LEU A 682 6.63 23.31 -27.71
N TYR A 683 7.29 23.09 -28.84
CA TYR A 683 8.02 21.87 -29.12
C TYR A 683 9.46 22.23 -29.44
N SER A 684 10.38 21.85 -28.58
CA SER A 684 11.77 22.25 -28.72
C SER A 684 12.43 21.53 -29.89
N LEU A 685 13.50 22.13 -30.40
CA LEU A 685 14.26 21.54 -31.50
C LEU A 685 15.69 22.08 -31.42
N SER A 686 16.59 21.26 -30.86
CA SER A 686 17.95 21.72 -30.63
C SER A 686 18.74 21.75 -31.94
N VAL A 687 20.02 22.10 -31.85
CA VAL A 687 20.89 22.10 -33.01
C VAL A 687 21.92 20.98 -32.99
N ASP A 688 22.32 20.50 -31.81
CA ASP A 688 23.22 19.35 -31.77
C ASP A 688 22.52 18.09 -32.29
N ASN A 689 21.29 17.84 -31.83
CA ASN A 689 20.49 16.78 -32.41
C ASN A 689 20.28 17.05 -33.90
N PHE A 690 20.09 18.31 -34.26
CA PHE A 690 19.87 18.68 -35.66
C PHE A 690 21.03 18.25 -36.53
N ASN A 691 22.25 18.66 -36.18
CA ASN A 691 23.37 18.35 -37.05
C ASN A 691 23.83 16.90 -36.89
N GLU A 692 23.44 16.22 -35.82
CA GLU A 692 23.66 14.78 -35.76
C GLU A 692 22.77 14.05 -36.78
N VAL A 693 21.49 14.41 -36.82
CA VAL A 693 20.64 13.89 -37.89
C VAL A 693 21.14 14.35 -39.25
N LEU A 694 21.72 15.55 -39.31
CA LEU A 694 22.15 16.14 -40.56
C LEU A 694 23.32 15.36 -41.16
N GLU A 695 24.35 15.11 -40.37
CA GLU A 695 25.51 14.37 -40.86
C GLU A 695 25.14 12.95 -41.30
N GLU A 696 23.97 12.46 -40.90
CA GLU A 696 23.46 11.22 -41.46
C GLU A 696 22.85 11.44 -42.84
N TYR A 697 22.41 12.66 -43.14
CA TYR A 697 21.82 13.00 -44.43
C TYR A 697 22.66 14.02 -45.18
N PRO A 698 23.73 13.60 -45.85
CA PRO A 698 24.52 14.57 -46.63
C PRO A 698 23.72 15.22 -47.75
N MET A 699 22.75 14.48 -48.30
CA MET A 699 21.90 15.01 -49.37
C MET A 699 21.37 16.40 -49.02
N MET A 700 20.76 16.53 -47.85
CA MET A 700 20.27 17.83 -47.41
C MET A 700 21.30 18.59 -46.59
N ARG A 701 22.41 17.95 -46.21
CA ARG A 701 23.50 18.69 -45.57
C ARG A 701 24.13 19.68 -46.53
N ARG A 702 24.19 19.32 -47.82
CA ARG A 702 24.79 20.25 -48.79
C ARG A 702 23.87 21.42 -49.10
N ALA A 703 22.56 21.17 -49.24
CA ALA A 703 21.67 22.19 -49.78
C ALA A 703 21.23 23.24 -48.76
N PHE A 704 21.51 23.04 -47.48
CA PHE A 704 21.05 23.99 -46.47
C PHE A 704 21.84 25.29 -46.50
N GLU A 705 23.10 25.25 -46.94
CA GLU A 705 23.94 26.45 -46.94
C GLU A 705 23.30 27.59 -47.73
N THR A 706 22.54 27.27 -48.77
CA THR A 706 21.90 28.28 -49.59
C THR A 706 20.45 28.50 -49.16
N ARG B 217 -29.55 44.40 -20.15
CA ARG B 217 -28.41 44.12 -21.01
C ARG B 217 -27.12 44.03 -20.19
N GLN B 218 -26.93 44.99 -19.28
CA GLN B 218 -25.72 45.01 -18.47
C GLN B 218 -25.68 43.85 -17.48
N PHE B 219 -26.85 43.36 -17.05
CA PHE B 219 -26.87 42.19 -16.17
C PHE B 219 -26.43 40.93 -16.90
N GLY B 220 -26.46 40.92 -18.23
CA GLY B 220 -25.91 39.84 -19.02
C GLY B 220 -24.40 39.77 -19.03
N ALA B 221 -23.73 40.54 -18.18
CA ALA B 221 -22.28 40.50 -18.06
C ALA B 221 -21.79 39.59 -16.96
N MET B 222 -22.60 39.38 -15.92
CA MET B 222 -22.26 38.40 -14.89
C MET B 222 -22.26 36.97 -15.42
N LEU B 223 -22.92 36.71 -16.55
CA LEU B 223 -22.97 35.38 -17.12
C LEU B 223 -21.66 34.97 -17.77
N GLN B 224 -20.64 35.82 -17.72
CA GLN B 224 -19.31 35.56 -18.23
C GLN B 224 -18.30 35.70 -17.10
N PRO B 225 -17.26 34.86 -17.08
CA PRO B 225 -16.33 34.89 -15.95
C PRO B 225 -15.65 36.24 -15.84
N GLY B 226 -15.28 36.60 -14.61
CA GLY B 226 -14.68 37.89 -14.32
C GLY B 226 -13.34 37.76 -13.63
N VAL B 227 -12.81 38.93 -13.26
CA VAL B 227 -11.58 39.01 -12.49
C VAL B 227 -11.88 38.64 -11.04
N ASN B 228 -11.28 37.55 -10.57
CA ASN B 228 -11.56 37.04 -9.24
C ASN B 228 -10.47 36.05 -8.89
N LYS B 229 -10.11 36.03 -7.60
CA LYS B 229 -8.98 35.22 -7.14
C LYS B 229 -9.08 33.78 -7.60
N PHE B 230 -10.29 33.22 -7.63
CA PHE B 230 -10.46 31.87 -8.13
C PHE B 230 -10.24 31.82 -9.64
N SER B 231 -10.91 32.69 -10.38
CA SER B 231 -10.71 32.75 -11.83
C SER B 231 -9.27 33.11 -12.16
N LEU B 232 -8.73 34.11 -11.46
CA LEU B 232 -7.34 34.52 -11.70
C LEU B 232 -6.39 33.37 -11.48
N ARG B 233 -6.54 32.64 -10.38
CA ARG B 233 -5.66 31.53 -10.08
C ARG B 233 -5.81 30.40 -11.10
N MET B 234 -7.06 30.01 -11.39
CA MET B 234 -7.29 28.90 -12.32
C MET B 234 -6.97 29.27 -13.75
N PHE B 235 -6.75 30.55 -14.04
CA PHE B 235 -6.40 30.99 -15.39
C PHE B 235 -4.95 31.45 -15.51
N GLY B 236 -4.42 32.11 -14.49
CA GLY B 236 -3.01 32.44 -14.47
C GLY B 236 -2.72 33.92 -14.63
N SER B 237 -3.48 34.60 -15.48
CA SER B 237 -3.25 36.01 -15.74
C SER B 237 -4.56 36.66 -16.16
N GLN B 238 -4.71 37.94 -15.78
CA GLN B 238 -5.92 38.68 -16.16
C GLN B 238 -6.11 38.69 -17.66
N LYS B 239 -5.02 38.67 -18.43
CA LYS B 239 -5.14 38.53 -19.88
C LYS B 239 -5.87 37.25 -20.24
N ALA B 240 -5.56 36.15 -19.54
CA ALA B 240 -6.30 34.92 -19.78
C ALA B 240 -7.76 35.06 -19.38
N VAL B 241 -8.04 35.86 -18.35
CA VAL B 241 -9.42 36.07 -17.93
C VAL B 241 -10.21 36.77 -19.03
N GLU B 242 -9.66 37.85 -19.59
CA GLU B 242 -10.37 38.52 -20.67
C GLU B 242 -10.39 37.65 -21.93
N ARG B 243 -9.35 36.82 -22.08
CA ARG B 243 -9.30 35.89 -23.22
C ARG B 243 -10.60 35.10 -23.27
N GLU B 244 -10.90 34.33 -22.21
CA GLU B 244 -12.12 33.49 -22.18
C GLU B 244 -13.34 34.41 -22.25
N GLN B 245 -13.30 35.51 -21.51
CA GLN B 245 -14.41 36.48 -21.54
C GLN B 245 -14.81 36.67 -23.01
N GLU B 246 -13.82 36.80 -23.90
CA GLU B 246 -14.12 36.93 -25.32
C GLU B 246 -14.51 35.58 -25.94
N ARG B 247 -13.87 34.50 -25.49
CA ARG B 247 -14.23 33.18 -25.99
C ARG B 247 -15.70 32.88 -25.74
N VAL B 248 -16.23 33.33 -24.59
CA VAL B 248 -17.67 33.23 -24.37
C VAL B 248 -18.40 34.26 -25.21
N LYS B 249 -17.84 35.46 -25.33
CA LYS B 249 -18.47 36.54 -26.09
C LYS B 249 -18.62 36.17 -27.56
N SER B 250 -18.06 35.04 -27.96
CA SER B 250 -18.43 34.44 -29.24
C SER B 250 -19.91 34.08 -29.31
N ALA B 251 -20.66 34.25 -28.22
CA ALA B 251 -22.05 33.85 -28.15
C ALA B 251 -22.97 34.95 -28.65
N GLY B 252 -24.12 34.54 -29.18
CA GLY B 252 -25.20 35.45 -29.47
C GLY B 252 -26.24 35.51 -28.37
N PHE B 253 -26.73 34.35 -27.94
CA PHE B 253 -27.72 34.26 -26.88
C PHE B 253 -27.04 33.99 -25.54
N TRP B 254 -27.69 34.42 -24.47
CA TRP B 254 -27.12 34.29 -23.14
C TRP B 254 -26.77 32.84 -22.84
N ILE B 255 -25.47 32.58 -22.69
CA ILE B 255 -24.97 31.27 -22.28
C ILE B 255 -24.27 31.43 -20.95
N ILE B 256 -24.62 30.56 -20.01
CA ILE B 256 -24.05 30.64 -18.66
C ILE B 256 -22.66 30.03 -18.71
N HIS B 257 -21.66 30.83 -18.38
CA HIS B 257 -20.33 30.26 -18.20
C HIS B 257 -20.25 29.58 -16.84
N PRO B 258 -19.83 28.32 -16.78
CA PRO B 258 -19.85 27.61 -15.49
C PRO B 258 -19.10 28.32 -14.39
N TYR B 259 -18.14 29.18 -14.73
CA TYR B 259 -17.39 29.93 -13.74
C TYR B 259 -17.91 31.35 -13.57
N SER B 260 -19.02 31.67 -14.22
CA SER B 260 -19.63 32.98 -14.07
C SER B 260 -20.21 33.12 -12.68
N ASP B 261 -19.89 34.23 -12.01
CA ASP B 261 -20.34 34.51 -10.65
C ASP B 261 -21.83 34.22 -10.51
N PHE B 262 -22.58 34.43 -11.59
CA PHE B 262 -23.99 34.08 -11.59
C PHE B 262 -24.18 32.61 -11.26
N ARG B 263 -23.50 31.72 -12.00
CA ARG B 263 -23.68 30.30 -11.75
C ARG B 263 -23.13 29.89 -10.41
N PHE B 264 -22.11 30.58 -9.90
CA PHE B 264 -21.62 30.22 -8.57
C PHE B 264 -22.65 30.54 -7.49
N TYR B 265 -23.27 31.71 -7.56
CA TYR B 265 -24.28 32.04 -6.56
C TYR B 265 -25.53 31.18 -6.74
N TRP B 266 -25.91 30.95 -7.99
CA TRP B 266 -26.92 29.95 -8.32
C TRP B 266 -26.64 28.64 -7.59
N ASP B 267 -25.47 28.05 -7.83
CA ASP B 267 -25.15 26.75 -7.26
C ASP B 267 -25.07 26.80 -5.75
N LEU B 268 -24.71 27.93 -5.17
CA LEU B 268 -24.75 28.03 -3.72
C LEU B 268 -26.18 27.92 -3.21
N THR B 269 -27.09 28.72 -3.77
CA THR B 269 -28.49 28.61 -3.37
C THR B 269 -29.02 27.21 -3.62
N MET B 270 -28.62 26.61 -4.74
CA MET B 270 -29.14 25.29 -5.08
C MET B 270 -28.55 24.20 -4.21
N LEU B 271 -27.33 24.39 -3.71
CA LEU B 271 -26.78 23.44 -2.76
C LEU B 271 -27.55 23.52 -1.45
N LEU B 272 -27.87 24.74 -1.01
CA LEU B 272 -28.72 24.89 0.17
C LEU B 272 -30.06 24.20 -0.05
N LEU B 273 -30.67 24.40 -1.22
CA LEU B 273 -31.96 23.76 -1.50
C LEU B 273 -31.86 22.25 -1.49
N MET B 274 -30.84 21.70 -2.14
CA MET B 274 -30.74 20.25 -2.21
C MET B 274 -30.52 19.64 -0.84
N VAL B 275 -29.69 20.27 0.00
CA VAL B 275 -29.48 19.72 1.33
C VAL B 275 -30.76 19.82 2.16
N GLY B 276 -31.42 20.97 2.10
CA GLY B 276 -32.67 21.11 2.80
C GLY B 276 -33.69 20.07 2.39
N ASN B 277 -33.75 19.77 1.10
CA ASN B 277 -34.74 18.78 0.65
C ASN B 277 -34.35 17.37 1.05
N LEU B 278 -33.09 17.00 0.89
CA LEU B 278 -32.71 15.64 1.26
C LEU B 278 -32.87 15.41 2.75
N ILE B 279 -32.81 16.45 3.56
CA ILE B 279 -33.06 16.25 4.98
C ILE B 279 -34.54 16.34 5.33
N ILE B 280 -35.31 17.17 4.63
CA ILE B 280 -36.68 17.46 5.06
C ILE B 280 -37.71 16.57 4.38
N ILE B 281 -37.44 16.08 3.18
CA ILE B 281 -38.39 15.26 2.44
C ILE B 281 -38.68 13.98 3.22
N PRO B 282 -37.70 13.11 3.48
CA PRO B 282 -38.05 11.85 4.17
C PRO B 282 -38.74 12.04 5.49
N VAL B 283 -38.27 12.97 6.31
CA VAL B 283 -38.88 13.21 7.61
C VAL B 283 -40.30 13.69 7.46
N GLY B 284 -40.66 14.25 6.31
CA GLY B 284 -42.00 14.74 6.14
C GLY B 284 -42.91 13.68 5.56
N ILE B 285 -42.34 12.82 4.73
CA ILE B 285 -43.10 11.68 4.22
C ILE B 285 -43.49 10.75 5.34
N THR B 286 -42.50 10.24 6.08
CA THR B 286 -42.75 9.12 6.98
C THR B 286 -43.56 9.55 8.19
N PHE B 287 -43.00 10.44 9.02
CA PHE B 287 -43.73 10.97 10.15
C PHE B 287 -44.72 12.00 9.66
N PHE B 288 -45.38 12.71 10.57
CA PHE B 288 -46.40 13.70 10.22
C PHE B 288 -47.50 13.07 9.39
N LYS B 289 -48.22 12.15 10.02
CA LYS B 289 -49.50 11.63 9.48
C LYS B 289 -50.30 12.82 8.94
N ASP B 290 -50.97 12.61 7.81
CA ASP B 290 -51.68 13.69 7.15
C ASP B 290 -50.71 14.87 6.94
N GLU B 291 -49.71 14.61 6.10
CA GLU B 291 -48.58 15.51 5.98
C GLU B 291 -48.96 16.81 5.26
N ASN B 292 -49.98 16.78 4.41
CA ASN B 292 -50.37 17.98 3.68
C ASN B 292 -51.00 18.99 4.63
N THR B 293 -50.32 20.12 4.81
CA THR B 293 -50.80 21.23 5.62
C THR B 293 -50.71 22.49 4.76
N THR B 294 -51.08 23.64 5.33
CA THR B 294 -50.89 24.88 4.61
C THR B 294 -49.42 25.16 4.29
N PRO B 295 -48.46 24.93 5.18
CA PRO B 295 -47.07 24.89 4.73
C PRO B 295 -46.74 23.55 4.10
N TRP B 296 -45.47 23.37 3.75
CA TRP B 296 -44.90 22.15 3.18
C TRP B 296 -45.38 21.92 1.75
N ILE B 297 -46.50 22.53 1.39
CA ILE B 297 -46.90 22.55 0.00
C ILE B 297 -46.28 23.75 -0.71
N VAL B 298 -46.31 24.91 -0.06
CA VAL B 298 -45.46 26.01 -0.47
C VAL B 298 -44.01 25.55 -0.59
N PHE B 299 -43.56 24.74 0.36
CA PHE B 299 -42.17 24.29 0.33
C PHE B 299 -41.91 23.43 -0.89
N ASN B 300 -42.74 22.42 -1.13
CA ASN B 300 -42.52 21.57 -2.29
C ASN B 300 -42.63 22.36 -3.59
N VAL B 301 -43.52 23.35 -3.66
CA VAL B 301 -43.68 24.02 -4.95
C VAL B 301 -42.55 25.01 -5.19
N VAL B 302 -42.06 25.68 -4.15
CA VAL B 302 -40.89 26.55 -4.31
C VAL B 302 -39.68 25.72 -4.71
N SER B 303 -39.46 24.61 -4.02
CA SER B 303 -38.34 23.74 -4.39
C SER B 303 -38.50 23.23 -5.81
N ASP B 304 -39.73 22.96 -6.23
CA ASP B 304 -39.93 22.44 -7.58
C ASP B 304 -39.67 23.51 -8.62
N THR B 305 -40.06 24.75 -8.35
CA THR B 305 -39.76 25.83 -9.28
C THR B 305 -38.26 26.05 -9.40
N PHE B 306 -37.56 26.12 -8.27
CA PHE B 306 -36.10 26.28 -8.32
C PHE B 306 -35.45 25.14 -9.08
N PHE B 307 -35.89 23.92 -8.83
CA PHE B 307 -35.25 22.79 -9.51
C PHE B 307 -35.67 22.68 -10.96
N LEU B 308 -36.81 23.23 -11.33
CA LEU B 308 -37.19 23.27 -12.75
C LEU B 308 -36.38 24.32 -13.49
N ILE B 309 -36.14 25.47 -12.87
CA ILE B 309 -35.20 26.44 -13.44
C ILE B 309 -33.82 25.82 -13.54
N ASP B 310 -33.44 25.00 -12.56
CA ASP B 310 -32.20 24.24 -12.68
C ASP B 310 -32.23 23.34 -13.90
N LEU B 311 -33.37 22.70 -14.16
CA LEU B 311 -33.47 21.82 -15.32
C LEU B 311 -33.35 22.60 -16.62
N VAL B 312 -33.96 23.78 -16.70
CA VAL B 312 -33.93 24.56 -17.93
C VAL B 312 -32.54 25.16 -18.13
N LEU B 313 -32.10 26.00 -17.19
CA LEU B 313 -30.76 26.58 -17.27
C LEU B 313 -29.67 25.54 -17.24
N ASN B 314 -30.03 24.27 -17.06
CA ASN B 314 -29.01 23.19 -17.17
C ASN B 314 -28.66 22.97 -18.63
N PHE B 315 -29.65 23.08 -19.53
CA PHE B 315 -29.34 22.95 -20.98
C PHE B 315 -28.48 24.12 -21.46
N ARG B 316 -28.83 25.35 -21.07
CA ARG B 316 -28.09 26.55 -21.54
C ARG B 316 -26.95 26.87 -20.56
N THR B 317 -25.90 26.04 -20.55
CA THR B 317 -24.80 26.26 -19.57
C THR B 317 -23.44 25.93 -20.19
N GLY B 318 -22.37 26.44 -19.57
CA GLY B 318 -21.01 26.09 -20.04
C GLY B 318 -20.55 24.82 -19.34
N ILE B 319 -20.16 23.81 -20.11
CA ILE B 319 -19.50 22.58 -19.58
C ILE B 319 -17.98 22.77 -19.62
N VAL B 320 -17.24 22.08 -18.75
CA VAL B 320 -15.74 22.17 -18.74
C VAL B 320 -15.14 20.76 -18.78
N VAL B 321 -14.22 20.50 -19.71
CA VAL B 321 -13.54 19.17 -19.78
C VAL B 321 -12.03 19.37 -19.86
N GLU B 322 -11.26 18.71 -18.98
CA GLU B 322 -9.76 18.75 -19.04
C GLU B 322 -9.26 20.14 -18.61
N ASP B 323 -10.15 20.97 -18.05
CA ASP B 323 -9.78 22.36 -17.63
C ASP B 323 -9.75 23.23 -18.87
N ASN B 324 -9.94 22.61 -20.05
CA ASN B 324 -10.07 23.31 -21.35
C ASN B 324 -11.52 23.78 -21.49
N THR B 325 -11.72 25.04 -21.88
CA THR B 325 -13.10 25.56 -21.93
C THR B 325 -13.88 24.67 -22.91
N ASP B 326 -15.05 24.20 -22.48
CA ASP B 326 -15.90 23.38 -23.39
C ASP B 326 -17.16 24.18 -23.71
N ILE B 327 -17.15 25.49 -23.42
CA ILE B 327 -18.42 26.24 -23.58
C ILE B 327 -18.88 25.90 -25.00
N ILE B 328 -20.09 25.36 -25.14
CA ILE B 328 -20.53 24.90 -26.48
C ILE B 328 -21.65 25.82 -26.93
N LEU B 329 -21.39 26.59 -27.98
CA LEU B 329 -22.42 27.56 -28.42
C LEU B 329 -23.62 26.76 -28.90
N ASP B 330 -23.35 25.68 -29.65
CA ASP B 330 -24.49 24.92 -30.22
C ASP B 330 -25.36 24.49 -29.05
N PRO B 331 -26.63 24.99 -28.88
CA PRO B 331 -27.53 24.50 -27.84
C PRO B 331 -27.70 22.99 -27.98
N ARG B 332 -27.79 22.49 -29.22
CA ARG B 332 -28.05 21.04 -29.43
C ARG B 332 -26.89 20.22 -28.85
N ARG B 333 -25.65 20.63 -29.10
CA ARG B 333 -24.41 19.92 -28.65
C ARG B 333 -24.38 19.81 -27.11
N ILE B 334 -24.66 20.91 -26.40
CA ILE B 334 -24.76 20.91 -24.90
C ILE B 334 -26.03 20.15 -24.51
N LYS B 335 -27.13 20.37 -25.23
CA LYS B 335 -28.39 19.68 -24.92
C LYS B 335 -28.18 18.18 -25.08
N MET B 336 -27.50 17.77 -26.15
CA MET B 336 -27.32 16.31 -26.41
C MET B 336 -26.49 15.73 -25.27
N LYS B 337 -25.43 16.42 -24.86
CA LYS B 337 -24.54 15.89 -23.80
C LYS B 337 -25.35 15.75 -22.50
N TYR B 338 -26.15 16.76 -22.17
CA TYR B 338 -26.95 16.73 -20.92
C TYR B 338 -27.97 15.60 -21.00
N LEU B 339 -28.61 15.43 -22.16
CA LEU B 339 -29.62 14.35 -22.35
C LEU B 339 -28.95 13.01 -22.03
N LYS B 340 -27.76 12.79 -22.60
CA LYS B 340 -27.05 11.54 -22.37
C LYS B 340 -26.82 11.32 -20.89
N SER B 341 -26.27 12.32 -20.21
CA SER B 341 -25.75 12.10 -18.86
C SER B 341 -26.85 12.11 -17.79
N TRP B 342 -27.52 13.25 -17.59
CA TRP B 342 -28.30 13.39 -16.37
C TRP B 342 -29.68 14.00 -16.53
N PHE B 343 -30.04 14.51 -17.71
CA PHE B 343 -31.34 15.13 -17.90
C PHE B 343 -32.48 14.20 -17.52
N VAL B 344 -32.32 12.88 -17.70
CA VAL B 344 -33.40 11.96 -17.41
C VAL B 344 -33.74 11.94 -15.93
N VAL B 345 -32.73 11.72 -15.08
CA VAL B 345 -33.03 11.70 -13.65
C VAL B 345 -33.40 13.09 -13.16
N ASP B 346 -32.83 14.14 -13.74
CA ASP B 346 -33.21 15.48 -13.28
C ASP B 346 -34.66 15.77 -13.62
N PHE B 347 -35.13 15.29 -14.76
CA PHE B 347 -36.54 15.44 -15.09
C PHE B 347 -37.41 14.63 -14.15
N VAL B 348 -37.02 13.38 -13.88
CA VAL B 348 -37.86 12.53 -13.03
C VAL B 348 -37.90 13.07 -11.62
N SER B 349 -36.87 13.80 -11.20
CA SER B 349 -36.80 14.34 -9.84
C SER B 349 -37.10 15.82 -9.78
N SER B 350 -37.56 16.42 -10.88
CA SER B 350 -37.95 17.83 -10.87
C SER B 350 -39.46 18.02 -10.74
N ILE B 351 -40.23 17.43 -11.64
CA ILE B 351 -41.68 17.63 -11.64
C ILE B 351 -42.29 16.95 -10.41
N PRO B 352 -43.28 17.54 -9.76
CA PRO B 352 -43.95 16.85 -8.65
C PRO B 352 -44.80 15.69 -9.14
N VAL B 353 -44.16 14.55 -9.38
CA VAL B 353 -44.84 13.39 -9.94
C VAL B 353 -45.99 12.95 -9.05
N ASP B 354 -45.81 13.05 -7.73
CA ASP B 354 -46.90 12.62 -6.84
C ASP B 354 -48.13 13.50 -7.00
N TYR B 355 -47.94 14.80 -7.25
CA TYR B 355 -49.09 15.69 -7.42
C TYR B 355 -49.85 15.38 -8.71
N ILE B 356 -49.14 15.12 -9.81
CA ILE B 356 -49.85 14.81 -11.04
C ILE B 356 -50.51 13.44 -10.93
N PHE B 357 -49.91 12.51 -10.19
CA PHE B 357 -50.57 11.22 -9.94
C PHE B 357 -51.87 11.44 -9.16
N LEU B 358 -51.79 12.19 -8.07
CA LEU B 358 -52.98 12.51 -7.29
C LEU B 358 -54.04 13.17 -8.16
N ILE B 359 -53.63 14.02 -9.09
CA ILE B 359 -54.59 14.74 -9.92
C ILE B 359 -55.28 13.80 -10.90
N VAL B 360 -54.49 12.95 -11.58
CA VAL B 360 -55.10 12.00 -12.51
C VAL B 360 -55.90 10.94 -11.79
N GLU B 361 -55.89 10.99 -10.46
CA GLU B 361 -56.81 10.12 -9.69
C GLU B 361 -58.00 10.93 -9.19
N THR B 362 -57.80 12.16 -8.72
CA THR B 362 -58.94 12.90 -8.12
C THR B 362 -60.03 13.08 -9.17
N ARG B 363 -59.66 13.46 -10.39
CA ARG B 363 -60.65 13.68 -11.48
C ARG B 363 -61.30 12.35 -11.87
N ILE B 364 -60.51 11.28 -12.04
CA ILE B 364 -61.09 10.00 -12.54
C ILE B 364 -62.03 9.37 -11.51
N ASP B 365 -61.66 9.37 -10.22
CA ASP B 365 -62.48 8.67 -9.20
C ASP B 365 -63.15 9.66 -8.26
N SER B 366 -64.46 9.88 -8.40
CA SER B 366 -65.20 10.69 -7.40
C SER B 366 -65.29 9.89 -6.10
N GLU B 367 -65.55 8.59 -6.21
CA GLU B 367 -65.73 7.71 -5.02
C GLU B 367 -64.39 7.31 -4.41
N VAL B 368 -63.33 8.06 -4.70
CA VAL B 368 -61.97 7.73 -4.19
C VAL B 368 -62.03 7.69 -2.66
N TYR B 369 -62.64 8.69 -2.03
CA TYR B 369 -62.80 8.68 -0.54
C TYR B 369 -63.56 7.43 -0.15
N LYS B 370 -64.71 7.19 -0.78
CA LYS B 370 -65.55 6.00 -0.45
C LYS B 370 -64.82 4.71 -0.77
N THR B 371 -64.13 4.63 -1.90
CA THR B 371 -63.47 3.36 -2.33
C THR B 371 -62.20 3.06 -1.53
N ALA B 372 -61.76 1.80 -1.54
CA ALA B 372 -60.51 1.39 -0.85
C ALA B 372 -59.32 1.99 -1.59
N ARG B 373 -59.52 2.46 -2.82
CA ARG B 373 -58.40 2.97 -3.66
C ARG B 373 -57.73 4.13 -2.95
N ALA B 374 -58.49 5.01 -2.28
CA ALA B 374 -57.87 6.20 -1.67
C ALA B 374 -56.80 5.76 -0.68
N LEU B 375 -57.09 4.72 0.11
CA LEU B 375 -56.03 4.20 0.99
C LEU B 375 -54.90 3.71 0.10
N ARG B 376 -55.22 2.93 -0.93
CA ARG B 376 -54.12 2.54 -1.86
C ARG B 376 -53.46 3.83 -2.36
N ILE B 377 -54.28 4.83 -2.69
CA ILE B 377 -53.79 6.03 -3.35
C ILE B 377 -52.97 6.89 -2.38
N VAL B 378 -53.28 6.87 -1.09
CA VAL B 378 -52.44 7.62 -0.16
C VAL B 378 -51.11 6.90 0.04
N ARG B 379 -51.12 5.56 0.05
CA ARG B 379 -49.87 4.82 0.08
C ARG B 379 -49.04 5.11 -1.16
N PHE B 380 -49.68 5.19 -2.33
CA PHE B 380 -48.94 5.48 -3.54
C PHE B 380 -48.44 6.92 -3.57
N THR B 381 -49.21 7.85 -3.01
CA THR B 381 -48.70 9.22 -2.88
C THR B 381 -47.43 9.24 -2.04
N LYS B 382 -47.47 8.57 -0.88
CA LYS B 382 -46.30 8.58 0.01
C LYS B 382 -45.11 7.85 -0.61
N ILE B 383 -45.36 6.86 -1.47
CA ILE B 383 -44.23 6.17 -2.10
C ILE B 383 -43.69 6.99 -3.26
N LEU B 384 -44.57 7.54 -4.09
CA LEU B 384 -44.12 8.26 -5.28
C LEU B 384 -43.50 9.61 -4.93
N SER B 385 -43.87 10.19 -3.79
CA SER B 385 -43.18 11.40 -3.37
C SER B 385 -41.72 11.15 -3.05
N LEU B 386 -41.29 9.90 -2.99
CA LEU B 386 -39.91 9.58 -2.69
C LEU B 386 -38.99 9.82 -3.87
N LEU B 387 -39.53 10.07 -5.06
CA LEU B 387 -38.66 10.34 -6.20
C LEU B 387 -37.82 11.58 -5.97
N ARG B 388 -38.39 12.57 -5.27
CA ARG B 388 -37.73 13.86 -5.13
C ARG B 388 -36.35 13.76 -4.52
N LEU B 389 -35.97 12.62 -3.94
CA LEU B 389 -34.65 12.48 -3.36
C LEU B 389 -33.72 11.71 -4.28
N LEU B 390 -33.92 11.85 -5.59
CA LEU B 390 -32.87 11.62 -6.57
C LEU B 390 -32.03 12.87 -6.81
N ARG B 391 -32.45 14.01 -6.29
CA ARG B 391 -31.64 15.22 -6.31
C ARG B 391 -30.31 15.03 -5.62
N LEU B 392 -30.10 13.90 -4.94
CA LEU B 392 -28.76 13.58 -4.47
C LEU B 392 -27.78 13.49 -5.63
N SER B 393 -28.27 13.12 -6.81
CA SER B 393 -27.42 13.13 -7.99
C SER B 393 -26.87 14.52 -8.25
N ARG B 394 -27.75 15.52 -8.30
CA ARG B 394 -27.31 16.90 -8.48
C ARG B 394 -26.42 17.34 -7.32
N LEU B 395 -26.74 16.92 -6.10
CA LEU B 395 -25.93 17.34 -4.97
C LEU B 395 -24.48 16.88 -5.14
N ILE B 396 -24.28 15.59 -5.40
CA ILE B 396 -22.91 15.12 -5.55
C ILE B 396 -22.28 15.70 -6.80
N ARG B 397 -23.05 15.91 -7.87
CA ARG B 397 -22.51 16.52 -9.08
C ARG B 397 -21.95 17.90 -8.78
N TYR B 398 -22.78 18.78 -8.25
CA TYR B 398 -22.36 20.15 -8.01
C TYR B 398 -21.29 20.22 -6.94
N ILE B 399 -21.27 19.29 -5.98
CA ILE B 399 -20.21 19.32 -5.00
C ILE B 399 -18.88 18.92 -5.63
N HIS B 400 -18.84 17.83 -6.39
CA HIS B 400 -17.61 17.47 -7.06
C HIS B 400 -17.14 18.60 -7.96
N GLN B 401 -18.06 19.21 -8.71
CA GLN B 401 -17.71 20.33 -9.55
C GLN B 401 -17.08 21.45 -8.74
N TRP B 402 -17.80 21.99 -7.77
CA TRP B 402 -17.30 23.15 -7.05
C TRP B 402 -16.33 22.77 -5.93
N GLU B 403 -15.83 21.55 -5.93
CA GLU B 403 -14.66 21.20 -5.11
C GLU B 403 -13.41 20.93 -5.93
N GLU B 404 -13.52 20.37 -7.14
CA GLU B 404 -12.32 20.20 -7.95
C GLU B 404 -12.06 21.43 -8.81
N ILE B 405 -13.12 21.99 -9.41
CA ILE B 405 -13.04 23.34 -9.97
C ILE B 405 -12.51 24.31 -8.92
N PHE B 406 -12.95 24.15 -7.67
CA PHE B 406 -12.37 24.91 -6.58
C PHE B 406 -10.91 24.50 -6.41
N HIS B 407 -10.04 25.50 -6.31
CA HIS B 407 -8.60 25.23 -6.28
C HIS B 407 -8.09 25.03 -4.86
N MET B 408 -8.38 25.98 -3.96
CA MET B 408 -7.97 25.85 -2.57
C MET B 408 -8.43 24.54 -1.95
N THR B 409 -9.45 23.91 -2.52
CA THR B 409 -9.83 22.55 -2.11
C THR B 409 -9.09 21.48 -2.92
N TYR B 410 -8.83 21.74 -4.19
CA TYR B 410 -8.08 20.79 -5.02
C TYR B 410 -6.65 20.56 -4.51
N ASP B 411 -6.17 21.40 -3.60
CA ASP B 411 -4.82 21.27 -3.05
C ASP B 411 -4.81 20.28 -1.89
N LEU B 412 -3.68 19.58 -1.72
CA LEU B 412 -3.45 18.67 -0.61
C LEU B 412 -4.42 17.50 -0.65
N ALA B 413 -5.28 17.47 -1.67
CA ALA B 413 -6.46 16.62 -1.75
C ALA B 413 -7.47 17.02 -0.69
N SER B 414 -7.10 17.99 0.15
CA SER B 414 -7.94 18.53 1.21
C SER B 414 -8.60 17.40 2.01
N ALA B 415 -7.74 16.63 2.68
CA ALA B 415 -8.20 15.49 3.47
C ALA B 415 -9.33 15.89 4.42
N VAL B 416 -9.27 17.10 4.98
CA VAL B 416 -10.36 17.58 5.83
C VAL B 416 -11.66 17.61 5.05
N VAL B 417 -11.66 18.25 3.89
CA VAL B 417 -12.88 18.36 3.10
C VAL B 417 -13.38 16.99 2.68
N ARG B 418 -12.48 16.11 2.26
CA ARG B 418 -12.90 14.81 1.76
C ARG B 418 -13.47 13.94 2.88
N ILE B 419 -12.86 13.99 4.06
CA ILE B 419 -13.39 13.20 5.15
C ILE B 419 -14.70 13.79 5.64
N VAL B 420 -14.90 15.10 5.51
CA VAL B 420 -16.19 15.65 5.91
C VAL B 420 -17.26 15.28 4.88
N ASN B 421 -16.88 15.25 3.60
CA ASN B 421 -17.74 14.68 2.57
C ASN B 421 -18.19 13.28 2.98
N LEU B 422 -17.25 12.44 3.37
CA LEU B 422 -17.58 11.05 3.70
C LEU B 422 -18.46 10.95 4.94
N ILE B 423 -18.16 11.74 5.97
CA ILE B 423 -19.01 11.74 7.16
C ILE B 423 -20.41 12.19 6.81
N GLY B 424 -20.54 13.18 5.93
CA GLY B 424 -21.86 13.62 5.53
C GLY B 424 -22.60 12.56 4.76
N MET B 425 -21.91 11.83 3.91
CA MET B 425 -22.57 10.80 3.12
C MET B 425 -23.03 9.64 4.01
N MET B 426 -22.20 9.22 4.97
CA MET B 426 -22.64 8.19 5.90
C MET B 426 -23.81 8.66 6.75
N LEU B 427 -23.78 9.91 7.19
CA LEU B 427 -24.88 10.41 8.01
C LEU B 427 -26.17 10.49 7.22
N LEU B 428 -26.08 10.82 5.93
CA LEU B 428 -27.28 10.86 5.12
C LEU B 428 -27.83 9.48 4.87
N LEU B 429 -26.96 8.53 4.53
CA LEU B 429 -27.42 7.15 4.37
C LEU B 429 -28.09 6.66 5.64
N CYS B 430 -27.50 6.94 6.80
CA CYS B 430 -28.05 6.47 8.06
C CYS B 430 -29.38 7.14 8.37
N HIS B 431 -29.55 8.40 7.99
CA HIS B 431 -30.79 9.11 8.27
C HIS B 431 -31.91 8.66 7.34
N TRP B 432 -31.61 8.42 6.06
CA TRP B 432 -32.61 7.85 5.16
C TRP B 432 -32.97 6.45 5.59
N ASP B 433 -31.99 5.69 6.08
CA ASP B 433 -32.25 4.36 6.58
C ASP B 433 -33.17 4.38 7.80
N GLY B 434 -32.96 5.34 8.71
CA GLY B 434 -33.89 5.47 9.82
C GLY B 434 -35.30 5.78 9.37
N CYS B 435 -35.45 6.76 8.48
CA CYS B 435 -36.78 7.06 7.97
C CYS B 435 -37.39 5.88 7.25
N LEU B 436 -36.58 5.03 6.62
CA LEU B 436 -37.11 3.85 5.96
C LEU B 436 -37.59 2.82 6.97
N GLN B 437 -36.74 2.51 7.97
CA GLN B 437 -37.14 1.65 9.07
C GLN B 437 -38.46 2.07 9.67
N PHE B 438 -38.77 3.36 9.62
CA PHE B 438 -40.08 3.74 10.14
C PHE B 438 -41.16 3.80 9.06
N LEU B 439 -40.80 4.01 7.81
CA LEU B 439 -41.81 4.08 6.76
C LEU B 439 -42.45 2.71 6.54
N VAL B 440 -41.62 1.68 6.42
CA VAL B 440 -42.11 0.36 6.03
C VAL B 440 -43.06 -0.25 7.06
N PRO B 441 -42.80 -0.19 8.37
CA PRO B 441 -43.83 -0.61 9.32
C PRO B 441 -45.10 0.21 9.24
N MET B 442 -44.98 1.51 9.01
CA MET B 442 -46.16 2.37 9.03
C MET B 442 -47.09 2.05 7.87
N LEU B 443 -46.53 1.85 6.68
CA LEU B 443 -47.35 1.58 5.51
C LEU B 443 -48.28 0.40 5.74
N GLN B 444 -47.81 -0.62 6.45
CA GLN B 444 -48.65 -1.75 6.81
C GLN B 444 -49.44 -1.49 8.08
N ASP B 445 -49.52 -0.22 8.51
CA ASP B 445 -50.40 0.19 9.59
C ASP B 445 -50.05 -0.50 10.90
N PHE B 446 -48.75 -0.60 11.17
CA PHE B 446 -48.23 -1.05 12.45
C PHE B 446 -48.76 -2.43 12.82
N PRO B 447 -48.31 -3.49 12.14
CA PRO B 447 -48.70 -4.83 12.54
C PRO B 447 -48.20 -5.14 13.93
N ASP B 448 -48.79 -6.15 14.56
CA ASP B 448 -48.49 -6.40 15.96
C ASP B 448 -47.08 -6.90 16.20
N ASP B 449 -46.23 -6.96 15.18
CA ASP B 449 -44.86 -7.45 15.34
C ASP B 449 -43.84 -6.55 14.68
N CYS B 450 -44.16 -5.28 14.49
CA CYS B 450 -43.16 -4.31 14.05
C CYS B 450 -42.62 -3.59 15.29
N TRP B 451 -41.33 -3.27 15.25
CA TRP B 451 -40.69 -2.71 16.42
C TRP B 451 -41.46 -1.51 16.96
N VAL B 452 -41.99 -0.68 16.06
CA VAL B 452 -42.84 0.43 16.47
C VAL B 452 -44.00 -0.04 17.33
N SER B 453 -44.36 -1.31 17.28
CA SER B 453 -45.50 -1.79 18.05
C SER B 453 -45.12 -2.76 19.16
N LEU B 454 -43.84 -3.12 19.26
CA LEU B 454 -43.30 -3.79 20.43
C LEU B 454 -42.56 -2.84 21.35
N ASN B 455 -41.79 -1.91 20.78
CA ASN B 455 -41.25 -0.81 21.55
C ASN B 455 -42.32 0.19 21.96
N ASN B 456 -43.58 -0.07 21.62
CA ASN B 456 -44.71 0.73 22.07
C ASN B 456 -44.56 2.19 21.67
N MET B 457 -44.08 2.43 20.46
CA MET B 457 -43.86 3.77 19.93
C MET B 457 -44.87 4.15 18.87
N VAL B 458 -46.11 3.69 19.00
CA VAL B 458 -47.14 4.11 18.06
C VAL B 458 -47.64 5.49 18.41
N ASN B 459 -47.95 5.72 19.68
CA ASN B 459 -48.50 6.99 20.14
C ASN B 459 -47.44 8.01 20.54
N ASN B 460 -46.17 7.73 20.28
CA ASN B 460 -45.11 8.62 20.69
C ASN B 460 -45.12 9.90 19.85
N SER B 461 -44.13 10.74 20.09
CA SER B 461 -43.99 11.98 19.36
C SER B 461 -42.94 11.83 18.28
N TRP B 462 -43.08 12.63 17.22
CA TRP B 462 -42.23 12.42 16.05
C TRP B 462 -40.76 12.58 16.39
N GLY B 463 -40.43 13.29 17.48
CA GLY B 463 -39.05 13.38 17.89
C GLY B 463 -38.53 12.06 18.41
N LYS B 464 -39.29 11.40 19.28
CA LYS B 464 -38.85 10.12 19.82
C LYS B 464 -38.84 9.05 18.75
N GLN B 465 -39.88 9.00 17.90
CA GLN B 465 -39.91 8.04 16.82
C GLN B 465 -38.71 8.22 15.90
N TYR B 466 -38.41 9.45 15.49
CA TYR B 466 -37.27 9.65 14.61
C TYR B 466 -35.97 9.28 15.30
N SER B 467 -35.78 9.75 16.54
CA SER B 467 -34.51 9.51 17.21
C SER B 467 -34.26 8.03 17.38
N TYR B 468 -35.28 7.26 17.74
CA TYR B 468 -35.04 5.85 17.96
C TYR B 468 -34.93 5.06 16.66
N ALA B 469 -35.66 5.45 15.61
CA ALA B 469 -35.46 4.76 14.33
C ALA B 469 -34.08 5.06 13.77
N LEU B 470 -33.57 6.28 13.98
CA LEU B 470 -32.21 6.57 13.58
C LEU B 470 -31.23 5.79 14.43
N PHE B 471 -31.57 5.57 15.70
CA PHE B 471 -30.79 4.67 16.53
C PHE B 471 -30.66 3.31 15.90
N LYS B 472 -31.79 2.69 15.56
CA LYS B 472 -31.75 1.37 14.93
C LYS B 472 -30.90 1.37 13.67
N ALA B 473 -31.12 2.32 12.77
CA ALA B 473 -30.35 2.31 11.54
C ALA B 473 -28.87 2.48 11.80
N MET B 474 -28.51 3.20 12.85
CA MET B 474 -27.09 3.37 13.14
C MET B 474 -26.51 2.14 13.84
N SER B 475 -27.33 1.44 14.62
CA SER B 475 -26.92 0.14 15.13
C SER B 475 -26.55 -0.78 13.99
N HIS B 476 -27.50 -1.03 13.09
CA HIS B 476 -27.25 -1.87 11.93
C HIS B 476 -26.03 -1.42 11.15
N MET B 477 -25.79 -0.11 11.04
CA MET B 477 -24.65 0.35 10.27
C MET B 477 -23.33 -0.08 10.90
N LEU B 478 -23.16 0.17 12.20
CA LEU B 478 -21.88 -0.12 12.85
C LEU B 478 -21.76 -1.58 13.25
N CYS B 479 -22.82 -2.35 13.10
CA CYS B 479 -22.86 -3.76 13.48
C CYS B 479 -22.68 -3.90 14.99
N ILE B 480 -23.49 -3.16 15.72
CA ILE B 480 -23.46 -3.19 17.17
C ILE B 480 -24.65 -3.92 17.76
N GLY B 481 -25.67 -4.19 16.98
CA GLY B 481 -26.89 -4.78 17.50
C GLY B 481 -28.01 -4.46 16.55
N TYR B 482 -29.21 -4.86 16.96
CA TYR B 482 -30.40 -4.46 16.22
C TYR B 482 -31.05 -3.24 16.85
N GLY B 483 -31.50 -3.36 18.08
CA GLY B 483 -32.20 -2.28 18.74
C GLY B 483 -32.54 -2.78 20.12
N ARG B 484 -33.77 -2.54 20.56
CA ARG B 484 -34.21 -3.11 21.81
C ARG B 484 -34.23 -4.64 21.76
N GLN B 485 -34.29 -5.23 20.57
CA GLN B 485 -34.49 -6.66 20.41
C GLN B 485 -34.18 -7.03 18.96
N ALA B 486 -34.53 -8.24 18.58
CA ALA B 486 -34.25 -8.82 17.28
C ALA B 486 -35.54 -9.00 16.49
N PRO B 487 -35.49 -8.79 15.17
CA PRO B 487 -36.72 -8.75 14.36
C PRO B 487 -37.60 -9.96 14.59
N MET B 488 -38.90 -9.77 14.40
CA MET B 488 -39.84 -10.85 14.67
C MET B 488 -40.84 -11.13 13.56
N GLY B 489 -41.13 -10.18 12.68
CA GLY B 489 -41.99 -10.40 11.55
C GLY B 489 -41.18 -10.38 10.28
N MET B 490 -41.80 -10.79 9.17
CA MET B 490 -41.02 -11.01 7.96
C MET B 490 -40.56 -9.69 7.35
N SER B 491 -41.36 -8.63 7.48
CA SER B 491 -40.94 -7.33 7.00
C SER B 491 -39.79 -6.79 7.83
N ASP B 492 -39.85 -6.98 9.14
CA ASP B 492 -38.75 -6.57 10.01
C ASP B 492 -37.48 -7.34 9.67
N VAL B 493 -37.58 -8.66 9.52
CA VAL B 493 -36.39 -9.45 9.24
C VAL B 493 -35.77 -9.00 7.92
N TRP B 494 -36.59 -8.78 6.90
CA TRP B 494 -35.98 -8.45 5.61
C TRP B 494 -35.47 -7.03 5.54
N LEU B 495 -36.12 -6.07 6.22
CA LEU B 495 -35.55 -4.74 6.35
C LEU B 495 -34.25 -4.76 7.13
N THR B 496 -34.25 -5.42 8.29
CA THR B 496 -33.04 -5.51 9.08
C THR B 496 -31.91 -6.14 8.29
N MET B 497 -32.22 -7.12 7.46
CA MET B 497 -31.18 -7.78 6.68
C MET B 497 -30.64 -6.87 5.58
N LEU B 498 -31.55 -6.22 4.84
CA LEU B 498 -31.13 -5.25 3.83
C LEU B 498 -30.30 -4.14 4.45
N SER B 499 -30.74 -3.61 5.59
CA SER B 499 -30.04 -2.50 6.23
C SER B 499 -28.72 -2.95 6.82
N MET B 500 -28.66 -4.13 7.40
CA MET B 500 -27.39 -4.66 7.91
C MET B 500 -26.38 -4.77 6.80
N ILE B 501 -26.75 -5.44 5.71
CA ILE B 501 -25.76 -5.69 4.66
C ILE B 501 -25.33 -4.38 4.00
N VAL B 502 -26.29 -3.51 3.69
CA VAL B 502 -25.96 -2.25 3.02
C VAL B 502 -25.17 -1.34 3.95
N GLY B 503 -25.65 -1.14 5.18
CA GLY B 503 -24.96 -0.27 6.10
C GLY B 503 -23.56 -0.74 6.44
N ALA B 504 -23.41 -2.04 6.74
CA ALA B 504 -22.11 -2.53 7.14
C ALA B 504 -21.13 -2.51 5.99
N THR B 505 -21.57 -2.89 4.79
CA THR B 505 -20.69 -2.82 3.65
C THR B 505 -20.25 -1.39 3.38
N CYS B 506 -21.20 -0.44 3.39
CA CYS B 506 -20.87 0.94 3.10
C CYS B 506 -19.96 1.53 4.17
N TYR B 507 -20.22 1.23 5.43
CA TYR B 507 -19.39 1.76 6.51
C TYR B 507 -17.97 1.23 6.43
N ALA B 508 -17.81 -0.08 6.22
CA ALA B 508 -16.48 -0.63 6.09
C ALA B 508 -15.75 -0.08 4.89
N MET B 509 -16.46 0.20 3.80
CA MET B 509 -15.80 0.78 2.63
C MET B 509 -15.37 2.22 2.92
N PHE B 510 -16.24 3.00 3.56
CA PHE B 510 -15.87 4.36 3.96
C PHE B 510 -14.66 4.36 4.87
N ILE B 511 -14.54 3.38 5.75
CA ILE B 511 -13.43 3.42 6.69
C ILE B 511 -12.14 2.93 6.04
N GLY B 512 -12.21 1.94 5.15
CA GLY B 512 -11.04 1.65 4.34
C GLY B 512 -10.60 2.85 3.55
N HIS B 513 -11.57 3.60 3.01
CA HIS B 513 -11.28 4.83 2.28
C HIS B 513 -10.53 5.83 3.14
N ALA B 514 -11.10 6.18 4.30
CA ALA B 514 -10.48 7.19 5.14
C ALA B 514 -9.15 6.73 5.71
N THR B 515 -9.02 5.44 6.02
CA THR B 515 -7.74 4.92 6.46
C THR B 515 -6.66 5.12 5.41
N ALA B 516 -6.93 4.73 4.16
CA ALA B 516 -5.93 4.94 3.12
C ALA B 516 -5.67 6.41 2.90
N LEU B 517 -6.70 7.26 3.02
CA LEU B 517 -6.53 8.68 2.78
C LEU B 517 -5.75 9.35 3.90
N ILE B 518 -5.73 8.78 5.08
CA ILE B 518 -4.89 9.30 6.16
C ILE B 518 -3.47 8.76 6.06
N GLN B 519 -3.32 7.46 5.79
CA GLN B 519 -1.98 6.90 5.60
C GLN B 519 -1.32 7.38 4.32
N SER B 520 -2.02 8.15 3.49
CA SER B 520 -1.37 8.83 2.38
C SER B 520 -0.88 10.21 2.77
N LEU B 521 -0.96 10.58 4.04
CA LEU B 521 -0.48 11.87 4.48
C LEU B 521 0.98 11.85 4.92
N ASP B 522 1.51 10.69 5.31
CA ASP B 522 2.90 10.55 5.71
C ASP B 522 3.68 9.76 4.69
N SER B 523 3.39 9.99 3.40
CA SER B 523 4.06 9.24 2.34
C SER B 523 5.53 9.58 2.28
N SER B 524 5.86 10.87 2.27
CA SER B 524 7.26 11.24 2.13
C SER B 524 8.08 10.99 3.38
N ARG B 525 7.47 10.50 4.46
CA ARG B 525 8.23 10.01 5.59
C ARG B 525 8.33 8.49 5.62
N ARG B 526 7.24 7.81 5.23
CA ARG B 526 7.33 6.37 5.04
C ARG B 526 8.40 6.01 4.01
N GLN B 527 8.56 6.84 2.99
CA GLN B 527 9.54 6.53 1.96
C GLN B 527 10.96 6.73 2.45
N TYR B 528 11.19 7.72 3.31
CA TYR B 528 12.50 7.84 3.93
C TYR B 528 12.78 6.66 4.85
N GLN B 529 11.77 6.22 5.60
CA GLN B 529 11.97 5.06 6.45
C GLN B 529 12.36 3.84 5.64
N GLU B 530 11.73 3.65 4.48
CA GLU B 530 12.08 2.51 3.63
C GLU B 530 13.50 2.63 3.09
N LYS B 531 13.86 3.81 2.58
CA LYS B 531 15.22 3.96 2.06
C LYS B 531 16.26 3.76 3.15
N TYR B 532 15.96 4.17 4.38
CA TYR B 532 16.94 3.92 5.42
C TYR B 532 16.99 2.46 5.80
N LYS B 533 15.89 1.71 5.73
CA LYS B 533 16.01 0.26 6.02
C LYS B 533 16.88 -0.37 4.97
N GLN B 534 16.83 0.12 3.74
CA GLN B 534 17.72 -0.45 2.74
C GLN B 534 19.18 -0.11 3.04
N VAL B 535 19.43 1.09 3.56
CA VAL B 535 20.81 1.41 3.96
C VAL B 535 21.25 0.50 5.10
N GLU B 536 20.35 0.23 6.03
CA GLU B 536 20.64 -0.68 7.13
C GLU B 536 21.08 -2.03 6.60
N GLN B 537 20.37 -2.58 5.62
CA GLN B 537 20.68 -3.94 5.16
C GLN B 537 21.93 -3.92 4.27
N TYR B 538 22.21 -2.82 3.59
CA TYR B 538 23.51 -2.76 2.93
C TYR B 538 24.63 -2.78 3.94
N MET B 539 24.49 -1.99 5.01
CA MET B 539 25.54 -1.96 6.03
C MET B 539 25.74 -3.34 6.63
N SER B 540 24.67 -4.01 7.00
CA SER B 540 24.77 -5.37 7.53
C SER B 540 25.48 -6.29 6.55
N PHE B 541 24.99 -6.35 5.30
CA PHE B 541 25.54 -7.26 4.30
C PHE B 541 27.03 -7.10 4.09
N HIS B 542 27.61 -5.99 4.54
CA HIS B 542 29.06 -5.83 4.50
C HIS B 542 29.68 -5.75 5.90
N LYS B 543 28.82 -5.84 6.90
CA LYS B 543 29.27 -6.04 8.28
C LYS B 543 30.16 -4.87 8.69
N LEU B 544 29.61 -3.66 8.71
CA LEU B 544 30.46 -2.51 8.94
C LEU B 544 30.65 -2.27 10.43
N PRO B 545 31.81 -1.75 10.80
CA PRO B 545 32.08 -1.42 12.20
C PRO B 545 31.03 -0.46 12.75
N PRO B 546 30.60 -0.66 13.99
CA PRO B 546 29.52 0.17 14.53
C PRO B 546 29.95 1.58 14.88
N ASP B 547 31.12 1.99 14.38
CA ASP B 547 31.46 3.41 14.31
C ASP B 547 31.01 4.03 12.99
N THR B 548 31.40 3.39 11.88
CA THR B 548 30.89 3.83 10.58
C THR B 548 29.39 3.68 10.51
N ARG B 549 28.84 2.61 11.11
CA ARG B 549 27.39 2.46 11.14
C ARG B 549 26.69 3.60 11.84
N GLN B 550 27.40 4.31 12.71
CA GLN B 550 26.79 5.45 13.38
C GLN B 550 27.02 6.74 12.61
N ARG B 551 28.19 6.87 12.00
CA ARG B 551 28.46 8.07 11.15
C ARG B 551 27.43 8.10 10.03
N ILE B 552 27.17 6.96 9.41
CA ILE B 552 26.23 6.91 8.29
C ILE B 552 24.83 7.34 8.74
N HIS B 553 24.40 6.83 9.89
CA HIS B 553 23.08 7.20 10.40
C HIS B 553 23.00 8.69 10.67
N ASP B 554 24.05 9.25 11.27
CA ASP B 554 24.07 10.70 11.50
C ASP B 554 23.92 11.45 10.19
N TYR B 555 24.72 11.07 9.19
CA TYR B 555 24.68 11.78 7.91
C TYR B 555 23.31 11.70 7.28
N TYR B 556 22.71 10.51 7.27
CA TYR B 556 21.38 10.39 6.68
C TYR B 556 20.39 11.29 7.41
N GLU B 557 20.21 11.07 8.70
CA GLU B 557 19.26 11.89 9.44
C GLU B 557 19.51 13.38 9.27
N HIS B 558 20.76 13.79 9.02
CA HIS B 558 21.09 15.19 8.85
C HIS B 558 21.17 15.62 7.39
N ARG B 559 20.72 14.78 6.46
CA ARG B 559 20.60 15.20 5.08
C ARG B 559 19.18 15.10 4.56
N TYR B 560 18.46 14.04 4.91
CA TYR B 560 17.12 13.83 4.42
C TYR B 560 16.06 14.08 5.49
N GLN B 561 16.49 14.42 6.70
CA GLN B 561 15.63 15.01 7.74
C GLN B 561 14.29 14.30 7.86
N GLY B 562 14.29 12.99 7.62
CA GLY B 562 13.04 12.27 7.64
C GLY B 562 12.09 12.64 6.52
N LYS B 563 12.62 13.03 5.36
CA LYS B 563 11.76 13.38 4.23
C LYS B 563 12.60 13.34 2.96
N MET B 564 12.17 12.52 1.99
CA MET B 564 12.96 12.28 0.79
C MET B 564 12.57 13.26 -0.30
N PHE B 565 13.58 13.68 -1.06
CA PHE B 565 13.37 14.44 -2.29
C PHE B 565 14.56 14.19 -3.20
N ASP B 566 14.48 14.73 -4.42
CA ASP B 566 15.47 14.44 -5.45
C ASP B 566 15.77 15.71 -6.24
N GLU B 567 16.87 16.38 -5.89
CA GLU B 567 17.24 17.62 -6.56
C GLU B 567 17.60 17.43 -8.01
N GLU B 568 17.52 16.21 -8.53
CA GLU B 568 17.81 15.96 -9.94
C GLU B 568 16.54 15.79 -10.75
N SER B 569 15.61 14.97 -10.29
CA SER B 569 14.30 14.90 -10.94
C SER B 569 13.57 16.23 -10.80
N ILE B 570 13.50 16.77 -9.58
CA ILE B 570 12.71 17.96 -9.28
C ILE B 570 13.32 19.17 -9.99
N LEU B 571 14.46 18.99 -10.64
CA LEU B 571 14.97 20.00 -11.54
C LEU B 571 14.92 19.59 -13.00
N GLY B 572 14.71 18.30 -13.28
CA GLY B 572 14.49 17.86 -14.65
C GLY B 572 13.02 17.92 -15.01
N GLU B 573 12.17 18.18 -14.02
CA GLU B 573 10.74 18.34 -14.30
C GLU B 573 10.37 19.79 -14.51
N LEU B 574 11.08 20.71 -13.89
CA LEU B 574 10.75 22.12 -14.02
C LEU B 574 11.17 22.64 -15.38
N SER B 575 10.53 23.73 -15.81
CA SER B 575 10.91 24.36 -17.06
C SER B 575 12.25 25.08 -16.89
N GLU B 576 12.70 25.71 -17.95
CA GLU B 576 13.98 26.39 -17.87
C GLU B 576 13.89 27.69 -17.07
N PRO B 577 12.84 28.49 -17.20
CA PRO B 577 12.71 29.65 -16.31
C PRO B 577 12.73 29.28 -14.83
N LEU B 578 12.02 28.24 -14.43
CA LEU B 578 12.02 27.87 -13.01
C LEU B 578 13.34 27.25 -12.60
N ARG B 579 13.94 26.42 -13.46
CA ARG B 579 15.29 25.95 -13.19
C ARG B 579 16.21 27.12 -12.88
N GLU B 580 16.13 28.16 -13.70
CA GLU B 580 17.04 29.28 -13.50
C GLU B 580 16.65 30.12 -12.29
N GLU B 581 15.36 30.18 -11.94
CA GLU B 581 14.98 30.95 -10.72
C GLU B 581 15.52 30.25 -9.47
N ILE B 582 15.35 28.94 -9.36
CA ILE B 582 15.87 28.23 -8.20
C ILE B 582 17.39 28.27 -8.19
N ILE B 583 18.03 27.96 -9.31
CA ILE B 583 19.50 27.97 -9.34
C ILE B 583 20.04 29.34 -8.96
N ASN B 584 19.43 30.40 -9.49
CA ASN B 584 19.89 31.75 -9.17
C ASN B 584 19.69 32.07 -7.70
N PHE B 585 18.48 31.85 -7.19
CA PHE B 585 18.23 32.16 -5.79
C PHE B 585 19.17 31.39 -4.87
N ASN B 586 19.58 30.19 -5.28
CA ASN B 586 20.48 29.40 -4.46
C ASN B 586 21.90 29.96 -4.49
N CYS B 587 22.46 30.11 -5.70
CA CYS B 587 23.90 30.32 -5.85
C CYS B 587 24.30 31.74 -6.16
N ARG B 588 23.37 32.69 -6.07
CA ARG B 588 23.69 34.07 -6.53
C ARG B 588 24.76 34.67 -5.61
N LYS B 589 24.40 34.91 -4.37
CA LYS B 589 25.32 35.60 -3.47
C LYS B 589 26.61 34.82 -3.31
N LEU B 590 26.57 33.51 -3.50
CA LEU B 590 27.78 32.70 -3.37
C LEU B 590 28.73 32.95 -4.53
N VAL B 591 28.25 32.81 -5.77
CA VAL B 591 29.15 32.93 -6.91
C VAL B 591 29.50 34.39 -7.17
N ALA B 592 28.65 35.32 -6.74
CA ALA B 592 28.94 36.74 -6.94
C ALA B 592 30.07 37.22 -6.04
N SER B 593 30.35 36.50 -4.94
CA SER B 593 31.40 36.94 -4.03
C SER B 593 32.78 36.85 -4.66
N MET B 594 33.01 35.85 -5.50
CA MET B 594 34.31 35.71 -6.15
C MET B 594 34.50 36.84 -7.16
N PRO B 595 35.72 37.38 -7.28
CA PRO B 595 35.95 38.46 -8.23
C PRO B 595 36.09 37.99 -9.67
N LEU B 596 36.64 36.79 -9.86
CA LEU B 596 36.90 36.28 -11.21
C LEU B 596 35.62 35.96 -11.97
N PHE B 597 34.50 35.78 -11.26
CA PHE B 597 33.22 35.53 -11.90
C PHE B 597 32.29 36.73 -11.90
N ALA B 598 32.23 37.49 -10.81
CA ALA B 598 31.32 38.63 -10.73
C ALA B 598 31.61 39.66 -11.81
N ASN B 599 32.86 39.71 -12.30
CA ASN B 599 33.20 40.64 -13.37
C ASN B 599 32.72 40.18 -14.74
N ALA B 600 32.43 38.89 -14.90
CA ALA B 600 31.95 38.38 -16.17
C ALA B 600 30.47 38.74 -16.35
N ASP B 601 29.90 38.26 -17.44
CA ASP B 601 28.53 38.66 -17.71
C ASP B 601 27.56 37.54 -17.38
N PRO B 602 26.30 37.91 -17.10
CA PRO B 602 25.28 36.90 -16.76
C PRO B 602 25.26 35.69 -17.68
N ASN B 603 25.55 35.86 -18.97
CA ASN B 603 25.62 34.70 -19.86
C ASN B 603 26.56 33.63 -19.30
N PHE B 604 27.83 33.99 -19.09
CA PHE B 604 28.79 33.02 -18.57
C PHE B 604 28.46 32.62 -17.14
N VAL B 605 28.08 33.59 -16.30
CA VAL B 605 27.77 33.27 -14.91
C VAL B 605 26.70 32.19 -14.84
N THR B 606 25.51 32.48 -15.36
CA THR B 606 24.37 31.57 -15.22
C THR B 606 24.40 30.44 -16.23
N SER B 607 25.39 30.39 -17.12
CA SER B 607 25.67 29.15 -17.84
C SER B 607 26.65 28.27 -17.10
N MET B 608 27.40 28.84 -16.15
CA MET B 608 28.28 28.07 -15.29
C MET B 608 27.54 27.50 -14.09
N LEU B 609 26.71 28.31 -13.44
CA LEU B 609 26.04 27.94 -12.20
C LEU B 609 25.26 26.64 -12.30
N THR B 610 25.04 26.15 -13.51
CA THR B 610 24.34 24.89 -13.68
C THR B 610 25.27 23.69 -13.53
N LYS B 611 26.53 23.91 -13.15
CA LYS B 611 27.47 22.84 -12.83
C LYS B 611 27.73 22.70 -11.34
N LEU B 612 27.18 23.60 -10.52
CA LEU B 612 27.33 23.51 -9.08
C LEU B 612 26.69 22.21 -8.57
N ARG B 613 27.18 21.72 -7.44
CA ARG B 613 26.68 20.51 -6.82
C ARG B 613 26.46 20.75 -5.33
N PHE B 614 25.47 20.07 -4.79
CA PHE B 614 25.17 20.16 -3.36
C PHE B 614 25.87 19.04 -2.60
N GLU B 615 26.26 19.33 -1.36
CA GLU B 615 27.14 18.47 -0.58
C GLU B 615 27.02 18.84 0.88
N VAL B 616 26.86 17.85 1.75
CA VAL B 616 26.60 18.07 3.17
C VAL B 616 27.66 17.28 3.93
N PHE B 617 28.76 17.93 4.28
CA PHE B 617 29.82 17.23 4.99
C PHE B 617 29.44 17.06 6.46
N GLN B 618 30.38 16.55 7.24
CA GLN B 618 30.12 16.13 8.61
C GLN B 618 31.28 16.54 9.50
N PRO B 619 31.00 17.04 10.72
CA PRO B 619 32.09 17.56 11.55
C PRO B 619 33.21 16.55 11.74
N GLY B 620 34.37 16.87 11.18
CA GLY B 620 35.54 16.01 11.25
C GLY B 620 36.08 15.56 9.91
N ASP B 621 35.33 15.72 8.83
CA ASP B 621 35.83 15.28 7.53
C ASP B 621 36.96 16.17 7.06
N TYR B 622 37.78 15.63 6.15
CA TYR B 622 38.82 16.41 5.49
C TYR B 622 38.31 16.80 4.10
N ILE B 623 37.45 17.82 4.09
CA ILE B 623 36.88 18.33 2.85
C ILE B 623 37.97 18.54 1.81
N ILE B 624 39.15 18.96 2.23
CA ILE B 624 40.36 18.92 1.42
C ILE B 624 41.37 18.03 2.12
N ARG B 625 42.17 17.32 1.34
CA ARG B 625 43.27 16.53 1.88
C ARG B 625 44.57 17.29 1.66
N GLU B 626 45.43 17.29 2.68
CA GLU B 626 46.64 18.10 2.64
C GLU B 626 47.55 17.65 1.51
N GLY B 627 48.08 18.61 0.76
CA GLY B 627 48.98 18.35 -0.35
C GLY B 627 48.45 17.31 -1.32
N THR B 628 47.25 17.52 -1.84
CA THR B 628 46.58 16.53 -2.65
C THR B 628 45.95 17.21 -3.86
N ILE B 629 45.60 16.41 -4.86
CA ILE B 629 44.96 16.92 -6.06
C ILE B 629 43.56 17.44 -5.72
N GLY B 630 43.30 18.68 -6.09
CA GLY B 630 42.09 19.38 -5.71
C GLY B 630 41.11 19.59 -6.84
N LYS B 631 40.87 18.52 -7.62
CA LYS B 631 40.16 18.63 -8.90
C LYS B 631 38.90 19.48 -8.83
N LYS B 632 38.27 19.62 -7.67
CA LYS B 632 37.09 20.48 -7.55
C LYS B 632 37.37 21.59 -6.55
N MET B 633 36.75 22.74 -6.79
CA MET B 633 36.79 23.84 -5.85
C MET B 633 35.41 24.02 -5.23
N TYR B 634 35.40 24.42 -3.97
CA TYR B 634 34.17 24.45 -3.19
C TYR B 634 33.72 25.87 -2.94
N PHE B 635 32.41 26.04 -2.86
CA PHE B 635 31.79 27.29 -2.42
C PHE B 635 30.95 26.96 -1.20
N ILE B 636 31.30 27.55 -0.07
CA ILE B 636 30.56 27.23 1.13
C ILE B 636 29.23 27.97 1.10
N GLN B 637 28.24 27.41 1.80
CA GLN B 637 26.89 27.92 1.82
C GLN B 637 26.30 27.99 3.22
N HIS B 638 26.93 27.35 4.19
CA HIS B 638 26.40 27.26 5.55
C HIS B 638 27.49 26.66 6.42
N GLY B 639 27.19 26.51 7.71
CA GLY B 639 28.15 25.96 8.63
C GLY B 639 29.40 26.82 8.73
N VAL B 640 30.49 26.19 9.17
CA VAL B 640 31.77 26.87 9.25
C VAL B 640 32.90 25.86 9.11
N VAL B 641 33.86 26.16 8.25
CA VAL B 641 35.02 25.30 8.08
C VAL B 641 36.22 25.99 8.72
N SER B 642 37.32 25.25 8.83
CA SER B 642 38.58 25.80 9.32
C SER B 642 39.71 25.27 8.44
N VAL B 643 40.23 26.13 7.56
CA VAL B 643 41.38 25.76 6.78
C VAL B 643 42.56 25.54 7.72
N LEU B 644 43.42 24.59 7.38
CA LEU B 644 44.59 24.28 8.20
C LEU B 644 45.83 24.23 7.33
N THR B 645 46.95 24.62 7.93
CA THR B 645 48.27 24.53 7.32
C THR B 645 49.26 24.07 8.37
N LYS B 646 50.36 23.46 7.90
CA LYS B 646 51.45 23.12 8.80
C LYS B 646 52.09 24.37 9.38
N GLY B 647 52.26 25.41 8.56
CA GLY B 647 52.83 26.66 9.02
C GLY B 647 51.81 27.61 9.62
N ASN B 648 50.77 27.94 8.85
CA ASN B 648 49.71 28.79 9.37
C ASN B 648 49.04 28.13 10.56
N LYS B 649 48.59 28.94 11.51
CA LYS B 649 48.02 28.40 12.74
C LYS B 649 46.55 28.00 12.55
N GLU B 650 45.69 28.98 12.33
CA GLU B 650 44.26 28.72 12.15
C GLU B 650 43.68 29.76 11.20
N THR B 651 42.47 29.48 10.73
CA THR B 651 41.66 30.38 9.91
C THR B 651 40.29 29.75 9.71
N LYS B 652 39.29 30.58 9.50
CA LYS B 652 37.91 30.13 9.38
C LYS B 652 37.22 30.79 8.21
N LEU B 653 36.14 30.17 7.76
CA LEU B 653 35.23 30.73 6.77
C LEU B 653 33.84 30.20 7.07
N ALA B 654 32.80 30.97 6.73
CA ALA B 654 31.45 30.54 7.04
C ALA B 654 30.44 31.35 6.25
N ASP B 655 29.24 30.77 6.15
CA ASP B 655 27.99 31.44 5.71
C ASP B 655 28.21 32.39 4.54
N GLY B 656 28.71 31.84 3.44
CA GLY B 656 28.82 32.58 2.20
C GLY B 656 30.22 32.90 1.74
N SER B 657 31.24 32.27 2.31
CA SER B 657 32.61 32.51 1.91
C SER B 657 32.94 31.63 0.70
N TYR B 658 34.21 31.50 0.35
CA TYR B 658 34.62 30.65 -0.74
C TYR B 658 36.11 30.34 -0.61
N PHE B 659 36.49 29.09 -0.87
CA PHE B 659 37.89 28.69 -0.78
C PHE B 659 38.21 27.73 -1.92
N GLY B 660 39.49 27.39 -2.02
CA GLY B 660 39.95 26.52 -3.09
C GLY B 660 40.23 27.20 -4.40
N GLU B 661 40.73 28.44 -4.38
CA GLU B 661 40.93 29.19 -5.61
C GLU B 661 42.21 28.81 -6.35
N ILE B 662 43.18 28.24 -5.65
CA ILE B 662 44.47 27.92 -6.25
C ILE B 662 44.40 26.84 -7.31
N CYS B 663 43.23 26.20 -7.49
CA CYS B 663 43.12 25.04 -8.35
C CYS B 663 42.55 25.35 -9.73
N LEU B 664 41.71 26.38 -9.84
CA LEU B 664 40.97 26.59 -11.09
C LEU B 664 41.91 26.97 -12.23
N LEU B 665 42.70 28.03 -12.04
CA LEU B 665 43.56 28.51 -13.12
C LEU B 665 44.63 27.49 -13.47
N THR B 666 45.26 26.89 -12.45
CA THR B 666 46.33 25.93 -12.68
C THR B 666 46.14 24.73 -11.77
N ARG B 667 46.51 23.56 -12.27
CA ARG B 667 46.39 22.33 -11.52
C ARG B 667 47.71 22.01 -10.81
N GLY B 668 47.58 21.57 -9.57
CA GLY B 668 48.76 21.21 -8.79
C GLY B 668 48.35 20.48 -7.53
N ARG B 669 49.02 20.82 -6.44
CA ARG B 669 48.74 20.24 -5.13
C ARG B 669 48.24 21.32 -4.18
N ARG B 670 47.20 20.98 -3.41
CA ARG B 670 46.61 21.94 -2.50
C ARG B 670 47.59 22.30 -1.39
N THR B 671 47.68 23.59 -1.09
CA THR B 671 48.58 24.10 -0.07
C THR B 671 48.00 24.04 1.34
N ALA B 672 46.88 23.35 1.52
CA ALA B 672 46.20 23.35 2.82
C ALA B 672 45.32 22.12 2.92
N SER B 673 44.53 22.07 3.99
CA SER B 673 43.57 21.01 4.23
C SER B 673 42.56 21.52 5.23
N VAL B 674 41.28 21.51 4.87
CA VAL B 674 40.23 22.12 5.68
C VAL B 674 39.47 21.02 6.37
N ARG B 675 38.73 21.38 7.41
CA ARG B 675 37.93 20.44 8.16
C ARG B 675 36.55 21.00 8.41
N ALA B 676 35.53 20.16 8.24
CA ALA B 676 34.19 20.52 8.65
C ALA B 676 34.15 20.63 10.16
N ASP B 677 33.98 21.85 10.68
CA ASP B 677 33.84 22.03 12.12
C ASP B 677 32.40 21.91 12.56
N THR B 678 31.45 22.07 11.65
CA THR B 678 30.06 21.71 11.91
C THR B 678 29.48 21.10 10.63
N TYR B 679 28.17 20.93 10.58
CA TYR B 679 27.57 20.28 9.43
C TYR B 679 27.57 21.20 8.23
N CYS B 680 28.73 21.36 7.59
CA CYS B 680 28.85 22.26 6.46
C CYS B 680 27.91 21.86 5.34
N ARG B 681 27.70 22.80 4.42
CA ARG B 681 26.73 22.60 3.34
C ARG B 681 27.28 23.15 2.04
N LEU B 682 28.53 22.83 1.74
CA LEU B 682 29.27 23.44 0.65
C LEU B 682 28.54 23.24 -0.68
N TYR B 683 29.02 23.96 -1.70
CA TYR B 683 28.53 23.80 -3.07
C TYR B 683 29.72 23.50 -3.95
N SER B 684 29.74 22.29 -4.51
CA SER B 684 30.88 21.83 -5.28
C SER B 684 30.97 22.55 -6.61
N LEU B 685 32.16 22.58 -7.19
CA LEU B 685 32.40 23.20 -8.49
C LEU B 685 33.60 22.53 -9.12
N SER B 686 33.36 21.59 -10.03
CA SER B 686 34.44 20.81 -10.62
C SER B 686 35.21 21.65 -11.64
N VAL B 687 36.20 21.03 -12.28
CA VAL B 687 36.97 21.69 -13.32
C VAL B 687 36.67 21.15 -14.71
N ASP B 688 36.24 19.89 -14.84
CA ASP B 688 35.84 19.40 -16.16
C ASP B 688 34.57 20.10 -16.63
N ASN B 689 33.57 20.21 -15.76
CA ASN B 689 32.42 21.03 -16.08
C ASN B 689 32.85 22.47 -16.33
N PHE B 690 33.82 22.95 -15.55
CA PHE B 690 34.30 24.32 -15.70
C PHE B 690 34.83 24.57 -17.10
N ASN B 691 35.78 23.75 -17.55
CA ASN B 691 36.37 24.01 -18.87
C ASN B 691 35.45 23.59 -20.01
N GLU B 692 34.44 22.77 -19.75
CA GLU B 692 33.42 22.54 -20.77
C GLU B 692 32.58 23.79 -20.97
N VAL B 693 32.14 24.43 -19.88
CA VAL B 693 31.48 25.73 -20.01
C VAL B 693 32.45 26.75 -20.59
N LEU B 694 33.74 26.62 -20.28
CA LEU B 694 34.74 27.59 -20.69
C LEU B 694 34.93 27.58 -22.20
N GLU B 695 35.13 26.38 -22.78
CA GLU B 695 35.33 26.28 -24.22
C GLU B 695 34.11 26.76 -25.00
N GLU B 696 32.96 26.89 -24.34
CA GLU B 696 31.82 27.55 -24.95
C GLU B 696 31.97 29.07 -24.92
N TYR B 697 32.75 29.59 -23.97
CA TYR B 697 32.96 31.02 -23.84
C TYR B 697 34.43 31.39 -24.07
N PRO B 698 34.87 31.50 -25.33
CA PRO B 698 36.26 31.90 -25.57
C PRO B 698 36.57 33.29 -25.05
N MET B 699 35.57 34.17 -25.03
CA MET B 699 35.74 35.53 -24.52
C MET B 699 36.44 35.53 -23.17
N MET B 700 35.93 34.76 -22.22
CA MET B 700 36.57 34.64 -20.92
C MET B 700 37.58 33.49 -20.87
N ARG B 701 37.62 32.63 -21.88
CA ARG B 701 38.67 31.63 -21.94
C ARG B 701 40.04 32.27 -22.14
N ARG B 702 40.08 33.38 -22.87
CA ARG B 702 41.37 34.03 -23.09
C ARG B 702 41.85 34.77 -21.84
N ALA B 703 40.95 35.47 -21.14
CA ALA B 703 41.36 36.40 -20.09
C ALA B 703 41.70 35.73 -18.77
N PHE B 704 41.40 34.43 -18.61
CA PHE B 704 41.66 33.79 -17.32
C PHE B 704 43.14 33.55 -17.08
N GLU B 705 43.93 33.39 -18.15
CA GLU B 705 45.35 33.08 -17.99
C GLU B 705 46.07 34.14 -17.15
N THR B 706 45.62 35.39 -17.21
CA THR B 706 46.24 36.47 -16.45
C THR B 706 45.48 36.73 -15.15
N ARG C 217 22.72 33.40 40.23
CA ARG C 217 23.36 33.65 38.94
C ARG C 217 23.84 32.35 38.30
N GLN C 218 24.49 31.51 39.10
CA GLN C 218 25.01 30.25 38.57
C GLN C 218 23.89 29.28 38.22
N PHE C 219 22.74 29.38 38.88
CA PHE C 219 21.61 28.54 38.50
C PHE C 219 21.04 28.93 37.15
N GLY C 220 21.32 30.14 36.67
CA GLY C 220 20.96 30.54 35.33
C GLY C 220 21.76 29.89 34.23
N ALA C 221 22.56 28.88 34.56
CA ALA C 221 23.34 28.14 33.58
C ALA C 221 22.64 26.88 33.09
N MET C 222 21.77 26.28 33.91
CA MET C 222 20.96 25.16 33.46
C MET C 222 19.96 25.56 32.39
N LEU C 223 19.64 26.85 32.26
CA LEU C 223 18.70 27.32 31.26
C LEU C 223 19.27 27.31 29.85
N GLN C 224 20.51 26.86 29.70
CA GLN C 224 21.18 26.73 28.42
C GLN C 224 21.61 25.28 28.22
N PRO C 225 21.53 24.76 26.99
CA PRO C 225 21.83 23.33 26.79
C PRO C 225 23.26 23.00 27.19
N GLY C 226 23.46 21.76 27.61
CA GLY C 226 24.75 21.31 28.10
C GLY C 226 25.27 20.10 27.35
N VAL C 227 26.39 19.60 27.83
CA VAL C 227 26.99 18.38 27.30
C VAL C 227 26.19 17.19 27.84
N ASN C 228 25.56 16.45 26.93
CA ASN C 228 24.69 15.34 27.30
C ASN C 228 24.45 14.50 26.07
N LYS C 229 24.35 13.18 26.30
CA LYS C 229 24.25 12.22 25.20
C LYS C 229 23.16 12.61 24.20
N PHE C 230 22.04 13.14 24.70
CA PHE C 230 21.00 13.59 23.79
C PHE C 230 21.43 14.84 23.04
N SER C 231 21.91 15.85 23.77
CA SER C 231 22.40 17.05 23.11
C SER C 231 23.59 16.75 22.22
N LEU C 232 24.53 15.93 22.72
CA LEU C 232 25.69 15.57 21.92
C LEU C 232 25.27 14.89 20.62
N ARG C 233 24.35 13.93 20.70
CA ARG C 233 23.92 13.21 19.50
C ARG C 233 23.18 14.14 18.55
N MET C 234 22.23 14.93 19.06
CA MET C 234 21.44 15.80 18.20
C MET C 234 22.24 16.96 17.66
N PHE C 235 23.44 17.19 18.18
CA PHE C 235 24.30 18.27 17.70
C PHE C 235 25.51 17.78 16.94
N GLY C 236 26.11 16.66 17.35
CA GLY C 236 27.17 16.05 16.59
C GLY C 236 28.54 16.13 17.24
N SER C 237 28.83 17.27 17.87
CA SER C 237 30.13 17.49 18.47
C SER C 237 30.00 18.47 19.62
N GLN C 238 30.82 18.27 20.66
CA GLN C 238 30.81 19.18 21.80
C GLN C 238 31.06 20.61 21.38
N LYS C 239 31.84 20.81 20.32
CA LYS C 239 31.99 22.17 19.78
C LYS C 239 30.64 22.73 19.37
N ALA C 240 29.80 21.92 18.74
CA ALA C 240 28.46 22.38 18.40
C ALA C 240 27.65 22.67 19.65
N VAL C 241 27.88 21.92 20.73
CA VAL C 241 27.16 22.16 21.97
C VAL C 241 27.52 23.53 22.54
N GLU C 242 28.81 23.84 22.61
CA GLU C 242 29.19 25.17 23.10
C GLU C 242 28.77 26.25 22.11
N ARG C 243 28.75 25.90 20.83
CA ARG C 243 28.31 26.85 19.79
C ARG C 243 26.95 27.41 20.20
N GLU C 244 25.94 26.55 20.32
CA GLU C 244 24.57 27.01 20.67
C GLU C 244 24.61 27.66 22.05
N GLN C 245 25.33 27.03 22.98
CA GLN C 245 25.46 27.60 24.34
C GLN C 245 25.73 29.10 24.17
N GLU C 246 26.60 29.48 23.23
CA GLU C 246 26.85 30.89 22.98
C GLU C 246 25.73 31.54 22.20
N ARG C 247 25.13 30.80 21.26
CA ARG C 247 24.00 31.35 20.51
C ARG C 247 22.86 31.74 21.45
N VAL C 248 22.65 30.97 22.51
CA VAL C 248 21.70 31.39 23.53
C VAL C 248 22.29 32.53 24.37
N LYS C 249 23.58 32.45 24.66
CA LYS C 249 24.24 33.47 25.48
C LYS C 249 24.21 34.83 24.81
N SER C 250 23.74 34.88 23.57
CA SER C 250 23.35 36.16 22.98
C SER C 250 22.24 36.85 23.76
N ALA C 251 21.69 36.20 24.79
CA ALA C 251 20.56 36.74 25.54
C ALA C 251 21.01 37.65 26.67
N GLY C 252 20.16 38.60 27.02
CA GLY C 252 20.33 39.39 28.22
C GLY C 252 19.53 38.86 29.39
N PHE C 253 18.23 38.62 29.18
CA PHE C 253 17.36 38.10 30.22
C PHE C 253 17.22 36.59 30.06
N TRP C 254 16.93 35.93 31.19
CA TRP C 254 16.84 34.48 31.22
C TRP C 254 15.85 33.97 30.19
N ILE C 255 16.34 33.26 29.19
CA ILE C 255 15.50 32.61 28.19
C ILE C 255 15.72 31.11 28.30
N ILE C 256 14.62 30.36 28.37
CA ILE C 256 14.68 28.92 28.52
C ILE C 256 15.02 28.32 27.16
N HIS C 257 16.14 27.63 27.08
CA HIS C 257 16.41 26.86 25.87
C HIS C 257 15.61 25.56 25.92
N PRO C 258 14.85 25.26 24.87
CA PRO C 258 13.98 24.07 24.93
C PRO C 258 14.71 22.80 25.27
N TYR C 259 16.02 22.72 25.00
CA TYR C 259 16.80 21.54 25.31
C TYR C 259 17.58 21.70 26.61
N SER C 260 17.35 22.79 27.33
CA SER C 260 18.01 22.99 28.61
C SER C 260 17.47 22.00 29.63
N ASP C 261 18.37 21.32 30.33
CA ASP C 261 18.01 20.32 31.32
C ASP C 261 16.90 20.82 32.23
N PHE C 262 16.89 22.14 32.49
CA PHE C 262 15.80 22.72 33.25
C PHE C 262 14.46 22.44 32.60
N ARG C 263 14.33 22.76 31.31
CA ARG C 263 13.05 22.54 30.66
C ARG C 263 12.73 21.06 30.52
N PHE C 264 13.74 20.20 30.43
CA PHE C 264 13.42 18.77 30.36
C PHE C 264 12.84 18.27 31.68
N TYR C 265 13.42 18.67 32.81
CA TYR C 265 12.86 18.23 34.08
C TYR C 265 11.52 18.90 34.35
N TRP C 266 11.41 20.17 34.01
CA TRP C 266 10.12 20.86 33.97
C TRP C 266 9.08 20.02 33.25
N ASP C 267 9.35 19.68 31.98
CA ASP C 267 8.37 18.96 31.17
C ASP C 267 8.11 17.58 31.71
N LEU C 268 9.06 16.96 32.38
CA LEU C 268 8.79 15.67 33.02
C LEU C 268 7.76 15.83 34.13
N THR C 269 8.01 16.77 35.04
CA THR C 269 7.02 17.02 36.09
C THR C 269 5.68 17.41 35.51
N MET C 270 5.69 18.20 34.45
CA MET C 270 4.44 18.67 33.87
C MET C 270 3.72 17.57 33.11
N LEU C 271 4.45 16.60 32.57
CA LEU C 271 3.79 15.45 31.97
C LEU C 271 3.12 14.61 33.04
N LEU C 272 3.79 14.43 34.18
CA LEU C 272 3.15 13.75 35.30
C LEU C 272 1.89 14.49 35.72
N LEU C 273 1.96 15.82 35.83
CA LEU C 273 0.79 16.60 36.23
C LEU C 273 -0.34 16.46 35.24
N MET C 274 -0.05 16.58 33.94
CA MET C 274 -1.11 16.52 32.95
C MET C 274 -1.79 15.15 32.95
N VAL C 275 -1.01 14.08 33.06
CA VAL C 275 -1.63 12.75 33.08
C VAL C 275 -2.47 12.58 34.34
N GLY C 276 -1.93 12.98 35.48
CA GLY C 276 -2.69 12.91 36.71
C GLY C 276 -3.99 13.67 36.63
N ASN C 277 -3.99 14.84 36.00
CA ASN C 277 -5.21 15.62 35.91
C ASN C 277 -6.19 15.01 34.92
N LEU C 278 -5.72 14.59 33.76
CA LEU C 278 -6.66 14.01 32.79
C LEU C 278 -7.29 12.73 33.31
N ILE C 279 -6.62 12.03 34.23
CA ILE C 279 -7.25 10.86 34.82
C ILE C 279 -8.11 11.20 36.02
N ILE C 280 -7.73 12.20 36.81
CA ILE C 280 -8.38 12.44 38.09
C ILE C 280 -9.51 13.45 38.01
N ILE C 281 -9.46 14.38 37.07
CA ILE C 281 -10.48 15.43 36.96
C ILE C 281 -11.84 14.78 36.67
N PRO C 282 -12.03 14.06 35.55
CA PRO C 282 -13.38 13.54 35.26
C PRO C 282 -13.93 12.67 36.37
N VAL C 283 -13.11 11.78 36.92
CA VAL C 283 -13.57 10.88 37.97
C VAL C 283 -13.98 11.67 39.20
N GLY C 284 -13.48 12.88 39.35
CA GLY C 284 -13.81 13.66 40.53
C GLY C 284 -15.03 14.50 40.29
N ILE C 285 -15.20 14.96 39.05
CA ILE C 285 -16.41 15.69 38.69
C ILE C 285 -17.63 14.80 38.82
N THR C 286 -17.63 13.68 38.09
CA THR C 286 -18.86 12.92 37.91
C THR C 286 -19.27 12.21 39.19
N PHE C 287 -18.44 11.28 39.66
CA PHE C 287 -18.70 10.60 40.92
C PHE C 287 -18.33 11.54 42.06
N PHE C 288 -18.36 11.04 43.29
CA PHE C 288 -18.09 11.85 44.47
C PHE C 288 -19.03 13.05 44.54
N LYS C 289 -20.31 12.74 44.71
CA LYS C 289 -21.31 13.76 45.08
C LYS C 289 -20.73 14.66 46.16
N ASP C 290 -21.00 15.95 46.07
CA ASP C 290 -20.40 16.93 46.98
C ASP C 290 -18.87 16.75 46.96
N GLU C 291 -18.32 17.06 45.78
CA GLU C 291 -16.93 16.72 45.51
C GLU C 291 -15.96 17.59 46.30
N ASN C 292 -16.37 18.80 46.66
CA ASN C 292 -15.48 19.69 47.41
C ASN C 292 -15.26 19.17 48.82
N THR C 293 -14.03 18.77 49.11
CA THR C 293 -13.61 18.32 50.43
C THR C 293 -12.37 19.11 50.82
N THR C 294 -11.81 18.82 52.00
CA THR C 294 -10.55 19.46 52.36
C THR C 294 -9.42 19.13 51.39
N PRO C 295 -9.26 17.88 50.90
CA PRO C 295 -8.39 17.67 49.75
C PRO C 295 -9.11 18.02 48.46
N TRP C 296 -8.45 17.78 47.33
CA TRP C 296 -8.95 17.97 45.98
C TRP C 296 -9.07 19.45 45.64
N ILE C 297 -9.16 20.30 46.65
CA ILE C 297 -9.04 21.73 46.42
C ILE C 297 -7.59 22.16 46.47
N VAL C 298 -6.84 21.65 47.43
CA VAL C 298 -5.38 21.71 47.38
C VAL C 298 -4.89 21.16 46.04
N PHE C 299 -5.49 20.06 45.59
CA PHE C 299 -5.05 19.46 44.34
C PHE C 299 -5.30 20.39 43.16
N ASN C 300 -6.51 20.91 43.03
CA ASN C 300 -6.79 21.81 41.92
C ASN C 300 -5.92 23.07 41.99
N VAL C 301 -5.64 23.58 43.19
CA VAL C 301 -4.90 24.84 43.23
C VAL C 301 -3.42 24.61 42.96
N VAL C 302 -2.85 23.50 43.43
CA VAL C 302 -1.47 23.17 43.09
C VAL C 302 -1.33 22.96 41.60
N SER C 303 -2.24 22.19 41.01
CA SER C 303 -2.21 21.98 39.57
C SER C 303 -2.37 23.30 38.83
N ASP C 304 -3.18 24.21 39.36
CA ASP C 304 -3.39 25.47 38.68
C ASP C 304 -2.17 26.35 38.76
N THR C 305 -1.47 26.35 39.89
CA THR C 305 -0.23 27.10 40.00
C THR C 305 0.83 26.57 39.04
N PHE C 306 1.02 25.25 39.02
CA PHE C 306 1.99 24.68 38.10
C PHE C 306 1.64 25.00 36.66
N PHE C 307 0.36 24.91 36.30
CA PHE C 307 -0.01 25.17 34.92
C PHE C 307 0.01 26.66 34.59
N LEU C 308 -0.12 27.52 35.59
CA LEU C 308 0.02 28.96 35.34
C LEU C 308 1.48 29.33 35.14
N ILE C 309 2.38 28.73 35.91
CA ILE C 309 3.80 28.88 35.64
C ILE C 309 4.12 28.34 34.26
N ASP C 310 3.48 27.25 33.87
CA ASP C 310 3.61 26.77 32.50
C ASP C 310 3.17 27.83 31.50
N LEU C 311 2.07 28.53 31.80
CA LEU C 311 1.60 29.57 30.90
C LEU C 311 2.58 30.71 30.80
N VAL C 312 3.17 31.12 31.93
CA VAL C 312 4.09 32.26 31.92
C VAL C 312 5.41 31.86 31.25
N LEU C 313 6.10 30.87 31.81
CA LEU C 313 7.34 30.38 31.22
C LEU C 313 7.14 29.82 29.82
N ASN C 314 5.88 29.75 29.37
CA ASN C 314 5.65 29.34 27.96
C ASN C 314 6.01 30.50 27.02
N PHE C 315 5.74 31.75 27.43
CA PHE C 315 6.14 32.91 26.61
C PHE C 315 7.68 33.02 26.54
N ARG C 316 8.35 32.88 27.69
CA ARG C 316 9.83 33.05 27.73
C ARG C 316 10.51 31.68 27.50
N THR C 317 10.46 31.18 26.27
CA THR C 317 11.03 29.83 26.01
C THR C 317 11.69 29.77 24.64
N GLY C 318 12.56 28.78 24.43
CA GLY C 318 13.16 28.58 23.10
C GLY C 318 12.27 27.69 22.26
N ILE C 319 11.88 28.15 21.08
CA ILE C 319 11.16 27.31 20.07
C ILE C 319 12.19 26.69 19.12
N VAL C 320 11.87 25.55 18.50
CA VAL C 320 12.79 24.91 17.52
C VAL C 320 12.03 24.59 16.23
N VAL C 321 12.57 25.01 15.07
CA VAL C 321 11.93 24.71 13.76
C VAL C 321 12.97 24.13 12.80
N GLU C 322 12.68 22.97 12.19
CA GLU C 322 13.58 22.36 11.16
C GLU C 322 14.86 21.83 11.82
N ASP C 323 14.88 21.76 13.16
CA ASP C 323 16.08 21.30 13.91
C ASP C 323 17.09 22.46 13.96
N ASN C 324 16.76 23.55 13.27
CA ASN C 324 17.54 24.82 13.30
C ASN C 324 17.11 25.60 14.54
N THR C 325 18.08 26.12 15.30
CA THR C 325 17.70 26.79 16.57
C THR C 325 16.79 27.95 16.21
N ASP C 326 15.65 28.06 16.88
CA ASP C 326 14.74 29.21 16.63
C ASP C 326 14.73 30.08 17.88
N ILE C 327 15.68 29.89 18.78
CA ILE C 327 15.58 30.64 20.06
C ILE C 327 15.38 32.08 19.64
N ILE C 328 14.29 32.72 20.10
CA ILE C 328 13.99 34.09 19.62
C ILE C 328 14.18 35.04 20.79
N LEU C 329 15.18 35.90 20.70
CA LEU C 329 15.46 36.81 21.83
C LEU C 329 14.26 37.72 22.00
N ASP C 330 13.73 38.22 20.87
CA ASP C 330 12.61 39.17 20.97
C ASP C 330 11.51 38.49 21.76
N PRO C 331 11.14 38.92 23.01
CA PRO C 331 10.00 38.35 23.72
C PRO C 331 8.74 38.47 22.85
N ARG C 332 8.57 39.60 22.16
CA ARG C 332 7.34 39.81 21.35
C ARG C 332 7.22 38.74 20.28
N ARG C 333 8.32 38.45 19.56
CA ARG C 333 8.36 37.45 18.45
C ARG C 333 7.93 36.07 18.93
N ILE C 334 8.47 35.61 20.07
CA ILE C 334 8.07 34.31 20.69
C ILE C 334 6.65 34.46 21.26
N LYS C 335 6.38 35.61 21.89
CA LYS C 335 5.03 35.84 22.47
C LYS C 335 4.01 35.81 21.33
N MET C 336 4.32 36.46 20.21
CA MET C 336 3.34 36.53 19.09
C MET C 336 3.08 35.10 18.58
N LYS C 337 4.15 34.31 18.42
CA LYS C 337 3.98 32.94 17.87
C LYS C 337 3.11 32.13 18.83
N TYR C 338 3.38 32.24 20.13
CA TYR C 338 2.61 31.47 21.15
C TYR C 338 1.15 31.93 21.13
N LEU C 339 0.92 33.24 21.04
CA LEU C 339 -0.46 33.79 21.00
C LEU C 339 -1.21 33.13 19.84
N LYS C 340 -0.57 33.11 18.66
CA LYS C 340 -1.20 32.54 17.48
C LYS C 340 -1.58 31.09 17.73
N SER C 341 -0.64 30.30 18.24
CA SER C 341 -0.83 28.84 18.25
C SER C 341 -1.70 28.37 19.42
N TRP C 342 -1.23 28.54 20.66
CA TRP C 342 -1.85 27.79 21.75
C TRP C 342 -2.11 28.57 23.02
N PHE C 343 -1.65 29.82 23.14
CA PHE C 343 -1.86 30.59 24.34
C PHE C 343 -3.34 30.70 24.71
N VAL C 344 -4.23 30.71 23.72
CA VAL C 344 -5.65 30.88 24.01
C VAL C 344 -6.21 29.69 24.79
N VAL C 345 -6.00 28.48 24.28
CA VAL C 345 -6.51 27.32 25.01
C VAL C 345 -5.75 27.13 26.30
N ASP C 346 -4.45 27.44 26.33
CA ASP C 346 -3.73 27.27 27.58
C ASP C 346 -4.24 28.23 28.65
N PHE C 347 -4.62 29.44 28.26
CA PHE C 347 -5.24 30.36 29.20
C PHE C 347 -6.60 29.85 29.66
N VAL C 348 -7.41 29.38 28.72
CA VAL C 348 -8.75 28.93 29.10
C VAL C 348 -8.68 27.70 30.00
N SER C 349 -7.61 26.91 29.89
CA SER C 349 -7.47 25.70 30.67
C SER C 349 -6.48 25.86 31.82
N SER C 350 -6.02 27.07 32.10
CA SER C 350 -5.13 27.32 33.23
C SER C 350 -5.88 27.87 34.44
N ILE C 351 -6.58 28.99 34.28
CA ILE C 351 -7.25 29.63 35.41
C ILE C 351 -8.42 28.75 35.87
N PRO C 352 -8.66 28.64 37.17
CA PRO C 352 -9.85 27.89 37.63
C PRO C 352 -11.14 28.64 37.33
N VAL C 353 -11.61 28.52 36.10
CA VAL C 353 -12.79 29.26 35.64
C VAL C 353 -14.00 28.93 36.50
N ASP C 354 -14.13 27.67 36.94
CA ASP C 354 -15.28 27.34 37.75
C ASP C 354 -15.25 28.06 39.09
N TYR C 355 -14.07 28.27 39.67
CA TYR C 355 -13.98 28.97 40.94
C TYR C 355 -14.36 30.44 40.80
N ILE C 356 -13.90 31.11 39.74
CA ILE C 356 -14.28 32.51 39.57
C ILE C 356 -15.76 32.63 39.23
N PHE C 357 -16.32 31.65 38.52
CA PHE C 357 -17.76 31.64 38.29
C PHE C 357 -18.52 31.52 39.60
N LEU C 358 -18.13 30.55 40.43
CA LEU C 358 -18.75 30.39 41.75
C LEU C 358 -18.62 31.66 42.56
N ILE C 359 -17.50 32.37 42.45
CA ILE C 359 -17.29 33.58 43.25
C ILE C 359 -18.21 34.70 42.77
N VAL C 360 -18.27 34.92 41.45
CA VAL C 360 -19.14 35.97 40.94
C VAL C 360 -20.60 35.63 41.13
N GLU C 361 -20.86 34.43 41.64
CA GLU C 361 -22.25 34.08 42.04
C GLU C 361 -22.41 34.21 43.55
N THR C 362 -21.43 33.75 44.34
CA THR C 362 -21.65 33.76 45.81
C THR C 362 -21.89 35.19 46.29
N ARG C 363 -21.08 36.15 45.81
CA ARG C 363 -21.24 37.57 46.21
C ARG C 363 -22.57 38.12 45.70
N ILE C 364 -22.91 37.88 44.44
CA ILE C 364 -24.14 38.51 43.86
C ILE C 364 -25.40 37.96 44.52
N ASP C 365 -25.49 36.65 44.74
CA ASP C 365 -26.75 36.06 45.27
C ASP C 365 -26.57 35.54 46.69
N SER C 366 -27.11 36.26 47.68
CA SER C 366 -27.12 35.73 49.07
C SER C 366 -28.11 34.57 49.13
N GLU C 367 -29.26 34.70 48.46
CA GLU C 367 -30.34 33.67 48.51
C GLU C 367 -30.02 32.52 47.56
N VAL C 368 -28.75 32.35 47.17
CA VAL C 368 -28.36 31.27 46.22
C VAL C 368 -28.79 29.92 46.80
N TYR C 369 -28.48 29.68 48.08
CA TYR C 369 -28.92 28.43 48.74
C TYR C 369 -30.44 28.32 48.65
N LYS C 370 -31.14 29.39 49.07
CA LYS C 370 -32.63 29.39 49.06
C LYS C 370 -33.16 29.28 47.62
N THR C 371 -32.56 30.00 46.66
CA THR C 371 -33.08 30.03 45.27
C THR C 371 -32.78 28.74 44.50
N ALA C 372 -33.52 28.48 43.42
CA ALA C 372 -33.29 27.29 42.56
C ALA C 372 -31.96 27.47 41.82
N ARG C 373 -31.42 28.70 41.79
CA ARG C 373 -30.19 28.99 41.02
C ARG C 373 -29.05 28.12 41.53
N ALA C 374 -28.95 27.90 42.84
CA ALA C 374 -27.80 27.14 43.37
C ALA C 374 -27.77 25.76 42.73
N LEU C 375 -28.93 25.13 42.59
CA LEU C 375 -28.93 23.84 41.87
C LEU C 375 -28.47 24.13 40.44
N ARG C 376 -29.03 25.15 39.80
CA ARG C 376 -28.50 25.47 38.45
C ARG C 376 -27.00 25.72 38.59
N ILE C 377 -26.59 26.41 39.66
CA ILE C 377 -25.21 26.85 39.81
C ILE C 377 -24.30 25.68 40.14
N VAL C 378 -24.79 24.64 40.82
CA VAL C 378 -23.92 23.49 41.04
C VAL C 378 -23.78 22.69 39.75
N ARG C 379 -24.84 22.62 38.94
CA ARG C 379 -24.72 22.00 37.63
C ARG C 379 -23.74 22.76 36.77
N PHE C 380 -23.77 24.09 36.82
CA PHE C 380 -22.83 24.87 36.02
C PHE C 380 -21.41 24.76 36.56
N THR C 381 -21.24 24.64 37.87
CA THR C 381 -19.91 24.37 38.41
C THR C 381 -19.37 23.08 37.86
N LYS C 382 -20.17 22.00 37.91
CA LYS C 382 -19.70 20.71 37.43
C LYS C 382 -19.46 20.70 35.93
N ILE C 383 -20.18 21.52 35.17
CA ILE C 383 -19.94 21.56 33.72
C ILE C 383 -18.71 22.41 33.41
N LEU C 384 -18.58 23.57 34.05
CA LEU C 384 -17.49 24.48 33.73
C LEU C 384 -16.16 23.97 34.26
N SER C 385 -16.16 23.14 35.31
CA SER C 385 -14.92 22.52 35.74
C SER C 385 -14.35 21.58 34.68
N LEU C 386 -15.11 21.28 33.64
CA LEU C 386 -14.64 20.39 32.59
C LEU C 386 -13.65 21.06 31.65
N LEU C 387 -13.48 22.38 31.74
CA LEU C 387 -12.52 23.02 30.87
C LEU C 387 -11.11 22.52 31.15
N ARG C 388 -10.82 22.20 32.40
CA ARG C 388 -9.46 21.84 32.80
C ARG C 388 -8.88 20.70 32.00
N LEU C 389 -9.71 19.94 31.27
CA LEU C 389 -9.19 18.85 30.47
C LEU C 389 -9.05 19.22 29.00
N LEU C 390 -8.75 20.49 28.73
CA LEU C 390 -8.11 20.90 27.50
C LEU C 390 -6.59 20.81 27.59
N ARG C 391 -6.06 20.59 28.78
CA ARG C 391 -4.64 20.32 28.96
C ARG C 391 -4.18 19.11 28.17
N LEU C 392 -5.11 18.35 27.58
CA LEU C 392 -4.71 17.32 26.63
C LEU C 392 -3.94 17.93 25.48
N SER C 393 -4.25 19.19 25.13
CA SER C 393 -3.48 19.87 24.10
C SER C 393 -2.01 19.94 24.49
N ARG C 394 -1.72 20.42 25.70
CA ARG C 394 -0.34 20.46 26.16
C ARG C 394 0.25 19.06 26.26
N LEU C 395 -0.55 18.09 26.67
CA LEU C 395 -0.02 16.73 26.80
C LEU C 395 0.48 16.23 25.45
N ILE C 396 -0.35 16.31 24.41
CA ILE C 396 0.09 15.82 23.12
C ILE C 396 1.21 16.69 22.56
N ARG C 397 1.17 18.00 22.83
CA ARG C 397 2.24 18.88 22.38
C ARG C 397 3.59 18.43 22.94
N TYR C 398 3.67 18.37 24.26
CA TYR C 398 4.94 18.05 24.91
C TYR C 398 5.36 16.62 24.61
N ILE C 399 4.42 15.71 24.38
CA ILE C 399 4.82 14.36 24.03
C ILE C 399 5.41 14.33 22.63
N HIS C 400 4.75 14.94 21.65
CA HIS C 400 5.33 14.97 20.30
C HIS C 400 6.70 15.64 20.34
N GLN C 401 6.81 16.75 21.08
CA GLN C 401 8.10 17.41 21.21
C GLN C 401 9.16 16.47 21.76
N TRP C 402 8.94 15.95 22.96
CA TRP C 402 9.97 15.13 23.59
C TRP C 402 9.96 13.68 23.11
N GLU C 403 9.29 13.39 22.00
CA GLU C 403 9.49 12.14 21.29
C GLU C 403 10.18 12.31 19.95
N GLU C 404 9.96 13.42 19.23
CA GLU C 404 10.70 13.61 17.99
C GLU C 404 12.01 14.34 18.24
N ILE C 405 12.00 15.37 19.09
CA ILE C 405 13.22 15.90 19.66
C ILE C 405 14.05 14.79 20.27
N PHE C 406 13.39 13.85 20.95
CA PHE C 406 14.06 12.66 21.41
C PHE C 406 14.54 11.84 20.22
N HIS C 407 15.80 11.42 20.26
CA HIS C 407 16.39 10.75 19.11
C HIS C 407 16.21 9.25 19.17
N MET C 408 16.58 8.62 20.29
CA MET C 408 16.40 7.18 20.44
C MET C 408 14.96 6.74 20.20
N THR C 409 14.00 7.68 20.31
CA THR C 409 12.63 7.41 19.89
C THR C 409 12.39 7.74 18.42
N TYR C 410 13.04 8.80 17.90
CA TYR C 410 12.90 9.15 16.50
C TYR C 410 13.43 8.07 15.56
N ASP C 411 14.15 7.08 16.08
CA ASP C 411 14.69 5.99 15.27
C ASP C 411 13.66 4.88 15.09
N LEU C 412 13.71 4.21 13.94
CA LEU C 412 12.87 3.06 13.64
C LEU C 412 11.40 3.45 13.58
N ALA C 413 11.13 4.74 13.78
CA ALA C 413 9.79 5.29 14.03
C ALA C 413 9.29 4.80 15.39
N SER C 414 10.07 3.94 16.04
CA SER C 414 9.77 3.38 17.35
C SER C 414 8.32 2.90 17.42
N ALA C 415 8.05 1.87 16.60
CA ALA C 415 6.71 1.31 16.52
C ALA C 415 6.15 0.97 17.89
N VAL C 416 7.01 0.51 18.81
CA VAL C 416 6.59 0.25 20.18
C VAL C 416 6.03 1.51 20.81
N VAL C 417 6.81 2.59 20.78
CA VAL C 417 6.38 3.84 21.39
C VAL C 417 5.10 4.36 20.74
N ARG C 418 5.03 4.29 19.41
CA ARG C 418 3.89 4.85 18.71
C ARG C 418 2.62 4.05 19.00
N ILE C 419 2.73 2.72 19.05
CA ILE C 419 1.54 1.94 19.34
C ILE C 419 1.15 2.11 20.80
N VAL C 420 2.11 2.38 21.69
CA VAL C 420 1.71 2.62 23.07
C VAL C 420 1.04 3.99 23.20
N ASN C 421 1.53 4.97 22.45
CA ASN C 421 0.82 6.24 22.30
C ASN C 421 -0.62 6.00 21.91
N LEU C 422 -0.85 5.18 20.88
CA LEU C 422 -2.20 4.96 20.39
C LEU C 422 -3.07 4.22 21.40
N ILE C 423 -2.52 3.21 22.06
CA ILE C 423 -3.28 2.51 23.10
C ILE C 423 -3.64 3.47 24.22
N GLY C 424 -2.73 4.36 24.59
CA GLY C 424 -3.04 5.33 25.62
C GLY C 424 -4.13 6.28 25.20
N MET C 425 -4.11 6.71 23.95
CA MET C 425 -5.12 7.65 23.48
C MET C 425 -6.50 6.99 23.42
N MET C 426 -6.57 5.74 22.96
CA MET C 426 -7.86 5.05 22.97
C MET C 426 -8.35 4.82 24.38
N LEU C 427 -7.45 4.47 25.31
CA LEU C 427 -7.87 4.25 26.69
C LEU C 427 -8.36 5.53 27.32
N LEU C 428 -7.76 6.65 26.99
CA LEU C 428 -8.22 7.91 27.55
C LEU C 428 -9.57 8.31 26.98
N LEU C 429 -9.75 8.18 25.66
CA LEU C 429 -11.05 8.46 25.07
C LEU C 429 -12.11 7.58 25.71
N CYS C 430 -11.82 6.30 25.92
CA CYS C 430 -12.80 5.38 26.48
C CYS C 430 -13.10 5.71 27.94
N HIS C 431 -12.12 6.20 28.68
CA HIS C 431 -12.34 6.53 30.08
C HIS C 431 -13.12 7.83 30.24
N TRP C 432 -12.83 8.84 29.40
CA TRP C 432 -13.65 10.05 29.41
C TRP C 432 -15.06 9.74 28.95
N ASP C 433 -15.21 8.84 28.00
CA ASP C 433 -16.53 8.43 27.54
C ASP C 433 -17.30 7.74 28.66
N GLY C 434 -16.65 6.89 29.44
CA GLY C 434 -17.33 6.30 30.58
C GLY C 434 -17.79 7.34 31.59
N CYS C 435 -16.89 8.26 31.95
CA CYS C 435 -17.30 9.31 32.88
C CYS C 435 -18.42 10.16 32.30
N LEU C 436 -18.47 10.32 30.98
CA LEU C 436 -19.56 11.09 30.38
C LEU C 436 -20.87 10.33 30.46
N GLN C 437 -20.86 9.05 30.05
CA GLN C 437 -22.02 8.19 30.21
C GLN C 437 -22.58 8.25 31.61
N PHE C 438 -21.74 8.50 32.60
CA PHE C 438 -22.30 8.63 33.95
C PHE C 438 -22.63 10.07 34.32
N LEU C 439 -21.96 11.05 33.73
CA LEU C 439 -22.25 12.43 34.08
C LEU C 439 -23.63 12.84 33.60
N VAL C 440 -23.95 12.53 32.35
CA VAL C 440 -25.18 13.03 31.73
C VAL C 440 -26.44 12.48 32.40
N PRO C 441 -26.54 11.19 32.75
CA PRO C 441 -27.69 10.76 33.56
C PRO C 441 -27.75 11.43 34.92
N MET C 442 -26.60 11.66 35.55
CA MET C 442 -26.60 12.21 36.90
C MET C 442 -27.12 13.65 36.92
N LEU C 443 -26.68 14.46 35.96
CA LEU C 443 -27.09 15.86 35.93
C LEU C 443 -28.61 15.99 35.94
N GLN C 444 -29.30 15.09 35.25
CA GLN C 444 -30.75 15.06 35.27
C GLN C 444 -31.29 14.28 36.47
N ASP C 445 -30.44 14.00 37.45
CA ASP C 445 -30.87 13.45 38.73
C ASP C 445 -31.52 12.08 38.54
N PHE C 446 -30.92 11.26 37.68
CA PHE C 446 -31.27 9.86 37.52
C PHE C 446 -32.75 9.69 37.18
N PRO C 447 -33.16 10.04 35.97
CA PRO C 447 -34.54 9.79 35.56
C PRO C 447 -34.81 8.30 35.54
N ASP C 448 -36.09 7.94 35.57
CA ASP C 448 -36.44 6.54 35.74
C ASP C 448 -36.08 5.68 34.55
N ASP C 449 -35.40 6.22 33.53
CA ASP C 449 -35.06 5.45 32.35
C ASP C 449 -33.61 5.63 31.94
N CYS C 450 -32.73 6.02 32.87
CA CYS C 450 -31.30 6.03 32.61
C CYS C 450 -30.72 4.73 33.14
N TRP C 451 -29.72 4.22 32.42
CA TRP C 451 -29.18 2.90 32.77
C TRP C 451 -28.80 2.82 34.23
N VAL C 452 -28.24 3.91 34.77
CA VAL C 452 -27.96 3.98 36.20
C VAL C 452 -29.18 3.69 37.04
N SER C 453 -30.38 3.82 36.50
CA SER C 453 -31.59 3.61 37.27
C SER C 453 -32.38 2.39 36.83
N LEU C 454 -31.96 1.72 35.76
CA LEU C 454 -32.46 0.40 35.41
C LEU C 454 -31.49 -0.70 35.83
N ASN C 455 -30.18 -0.48 35.65
CA ASN C 455 -29.18 -1.36 36.24
C ASN C 455 -29.11 -1.20 37.75
N ASN C 456 -29.96 -0.35 38.33
CA ASN C 456 -30.08 -0.22 39.78
C ASN C 456 -28.75 0.15 40.42
N MET C 457 -28.00 1.05 39.79
CA MET C 457 -26.70 1.49 40.25
C MET C 457 -26.73 2.92 40.80
N VAL C 458 -27.84 3.31 41.42
CA VAL C 458 -27.88 4.62 42.04
C VAL C 458 -27.15 4.60 43.37
N ASN C 459 -27.44 3.62 44.21
CA ASN C 459 -26.88 3.50 45.53
C ASN C 459 -25.56 2.74 45.57
N ASN C 460 -25.00 2.40 44.42
CA ASN C 460 -23.77 1.61 44.39
C ASN C 460 -22.58 2.44 44.87
N SER C 461 -21.40 1.84 44.79
CA SER C 461 -20.18 2.51 45.18
C SER C 461 -19.44 3.01 43.94
N TRP C 462 -18.66 4.07 44.14
CA TRP C 462 -18.06 4.72 42.98
C TRP C 462 -17.17 3.78 42.19
N GLY C 463 -16.69 2.71 42.81
CA GLY C 463 -15.92 1.74 42.05
C GLY C 463 -16.78 0.97 41.07
N LYS C 464 -17.93 0.49 41.53
CA LYS C 464 -18.81 -0.25 40.65
C LYS C 464 -19.40 0.65 39.57
N GLN C 465 -19.83 1.85 39.95
CA GLN C 465 -20.37 2.78 38.96
C GLN C 465 -19.32 3.10 37.89
N TYR C 466 -18.09 3.40 38.29
CA TYR C 466 -17.07 3.70 37.30
C TYR C 466 -16.79 2.49 36.43
N SER C 467 -16.59 1.32 37.04
CA SER C 467 -16.21 0.16 36.27
C SER C 467 -17.27 -0.20 35.25
N TYR C 468 -18.54 -0.10 35.63
CA TYR C 468 -19.57 -0.48 34.67
C TYR C 468 -19.82 0.59 33.63
N ALA C 469 -19.70 1.87 33.97
CA ALA C 469 -19.83 2.90 32.93
C ALA C 469 -18.68 2.82 31.94
N LEU C 470 -17.47 2.47 32.42
CA LEU C 470 -16.37 2.25 31.50
C LEU C 470 -16.64 1.01 30.66
N PHE C 471 -17.29 0.02 31.24
CA PHE C 471 -17.73 -1.13 30.46
C PHE C 471 -18.59 -0.68 29.29
N LYS C 472 -19.65 0.08 29.57
CA LYS C 472 -20.52 0.56 28.50
C LYS C 472 -19.74 1.32 27.43
N ALA C 473 -18.92 2.27 27.83
CA ALA C 473 -18.20 3.04 26.84
C ALA C 473 -17.27 2.17 26.01
N MET C 474 -16.74 1.10 26.58
CA MET C 474 -15.87 0.23 25.81
C MET C 474 -16.67 -0.72 24.93
N SER C 475 -17.86 -1.09 25.35
CA SER C 475 -18.77 -1.81 24.46
C SER C 475 -19.02 -0.99 23.22
N HIS C 476 -19.56 0.22 23.39
CA HIS C 476 -19.81 1.10 22.26
C HIS C 476 -18.57 1.28 21.39
N MET C 477 -17.38 1.36 22.00
CA MET C 477 -16.19 1.58 21.19
C MET C 477 -15.92 0.42 20.25
N LEU C 478 -15.92 -0.81 20.76
CA LEU C 478 -15.58 -1.97 19.95
C LEU C 478 -16.74 -2.46 19.11
N CYS C 479 -17.93 -1.90 19.33
CA CYS C 479 -19.15 -2.31 18.63
C CYS C 479 -19.50 -3.74 18.98
N ILE C 480 -19.55 -4.01 20.28
CA ILE C 480 -19.89 -5.33 20.78
C ILE C 480 -21.28 -5.38 21.38
N GLY C 481 -21.90 -4.24 21.63
CA GLY C 481 -23.17 -4.21 22.30
C GLY C 481 -23.35 -2.85 22.93
N TYR C 482 -24.44 -2.71 23.66
CA TYR C 482 -24.64 -1.51 24.46
C TYR C 482 -24.18 -1.72 25.90
N GLY C 483 -24.83 -2.64 26.60
CA GLY C 483 -24.54 -2.86 28.00
C GLY C 483 -25.43 -3.98 28.45
N ARG C 484 -26.04 -3.83 29.61
CA ARG C 484 -27.04 -4.79 30.02
C ARG C 484 -28.25 -4.81 29.10
N GLN C 485 -28.46 -3.75 28.33
CA GLN C 485 -29.67 -3.59 27.52
C GLN C 485 -29.45 -2.46 26.53
N ALA C 486 -30.52 -2.02 25.90
CA ALA C 486 -30.52 -1.01 24.86
C ALA C 486 -31.20 0.26 25.34
N PRO C 487 -30.70 1.44 24.95
CA PRO C 487 -31.20 2.69 25.52
C PRO C 487 -32.71 2.81 25.48
N MET C 488 -33.26 3.57 26.42
CA MET C 488 -34.70 3.66 26.52
C MET C 488 -35.24 5.09 26.61
N GLY C 489 -34.45 6.06 27.09
CA GLY C 489 -34.86 7.45 27.12
C GLY C 489 -34.08 8.22 26.08
N MET C 490 -34.51 9.46 25.85
CA MET C 490 -33.95 10.20 24.72
C MET C 490 -32.51 10.62 24.98
N SER C 491 -32.17 10.91 26.24
CA SER C 491 -30.78 11.23 26.56
C SER C 491 -29.89 10.01 26.40
N ASP C 492 -30.38 8.84 26.83
CA ASP C 492 -29.63 7.61 26.64
C ASP C 492 -29.44 7.32 25.16
N VAL C 493 -30.50 7.42 24.36
CA VAL C 493 -30.37 7.11 22.94
C VAL C 493 -29.36 8.04 22.29
N TRP C 494 -29.41 9.34 22.61
CA TRP C 494 -28.52 10.24 21.91
C TRP C 494 -27.09 10.16 22.41
N LEU C 495 -26.88 9.89 23.69
CA LEU C 495 -25.52 9.59 24.16
C LEU C 495 -24.97 8.32 23.54
N THR C 496 -25.76 7.25 23.57
CA THR C 496 -25.32 6.00 22.97
C THR C 496 -24.98 6.18 21.51
N MET C 497 -25.74 7.02 20.81
CA MET C 497 -25.49 7.22 19.39
C MET C 497 -24.22 8.02 19.17
N LEU C 498 -24.04 9.12 19.91
CA LEU C 498 -22.81 9.88 19.84
C LEU C 498 -21.60 9.03 20.17
N SER C 499 -21.70 8.23 21.24
CA SER C 499 -20.58 7.41 21.66
C SER C 499 -20.30 6.28 20.69
N MET C 500 -21.36 5.66 20.14
CA MET C 500 -21.16 4.62 19.14
C MET C 500 -20.40 5.18 17.95
N ILE C 501 -20.89 6.28 17.38
CA ILE C 501 -20.28 6.77 16.16
C ILE C 501 -18.86 7.25 16.41
N VAL C 502 -18.64 8.00 17.49
CA VAL C 502 -17.30 8.52 17.79
C VAL C 502 -16.34 7.39 18.15
N GLY C 503 -16.75 6.51 19.06
CA GLY C 503 -15.88 5.42 19.46
C GLY C 503 -15.55 4.49 18.33
N ALA C 504 -16.54 4.08 17.55
CA ALA C 504 -16.28 3.12 16.49
C ALA C 504 -15.44 3.72 15.39
N THR C 505 -15.71 4.98 15.01
CA THR C 505 -14.89 5.63 14.01
C THR C 505 -13.45 5.75 14.49
N CYS C 506 -13.26 6.19 15.73
CA CYS C 506 -11.90 6.39 16.24
C CYS C 506 -11.16 5.07 16.37
N TYR C 507 -11.84 4.03 16.84
CA TYR C 507 -11.20 2.73 16.99
C TYR C 507 -10.79 2.16 15.64
N ALA C 508 -11.69 2.20 14.67
CA ALA C 508 -11.32 1.70 13.34
C ALA C 508 -10.19 2.49 12.74
N MET C 509 -10.13 3.81 12.98
CA MET C 509 -9.02 4.58 12.45
C MET C 509 -7.72 4.22 13.15
N PHE C 510 -7.75 4.06 14.47
CA PHE C 510 -6.56 3.62 15.19
C PHE C 510 -6.07 2.28 14.69
N ILE C 511 -6.99 1.38 14.35
CA ILE C 511 -6.53 0.06 13.94
C ILE C 511 -6.03 0.05 12.50
N GLY C 512 -6.65 0.82 11.61
CA GLY C 512 -6.03 1.02 10.32
C GLY C 512 -4.63 1.61 10.46
N HIS C 513 -4.46 2.55 11.38
CA HIS C 513 -3.17 3.15 11.67
C HIS C 513 -2.16 2.09 12.08
N ALA C 514 -2.47 1.33 13.13
CA ALA C 514 -1.51 0.36 13.64
C ALA C 514 -1.26 -0.76 12.64
N THR C 515 -2.26 -1.16 11.87
CA THR C 515 -2.05 -2.15 10.83
C THR C 515 -1.02 -1.67 9.81
N ALA C 516 -1.21 -0.46 9.29
CA ALA C 516 -0.24 0.06 8.33
C ALA C 516 1.13 0.23 8.98
N LEU C 517 1.18 0.61 10.25
CA LEU C 517 2.45 0.82 10.91
C LEU C 517 3.18 -0.48 11.20
N ILE C 518 2.46 -1.59 11.28
CA ILE C 518 3.10 -2.89 11.42
C ILE C 518 3.50 -3.45 10.07
N GLN C 519 2.63 -3.35 9.07
CA GLN C 519 3.00 -3.78 7.72
C GLN C 519 4.06 -2.91 7.09
N SER C 520 4.46 -1.81 7.72
CA SER C 520 5.61 -1.07 7.27
C SER C 520 6.90 -1.56 7.92
N LEU C 521 6.84 -2.64 8.68
CA LEU C 521 8.04 -3.18 9.31
C LEU C 521 8.75 -4.21 8.45
N ASP C 522 8.05 -4.85 7.52
CA ASP C 522 8.64 -5.82 6.61
C ASP C 522 8.70 -5.29 5.19
N SER C 523 9.01 -4.00 5.06
CA SER C 523 9.05 -3.38 3.75
C SER C 523 10.18 -3.96 2.91
N SER C 524 11.38 -4.02 3.46
CA SER C 524 12.51 -4.49 2.67
C SER C 524 12.48 -5.98 2.41
N ARG C 525 11.49 -6.70 2.93
CA ARG C 525 11.29 -8.08 2.54
C ARG C 525 10.14 -8.22 1.55
N ARG C 526 9.08 -7.45 1.73
CA ARG C 526 8.04 -7.39 0.72
C ARG C 526 8.61 -6.96 -0.62
N GLN C 527 9.58 -6.05 -0.61
CA GLN C 527 10.13 -5.58 -1.88
C GLN C 527 10.99 -6.63 -2.55
N TYR C 528 11.70 -7.45 -1.78
CA TYR C 528 12.41 -8.58 -2.39
C TYR C 528 11.43 -9.58 -2.96
N GLN C 529 10.33 -9.83 -2.25
CA GLN C 529 9.33 -10.75 -2.79
C GLN C 529 8.79 -10.26 -4.11
N GLU C 530 8.54 -8.96 -4.22
CA GLU C 530 8.04 -8.41 -5.48
C GLU C 530 9.07 -8.55 -6.60
N LYS C 531 10.32 -8.18 -6.31
CA LYS C 531 11.34 -8.29 -7.35
C LYS C 531 11.52 -9.73 -7.79
N TYR C 532 11.39 -10.69 -6.88
CA TYR C 532 11.50 -12.07 -7.32
C TYR C 532 10.30 -12.51 -8.11
N LYS C 533 9.10 -12.00 -7.83
CA LYS C 533 7.95 -12.40 -8.68
C LYS C 533 8.20 -11.87 -10.08
N GLN C 534 8.84 -10.71 -10.21
CA GLN C 534 9.13 -10.24 -11.55
C GLN C 534 10.17 -11.11 -12.23
N VAL C 535 11.14 -11.64 -11.48
CA VAL C 535 12.08 -12.58 -12.09
C VAL C 535 11.36 -13.85 -12.53
N GLU C 536 10.41 -14.30 -11.72
CA GLU C 536 9.61 -15.47 -12.07
C GLU C 536 8.91 -15.26 -13.40
N GLN C 537 8.31 -14.10 -13.61
CA GLN C 537 7.51 -13.89 -14.85
C GLN C 537 8.44 -13.64 -16.02
N TYR C 538 9.63 -13.09 -15.80
CA TYR C 538 10.58 -13.06 -16.91
C TYR C 538 10.97 -14.47 -17.33
N MET C 539 11.26 -15.33 -16.35
CA MET C 539 11.65 -16.69 -16.66
C MET C 539 10.55 -17.40 -17.44
N SER C 540 9.31 -17.29 -16.95
CA SER C 540 8.19 -17.88 -17.67
C SER C 540 8.09 -17.36 -19.09
N PHE C 541 8.05 -16.03 -19.26
CA PHE C 541 7.87 -15.42 -20.57
C PHE C 541 8.91 -15.88 -21.59
N HIS C 542 10.01 -16.47 -21.15
CA HIS C 542 10.97 -17.06 -22.07
C HIS C 542 11.06 -18.58 -21.92
N LYS C 543 10.26 -19.11 -21.00
CA LYS C 543 10.05 -20.57 -20.92
C LYS C 543 11.38 -21.26 -20.66
N LEU C 544 12.02 -20.97 -19.53
CA LEU C 544 13.35 -21.48 -19.32
C LEU C 544 13.31 -22.89 -18.76
N PRO C 545 14.31 -23.71 -19.11
CA PRO C 545 14.39 -25.06 -18.56
C PRO C 545 14.42 -25.04 -17.04
N PRO C 546 13.74 -25.98 -16.40
CA PRO C 546 13.64 -25.95 -14.93
C PRO C 546 14.92 -26.37 -14.24
N ASP C 547 16.02 -26.41 -14.99
CA ASP C 547 17.35 -26.43 -14.38
C ASP C 547 17.88 -25.01 -14.18
N THR C 548 17.86 -24.22 -15.25
CA THR C 548 18.22 -22.81 -15.12
C THR C 548 17.25 -22.09 -14.19
N ARG C 549 15.96 -22.45 -14.25
CA ARG C 549 15.01 -21.85 -13.34
C ARG C 549 15.34 -22.11 -11.88
N GLN C 550 16.10 -23.16 -11.60
CA GLN C 550 16.50 -23.43 -10.23
C GLN C 550 17.83 -22.78 -9.88
N ARG C 551 18.75 -22.72 -10.85
CA ARG C 551 20.03 -22.02 -10.63
C ARG C 551 19.73 -20.56 -10.31
N ILE C 552 18.83 -19.96 -11.06
CA ILE C 552 18.51 -18.54 -10.85
C ILE C 552 17.95 -18.31 -9.46
N HIS C 553 17.03 -19.18 -9.03
CA HIS C 553 16.45 -19.04 -7.71
C HIS C 553 17.52 -19.17 -6.63
N ASP C 554 18.41 -20.14 -6.79
CA ASP C 554 19.51 -20.27 -5.82
C ASP C 554 20.33 -19.00 -5.75
N TYR C 555 20.71 -18.46 -6.91
CA TYR C 555 21.55 -17.27 -6.93
C TYR C 555 20.85 -16.10 -6.26
N TYR C 556 19.57 -15.89 -6.58
CA TYR C 556 18.85 -14.79 -5.95
C TYR C 556 18.83 -14.95 -4.45
N GLU C 557 18.24 -16.05 -3.96
CA GLU C 557 18.18 -16.27 -2.52
C GLU C 557 19.54 -16.14 -1.85
N HIS C 558 20.62 -16.44 -2.56
CA HIS C 558 21.97 -16.35 -1.99
C HIS C 558 22.67 -15.05 -2.33
N ARG C 559 21.98 -14.07 -2.88
CA ARG C 559 22.56 -12.75 -3.05
C ARG C 559 21.79 -11.67 -2.33
N TYR C 560 20.47 -11.73 -2.35
CA TYR C 560 19.64 -10.72 -1.73
C TYR C 560 18.99 -11.20 -0.44
N GLN C 561 19.23 -12.46 -0.07
CA GLN C 561 18.96 -12.97 1.27
C GLN C 561 17.61 -12.53 1.81
N GLY C 562 16.63 -12.40 0.92
CA GLY C 562 15.34 -11.90 1.35
C GLY C 562 15.35 -10.46 1.81
N LYS C 563 16.22 -9.63 1.27
CA LYS C 563 16.28 -8.22 1.65
C LYS C 563 17.01 -7.44 0.57
N MET C 564 16.35 -6.44 -0.01
CA MET C 564 16.89 -5.72 -1.15
C MET C 564 17.70 -4.52 -0.70
N PHE C 565 18.78 -4.24 -1.42
CA PHE C 565 19.55 -3.02 -1.27
C PHE C 565 20.23 -2.73 -2.59
N ASP C 566 20.89 -1.58 -2.66
CA ASP C 566 21.46 -1.09 -3.92
C ASP C 566 22.82 -0.45 -3.64
N GLU C 567 23.89 -1.21 -3.86
CA GLU C 567 25.24 -0.71 -3.59
C GLU C 567 25.63 0.43 -4.52
N GLU C 568 24.75 0.86 -5.41
CA GLU C 568 25.04 2.00 -6.29
C GLU C 568 24.36 3.27 -5.81
N SER C 569 23.08 3.22 -5.50
CA SER C 569 22.43 4.37 -4.88
C SER C 569 23.02 4.63 -3.50
N ILE C 570 23.13 3.60 -2.67
CA ILE C 570 23.55 3.74 -1.28
C ILE C 570 25.01 4.17 -1.21
N LEU C 571 25.66 4.25 -2.36
CA LEU C 571 26.97 4.89 -2.44
C LEU C 571 26.95 6.20 -3.21
N GLY C 572 25.88 6.47 -3.96
CA GLY C 572 25.73 7.76 -4.59
C GLY C 572 25.02 8.74 -3.66
N GLU C 573 24.51 8.24 -2.54
CA GLU C 573 23.88 9.13 -1.56
C GLU C 573 24.87 9.56 -0.49
N LEU C 574 25.85 8.73 -0.18
CA LEU C 574 26.80 9.07 0.86
C LEU C 574 27.76 10.14 0.38
N SER C 575 28.35 10.85 1.33
CA SER C 575 29.36 11.85 0.99
C SER C 575 30.64 11.16 0.57
N GLU C 576 31.66 11.94 0.23
CA GLU C 576 32.91 11.35 -0.21
C GLU C 576 33.68 10.73 0.96
N PRO C 577 33.74 11.36 2.13
CA PRO C 577 34.37 10.67 3.27
C PRO C 577 33.76 9.32 3.59
N LEU C 578 32.43 9.21 3.59
CA LEU C 578 31.81 7.93 3.89
C LEU C 578 31.98 6.94 2.75
N ARG C 579 31.87 7.41 1.50
CA ARG C 579 32.22 6.54 0.37
C ARG C 579 33.58 5.94 0.57
N GLU C 580 34.56 6.75 0.96
CA GLU C 580 35.91 6.25 1.10
C GLU C 580 36.06 5.36 2.32
N GLU C 581 35.30 5.62 3.39
CA GLU C 581 35.40 4.73 4.58
C GLU C 581 34.88 3.34 4.25
N ILE C 582 33.72 3.26 3.61
CA ILE C 582 33.19 1.95 3.25
C ILE C 582 34.09 1.26 2.22
N ILE C 583 34.46 1.97 1.16
CA ILE C 583 35.32 1.37 0.14
C ILE C 583 36.62 0.85 0.75
N ASN C 584 37.23 1.65 1.63
CA ASN C 584 38.48 1.24 2.25
C ASN C 584 38.28 0.03 3.13
N PHE C 585 37.30 0.08 4.03
CA PHE C 585 37.08 -1.05 4.92
C PHE C 585 36.79 -2.33 4.14
N ASN C 586 36.17 -2.20 2.96
CA ASN C 586 35.88 -3.38 2.16
C ASN C 586 37.14 -3.93 1.51
N CYS C 587 37.87 -3.09 0.77
CA CYS C 587 38.87 -3.57 -0.16
C CYS C 587 40.30 -3.39 0.31
N ARG C 588 40.50 -3.02 1.58
CA ARG C 588 41.88 -2.67 2.02
C ARG C 588 42.75 -3.92 1.99
N LYS C 589 42.44 -4.87 2.86
CA LYS C 589 43.29 -6.05 2.99
C LYS C 589 43.38 -6.80 1.67
N LEU C 590 42.37 -6.68 0.82
CA LEU C 590 42.40 -7.37 -0.47
C LEU C 590 43.40 -6.73 -1.42
N VAL C 591 43.31 -5.41 -1.63
CA VAL C 591 44.18 -4.78 -2.61
C VAL C 591 45.59 -4.62 -2.05
N ALA C 592 45.75 -4.58 -0.73
CA ALA C 592 47.06 -4.45 -0.14
C ALA C 592 47.89 -5.73 -0.29
N SER C 593 47.23 -6.87 -0.52
CA SER C 593 47.95 -8.13 -0.62
C SER C 593 48.82 -8.18 -1.88
N MET C 594 48.36 -7.57 -2.96
CA MET C 594 49.14 -7.56 -4.20
C MET C 594 50.38 -6.68 -4.02
N PRO C 595 51.52 -7.08 -4.58
CA PRO C 595 52.74 -6.26 -4.43
C PRO C 595 52.76 -5.06 -5.36
N LEU C 596 52.17 -5.20 -6.55
CA LEU C 596 52.25 -4.12 -7.54
C LEU C 596 51.43 -2.91 -7.14
N PHE C 597 50.50 -3.05 -6.21
CA PHE C 597 49.70 -1.94 -5.71
C PHE C 597 50.12 -1.46 -4.32
N ALA C 598 50.43 -2.38 -3.41
CA ALA C 598 50.79 -1.99 -2.05
C ALA C 598 52.02 -1.09 -2.02
N ASN C 599 52.88 -1.20 -3.04
CA ASN C 599 54.06 -0.33 -3.10
C ASN C 599 53.73 1.08 -3.57
N ALA C 600 52.59 1.28 -4.22
CA ALA C 600 52.21 2.60 -4.67
C ALA C 600 51.70 3.44 -3.50
N ASP C 601 51.24 4.64 -3.82
CA ASP C 601 50.84 5.50 -2.71
C ASP C 601 49.31 5.57 -2.60
N PRO C 602 48.83 5.89 -1.40
CA PRO C 602 47.37 5.97 -1.18
C PRO C 602 46.62 6.75 -2.24
N ASN C 603 47.22 7.78 -2.85
CA ASN C 603 46.55 8.49 -3.94
C ASN C 603 46.12 7.52 -5.02
N PHE C 604 47.08 6.79 -5.61
CA PHE C 604 46.75 5.85 -6.67
C PHE C 604 45.91 4.69 -6.15
N VAL C 605 46.26 4.16 -4.98
CA VAL C 605 45.51 3.03 -4.44
C VAL C 605 44.03 3.37 -4.34
N THR C 606 43.70 4.38 -3.53
CA THR C 606 42.31 4.70 -3.24
C THR C 606 41.66 5.54 -4.34
N SER C 607 42.39 5.90 -5.39
CA SER C 607 41.74 6.35 -6.61
C SER C 607 41.44 5.21 -7.55
N MET C 608 42.10 4.06 -7.37
CA MET C 608 41.79 2.86 -8.13
C MET C 608 40.64 2.09 -7.52
N LEU C 609 40.66 1.90 -6.20
CA LEU C 609 39.69 1.06 -5.49
C LEU C 609 38.25 1.42 -5.80
N THR C 610 38.02 2.58 -6.39
CA THR C 610 36.66 2.97 -6.76
C THR C 610 36.22 2.37 -8.07
N LYS C 611 37.03 1.48 -8.67
CA LYS C 611 36.64 0.73 -9.85
C LYS C 611 36.34 -0.73 -9.56
N LEU C 612 36.55 -1.17 -8.32
CA LEU C 612 36.21 -2.54 -7.95
C LEU C 612 34.72 -2.79 -8.10
N ARG C 613 34.35 -4.04 -8.32
CA ARG C 613 32.96 -4.45 -8.48
C ARG C 613 32.69 -5.67 -7.63
N PHE C 614 31.46 -5.77 -7.15
CA PHE C 614 31.03 -6.90 -6.35
C PHE C 614 30.38 -7.96 -7.25
N GLU C 615 30.54 -9.23 -6.86
CA GLU C 615 30.19 -10.35 -7.72
C GLU C 615 30.07 -11.60 -6.85
N VAL C 616 28.99 -12.35 -7.03
CA VAL C 616 28.68 -13.51 -6.19
C VAL C 616 28.50 -14.70 -7.11
N PHE C 617 29.56 -15.47 -7.35
CA PHE C 617 29.44 -16.60 -8.25
C PHE C 617 28.76 -17.76 -7.53
N GLN C 618 28.70 -18.90 -8.21
CA GLN C 618 27.91 -20.04 -7.77
C GLN C 618 28.69 -21.32 -8.00
N PRO C 619 28.65 -22.26 -7.05
CA PRO C 619 29.48 -23.46 -7.16
C PRO C 619 29.29 -24.18 -8.48
N GLY C 620 30.33 -24.16 -9.32
CA GLY C 620 30.31 -24.78 -10.62
C GLY C 620 30.57 -23.84 -11.78
N ASP C 621 30.51 -22.54 -11.57
CA ASP C 621 30.75 -21.61 -12.67
C ASP C 621 32.21 -21.63 -13.09
N TYR C 622 32.46 -21.21 -14.33
CA TYR C 622 33.82 -21.03 -14.82
C TYR C 622 34.17 -19.54 -14.74
N ILE C 623 34.48 -19.09 -13.52
CA ILE C 623 34.85 -17.70 -13.29
C ILE C 623 35.87 -17.24 -14.30
N ILE C 624 36.78 -18.11 -14.70
CA ILE C 624 37.63 -17.91 -15.86
C ILE C 624 37.36 -19.02 -16.85
N ARG C 625 37.43 -18.71 -18.14
CA ARG C 625 37.30 -19.72 -19.19
C ARG C 625 38.70 -20.05 -19.71
N GLU C 626 38.94 -21.35 -19.92
CA GLU C 626 40.28 -21.79 -20.27
C GLU C 626 40.71 -21.20 -21.61
N GLY C 627 41.95 -20.72 -21.67
CA GLY C 627 42.51 -20.12 -22.87
C GLY C 627 41.62 -19.08 -23.51
N THR C 628 41.21 -18.07 -22.73
CA THR C 628 40.23 -17.10 -23.18
C THR C 628 40.69 -15.71 -22.78
N ILE C 629 40.09 -14.70 -23.40
CA ILE C 629 40.41 -13.31 -23.09
C ILE C 629 39.94 -12.99 -21.68
N GLY C 630 40.86 -12.46 -20.87
CA GLY C 630 40.63 -12.24 -19.46
C GLY C 630 40.49 -10.78 -19.09
N LYS C 631 39.70 -10.04 -19.86
CA LYS C 631 39.67 -8.58 -19.78
C LYS C 631 39.61 -8.03 -18.36
N LYS C 632 39.09 -8.79 -17.39
CA LYS C 632 39.06 -8.34 -16.02
C LYS C 632 39.86 -9.29 -15.15
N MET C 633 40.47 -8.75 -14.10
CA MET C 633 41.15 -9.55 -13.09
C MET C 633 40.36 -9.50 -11.80
N TYR C 634 40.36 -10.61 -11.06
CA TYR C 634 39.51 -10.77 -9.91
C TYR C 634 40.31 -10.72 -8.62
N PHE C 635 39.68 -10.20 -7.57
CA PHE C 635 40.21 -10.26 -6.22
C PHE C 635 39.20 -11.00 -5.37
N ILE C 636 39.59 -12.14 -4.84
CA ILE C 636 38.64 -12.92 -4.07
C ILE C 636 38.46 -12.27 -2.70
N GLN C 637 37.29 -12.48 -2.10
CA GLN C 637 36.94 -11.89 -0.83
C GLN C 637 36.32 -12.89 0.13
N HIS C 638 35.95 -14.07 -0.33
CA HIS C 638 35.26 -15.05 0.49
C HIS C 638 35.21 -16.35 -0.31
N GLY C 639 34.63 -17.39 0.30
CA GLY C 639 34.53 -18.67 -0.36
C GLY C 639 35.89 -19.26 -0.66
N VAL C 640 35.91 -20.16 -1.65
CA VAL C 640 37.17 -20.76 -2.09
C VAL C 640 37.05 -21.18 -3.55
N VAL C 641 38.03 -20.81 -4.36
CA VAL C 641 38.06 -21.21 -5.75
C VAL C 641 39.14 -22.27 -5.92
N SER C 642 39.15 -22.90 -7.09
CA SER C 642 40.21 -23.85 -7.44
C SER C 642 40.63 -23.59 -8.88
N VAL C 643 41.81 -22.98 -9.04
CA VAL C 643 42.36 -22.80 -10.37
C VAL C 643 42.64 -24.17 -10.97
N LEU C 644 42.46 -24.29 -12.28
CA LEU C 644 42.70 -25.55 -12.97
C LEU C 644 43.57 -25.32 -14.19
N THR C 645 44.37 -26.33 -14.51
CA THR C 645 45.20 -26.36 -15.70
C THR C 645 45.16 -27.76 -16.29
N LYS C 646 45.42 -27.85 -17.60
CA LYS C 646 45.56 -29.16 -18.23
C LYS C 646 46.79 -29.89 -17.67
N GLY C 647 47.89 -29.17 -17.47
CA GLY C 647 49.09 -29.76 -16.94
C GLY C 647 49.12 -29.81 -15.41
N ASN C 648 48.97 -28.65 -14.77
CA ASN C 648 48.92 -28.60 -13.32
C ASN C 648 47.72 -29.41 -12.82
N LYS C 649 47.88 -30.03 -11.65
CA LYS C 649 46.85 -30.91 -11.12
C LYS C 649 45.74 -30.12 -10.42
N GLU C 650 46.07 -29.49 -9.30
CA GLU C 650 45.10 -28.71 -8.54
C GLU C 650 45.80 -27.56 -7.84
N THR C 651 44.99 -26.62 -7.35
CA THR C 651 45.43 -25.49 -6.54
C THR C 651 44.20 -24.74 -6.07
N LYS C 652 44.33 -24.06 -4.93
CA LYS C 652 43.20 -23.38 -4.30
C LYS C 652 43.61 -21.99 -3.86
N LEU C 653 42.61 -21.15 -3.65
CA LEU C 653 42.76 -19.83 -3.04
C LEU C 653 41.47 -19.52 -2.30
N ALA C 654 41.58 -18.72 -1.23
CA ALA C 654 40.39 -18.43 -0.43
C ALA C 654 40.62 -17.24 0.47
N ASP C 655 39.52 -16.65 0.91
CA ASP C 655 39.43 -15.68 2.00
C ASP C 655 40.57 -14.67 2.01
N GLY C 656 40.68 -13.93 0.91
CA GLY C 656 41.61 -12.83 0.82
C GLY C 656 42.77 -13.01 -0.13
N SER C 657 42.73 -14.00 -1.00
CA SER C 657 43.79 -14.23 -1.96
C SER C 657 43.56 -13.33 -3.17
N TYR C 658 44.28 -13.59 -4.27
CA TYR C 658 44.08 -12.83 -5.50
C TYR C 658 44.66 -13.62 -6.66
N PHE C 659 43.94 -13.61 -7.80
CA PHE C 659 44.41 -14.33 -8.98
C PHE C 659 44.10 -13.50 -10.21
N GLY C 660 44.59 -13.98 -11.36
CA GLY C 660 44.41 -13.28 -12.61
C GLY C 660 45.42 -12.18 -12.87
N GLU C 661 46.68 -12.36 -12.45
CA GLU C 661 47.66 -11.29 -12.60
C GLU C 661 48.25 -11.21 -13.99
N ILE C 662 48.20 -12.30 -14.76
CA ILE C 662 48.84 -12.34 -16.07
C ILE C 662 48.19 -11.41 -17.08
N CYS C 663 47.07 -10.78 -16.73
CA CYS C 663 46.28 -10.02 -17.69
C CYS C 663 46.52 -8.51 -17.63
N LEU C 664 46.88 -7.98 -16.45
CA LEU C 664 46.91 -6.54 -16.29
C LEU C 664 48.01 -5.90 -17.12
N LEU C 665 49.25 -6.37 -16.96
CA LEU C 665 50.37 -5.73 -17.66
C LEU C 665 50.26 -5.96 -19.16
N THR C 666 49.91 -7.17 -19.59
CA THR C 666 49.83 -7.49 -21.00
C THR C 666 48.56 -8.28 -21.26
N ARG C 667 47.97 -8.05 -22.43
CA ARG C 667 46.75 -8.75 -22.83
C ARG C 667 47.09 -9.98 -23.66
N GLY C 668 46.38 -11.07 -23.39
CA GLY C 668 46.59 -12.29 -24.12
C GLY C 668 45.49 -13.29 -23.81
N ARG C 669 45.89 -14.55 -23.67
CA ARG C 669 44.97 -15.62 -23.33
C ARG C 669 45.31 -16.20 -21.97
N ARG C 670 44.27 -16.46 -21.17
CA ARG C 670 44.48 -16.96 -19.82
C ARG C 670 45.07 -18.36 -19.86
N THR C 671 46.07 -18.60 -19.02
CA THR C 671 46.75 -19.90 -18.96
C THR C 671 46.04 -20.90 -18.07
N ALA C 672 44.82 -20.61 -17.63
CA ALA C 672 44.13 -21.48 -16.68
C ALA C 672 42.63 -21.25 -16.78
N SER C 673 41.89 -21.87 -15.87
CA SER C 673 40.45 -21.72 -15.76
C SER C 673 40.05 -22.16 -14.37
N VAL C 674 39.40 -21.27 -13.62
CA VAL C 674 39.10 -21.50 -12.22
C VAL C 674 37.62 -21.85 -12.10
N ARG C 675 37.25 -22.44 -10.97
CA ARG C 675 35.87 -22.81 -10.72
C ARG C 675 35.47 -22.41 -9.32
N ALA C 676 34.27 -21.86 -9.20
CA ALA C 676 33.69 -21.62 -7.89
C ALA C 676 33.41 -22.95 -7.22
N ASP C 677 34.15 -23.27 -6.17
CA ASP C 677 33.88 -24.49 -5.42
C ASP C 677 32.85 -24.27 -4.32
N THR C 678 32.65 -23.02 -3.91
CA THR C 678 31.51 -22.67 -3.08
C THR C 678 30.99 -21.31 -3.52
N TYR C 679 30.13 -20.70 -2.73
CA TYR C 679 29.53 -19.44 -3.14
C TYR C 679 30.55 -18.31 -3.03
N CYS C 680 31.47 -18.23 -3.99
CA CYS C 680 32.52 -17.23 -3.93
C CYS C 680 31.93 -15.82 -3.94
N ARG C 681 32.75 -14.85 -3.58
CA ARG C 681 32.29 -13.48 -3.43
C ARG C 681 33.35 -12.52 -3.95
N LEU C 682 33.87 -12.82 -5.14
CA LEU C 682 35.02 -12.12 -5.69
C LEU C 682 34.76 -10.62 -5.80
N TYR C 683 35.83 -9.88 -6.07
CA TYR C 683 35.75 -8.44 -6.34
C TYR C 683 36.39 -8.19 -7.69
N SER C 684 35.58 -7.76 -8.65
CA SER C 684 36.06 -7.60 -10.01
C SER C 684 36.98 -6.39 -10.14
N LEU C 685 37.82 -6.40 -11.16
CA LEU C 685 38.74 -5.31 -11.43
C LEU C 685 39.05 -5.30 -12.92
N SER C 686 38.38 -4.42 -13.67
CA SER C 686 38.52 -4.42 -15.11
C SER C 686 39.85 -3.79 -15.52
N VAL C 687 40.08 -3.68 -16.83
CA VAL C 687 41.28 -3.05 -17.34
C VAL C 687 41.01 -1.70 -17.99
N ASP C 688 39.80 -1.47 -18.51
CA ASP C 688 39.49 -0.14 -19.03
C ASP C 688 39.43 0.89 -17.89
N ASN C 689 38.74 0.55 -16.81
CA ASN C 689 38.80 1.39 -15.62
C ASN C 689 40.23 1.50 -15.12
N PHE C 690 40.99 0.40 -15.22
CA PHE C 690 42.37 0.40 -14.77
C PHE C 690 43.19 1.44 -15.51
N ASN C 691 43.20 1.39 -16.84
CA ASN C 691 44.05 2.31 -17.58
C ASN C 691 43.46 3.72 -17.63
N GLU C 692 42.16 3.89 -17.34
CA GLU C 692 41.64 5.24 -17.15
C GLU C 692 42.19 5.86 -15.88
N VAL C 693 42.19 5.11 -14.77
CA VAL C 693 42.87 5.57 -13.56
C VAL C 693 44.37 5.73 -13.82
N LEU C 694 44.91 4.88 -14.68
CA LEU C 694 46.35 4.85 -14.94
C LEU C 694 46.80 6.14 -15.65
N GLU C 695 46.11 6.49 -16.74
CA GLU C 695 46.47 7.70 -17.48
C GLU C 695 46.34 8.95 -16.63
N GLU C 696 45.64 8.88 -15.49
CA GLU C 696 45.64 9.96 -14.54
C GLU C 696 46.91 9.95 -13.69
N TYR C 697 47.55 8.79 -13.56
CA TYR C 697 48.77 8.66 -12.77
C TYR C 697 49.95 8.24 -13.66
N PRO C 698 50.58 9.19 -14.37
CA PRO C 698 51.75 8.82 -15.17
C PRO C 698 52.90 8.29 -14.35
N MET C 699 53.01 8.75 -13.10
CA MET C 699 54.06 8.29 -12.19
C MET C 699 54.16 6.78 -12.18
N MET C 700 53.03 6.10 -11.94
CA MET C 700 53.00 4.65 -11.97
C MET C 700 52.67 4.10 -13.35
N ARG C 701 52.25 4.95 -14.29
CA ARG C 701 52.07 4.49 -15.66
C ARG C 701 53.40 4.10 -16.28
N ARG C 702 54.47 4.80 -15.91
CA ARG C 702 55.78 4.46 -16.49
C ARG C 702 56.34 3.18 -15.90
N ALA C 703 56.21 2.98 -14.58
CA ALA C 703 56.94 1.91 -13.91
C ALA C 703 56.30 0.54 -14.06
N PHE C 704 55.07 0.45 -14.57
CA PHE C 704 54.41 -0.85 -14.67
C PHE C 704 55.01 -1.73 -15.76
N GLU C 705 55.58 -1.13 -16.81
CA GLU C 705 56.13 -1.90 -17.92
C GLU C 705 57.17 -2.92 -17.46
N THR C 706 57.91 -2.60 -16.40
CA THR C 706 58.94 -3.50 -15.89
C THR C 706 58.41 -4.32 -14.71
N ARG D 217 29.99 -44.25 19.82
CA ARG D 217 30.84 -43.36 19.05
C ARG D 217 30.24 -43.06 17.69
N GLN D 218 29.77 -44.11 17.01
CA GLN D 218 29.20 -43.93 15.68
C GLN D 218 27.88 -43.18 15.73
N PHE D 219 27.14 -43.26 16.84
CA PHE D 219 25.92 -42.48 16.97
C PHE D 219 26.22 -40.99 17.10
N GLY D 220 27.43 -40.62 17.47
CA GLY D 220 27.86 -39.24 17.45
C GLY D 220 28.06 -38.64 16.09
N ALA D 221 27.65 -39.34 15.03
CA ALA D 221 27.74 -38.83 13.67
C ALA D 221 26.46 -38.16 13.21
N MET D 222 25.31 -38.55 13.75
CA MET D 222 24.06 -37.85 13.45
C MET D 222 24.04 -36.43 14.00
N LEU D 223 24.91 -36.10 14.96
CA LEU D 223 24.97 -34.77 15.53
C LEU D 223 25.61 -33.75 14.60
N GLN D 224 26.00 -34.18 13.39
CA GLN D 224 26.57 -33.33 12.37
C GLN D 224 25.72 -33.42 11.10
N PRO D 225 25.55 -32.32 10.38
CA PRO D 225 24.65 -32.34 9.22
C PRO D 225 25.12 -33.34 8.18
N GLY D 226 24.16 -33.87 7.43
CA GLY D 226 24.44 -34.89 6.45
C GLY D 226 23.94 -34.51 5.06
N VAL D 227 24.09 -35.47 4.14
CA VAL D 227 23.58 -35.32 2.79
C VAL D 227 22.07 -35.51 2.81
N ASN D 228 21.34 -34.46 2.46
CA ASN D 228 19.88 -34.49 2.52
C ASN D 228 19.36 -33.32 1.70
N LYS D 229 18.22 -33.55 1.05
CA LYS D 229 17.66 -32.57 0.12
C LYS D 229 17.57 -31.18 0.74
N PHE D 230 17.23 -31.11 2.03
CA PHE D 230 17.20 -29.80 2.70
C PHE D 230 18.61 -29.25 2.88
N SER D 231 19.51 -30.06 3.43
CA SER D 231 20.89 -29.63 3.60
C SER D 231 21.53 -29.35 2.24
N LEU D 232 21.31 -30.26 1.28
CA LEU D 232 21.88 -30.07 -0.05
C LEU D 232 21.41 -28.77 -0.67
N ARG D 233 20.10 -28.49 -0.59
CA ARG D 233 19.57 -27.26 -1.17
C ARG D 233 20.10 -26.02 -0.46
N MET D 234 20.05 -26.03 0.88
CA MET D 234 20.49 -24.86 1.64
C MET D 234 22.00 -24.67 1.60
N PHE D 235 22.75 -25.65 1.10
CA PHE D 235 24.19 -25.54 1.00
C PHE D 235 24.67 -25.41 -0.45
N GLY D 236 24.03 -26.10 -1.38
CA GLY D 236 24.33 -25.91 -2.79
C GLY D 236 25.04 -27.09 -3.44
N SER D 237 25.95 -27.72 -2.71
CA SER D 237 26.73 -28.82 -3.26
C SER D 237 27.15 -29.74 -2.12
N GLN D 238 27.23 -31.03 -2.44
CA GLN D 238 27.67 -32.01 -1.45
C GLN D 238 29.04 -31.66 -0.88
N LYS D 239 29.89 -31.05 -1.70
CA LYS D 239 31.17 -30.56 -1.18
C LYS D 239 30.95 -29.57 -0.05
N ALA D 240 29.96 -28.68 -0.20
CA ALA D 240 29.65 -27.76 0.89
C ALA D 240 29.11 -28.51 2.10
N VAL D 241 28.40 -29.62 1.88
CA VAL D 241 27.89 -30.42 2.99
C VAL D 241 29.04 -31.00 3.80
N GLU D 242 30.02 -31.61 3.13
CA GLU D 242 31.16 -32.14 3.86
C GLU D 242 32.01 -31.03 4.44
N ARG D 243 32.01 -29.88 3.75
CA ARG D 243 32.74 -28.70 4.26
C ARG D 243 32.32 -28.44 5.70
N GLU D 244 31.03 -28.15 5.92
CA GLU D 244 30.53 -27.84 7.29
C GLU D 244 30.74 -29.07 8.17
N GLN D 245 30.45 -30.25 7.64
CA GLN D 245 30.66 -31.50 8.39
C GLN D 245 32.03 -31.39 9.08
N GLU D 246 33.05 -30.90 8.34
CA GLU D 246 34.37 -30.72 8.95
C GLU D 246 34.41 -29.48 9.84
N ARG D 247 33.70 -28.42 9.45
CA ARG D 247 33.65 -27.22 10.29
C ARG D 247 33.10 -27.54 11.67
N VAL D 248 32.13 -28.45 11.73
CA VAL D 248 31.68 -28.93 13.03
C VAL D 248 32.72 -29.87 13.64
N LYS D 249 33.32 -30.71 12.81
CA LYS D 249 34.31 -31.67 13.28
C LYS D 249 35.53 -30.99 13.89
N SER D 250 35.58 -29.66 13.79
CA SER D 250 36.50 -28.89 14.62
C SER D 250 36.23 -29.08 16.11
N ALA D 251 35.17 -29.80 16.48
CA ALA D 251 34.77 -29.95 17.87
C ALA D 251 35.48 -31.11 18.54
N GLY D 252 35.66 -30.98 19.85
CA GLY D 252 36.11 -32.10 20.67
C GLY D 252 34.96 -32.83 21.33
N PHE D 253 34.09 -32.09 22.00
CA PHE D 253 32.93 -32.66 22.68
C PHE D 253 31.70 -32.55 21.80
N TRP D 254 30.76 -33.47 22.01
CA TRP D 254 29.56 -33.53 21.19
C TRP D 254 28.82 -32.20 21.19
N ILE D 255 28.78 -31.55 20.03
CA ILE D 255 28.03 -30.33 19.84
C ILE D 255 26.93 -30.61 18.81
N ILE D 256 25.71 -30.23 19.14
CA ILE D 256 24.57 -30.47 18.26
C ILE D 256 24.61 -29.43 17.14
N HIS D 257 24.72 -29.88 15.91
CA HIS D 257 24.55 -28.96 14.82
C HIS D 257 23.05 -28.72 14.58
N PRO D 258 22.62 -27.46 14.53
CA PRO D 258 21.18 -27.20 14.43
C PRO D 258 20.51 -27.89 13.26
N TYR D 259 21.27 -28.22 12.21
CA TYR D 259 20.72 -28.91 11.06
C TYR D 259 20.99 -30.41 11.10
N SER D 260 21.54 -30.90 12.20
CA SER D 260 21.78 -32.33 12.35
C SER D 260 20.45 -33.05 12.49
N ASP D 261 20.27 -34.12 11.72
CA ASP D 261 19.05 -34.90 11.73
C ASP D 261 18.60 -35.21 13.15
N PHE D 262 19.56 -35.35 14.05
CA PHE D 262 19.24 -35.53 15.46
C PHE D 262 18.40 -34.38 15.97
N ARG D 263 18.88 -33.14 15.77
CA ARG D 263 18.12 -32.01 16.29
C ARG D 263 16.80 -31.83 15.55
N PHE D 264 16.72 -32.24 14.29
CA PHE D 264 15.44 -32.11 13.60
C PHE D 264 14.41 -33.06 14.19
N TYR D 265 14.79 -34.31 14.45
CA TYR D 265 13.83 -35.24 15.05
C TYR D 265 13.52 -34.86 16.49
N TRP D 266 14.54 -34.43 17.23
CA TRP D 266 14.35 -33.80 18.52
C TRP D 266 13.26 -32.74 18.46
N ASP D 267 13.44 -31.73 17.59
CA ASP D 267 12.51 -30.62 17.52
C ASP D 267 11.13 -31.06 17.06
N LEU D 268 11.05 -32.12 16.26
CA LEU D 268 9.73 -32.64 15.90
C LEU D 268 9.01 -33.18 17.13
N THR D 269 9.68 -34.05 17.89
CA THR D 269 9.08 -34.56 19.11
C THR D 269 8.74 -33.42 20.06
N MET D 270 9.62 -32.43 20.14
CA MET D 270 9.40 -31.34 21.09
C MET D 270 8.31 -30.41 20.63
N LEU D 271 8.09 -30.29 19.32
CA LEU D 271 6.95 -29.53 18.84
C LEU D 271 5.65 -30.23 19.21
N LEU D 272 5.63 -31.56 19.04
CA LEU D 272 4.47 -32.32 19.50
C LEU D 272 4.23 -32.11 20.99
N LEU D 273 5.29 -32.17 21.79
CA LEU D 273 5.16 -31.97 23.23
C LEU D 273 4.61 -30.59 23.56
N MET D 274 5.18 -29.56 22.95
CA MET D 274 4.75 -28.20 23.27
C MET D 274 3.30 -27.98 22.90
N VAL D 275 2.86 -28.48 21.74
CA VAL D 275 1.47 -28.30 21.37
C VAL D 275 0.56 -29.07 22.32
N GLY D 276 0.92 -30.32 22.62
CA GLY D 276 0.13 -31.09 23.56
C GLY D 276 0.01 -30.40 24.90
N ASN D 277 1.09 -29.77 25.38
CA ASN D 277 1.01 -29.12 26.68
C ASN D 277 0.21 -27.83 26.62
N LEU D 278 0.41 -27.01 25.60
CA LEU D 278 -0.36 -25.77 25.53
C LEU D 278 -1.84 -26.04 25.38
N ILE D 279 -2.22 -27.18 24.82
CA ILE D 279 -3.64 -27.50 24.76
C ILE D 279 -4.14 -28.19 26.02
N ILE D 280 -3.31 -29.01 26.67
CA ILE D 280 -3.81 -29.86 27.74
C ILE D 280 -3.64 -29.23 29.13
N ILE D 281 -2.65 -28.36 29.31
CA ILE D 281 -2.40 -27.75 30.61
C ILE D 281 -3.60 -26.94 31.05
N PRO D 282 -4.02 -25.89 30.32
CA PRO D 282 -5.14 -25.08 30.83
C PRO D 282 -6.41 -25.87 31.09
N VAL D 283 -6.76 -26.77 30.18
CA VAL D 283 -7.97 -27.55 30.36
C VAL D 283 -7.86 -28.45 31.57
N GLY D 284 -6.66 -28.74 32.03
CA GLY D 284 -6.51 -29.61 33.17
C GLY D 284 -6.48 -28.82 34.45
N ILE D 285 -5.94 -27.61 34.39
CA ILE D 285 -5.96 -26.71 35.54
C ILE D 285 -7.40 -26.34 35.88
N THR D 286 -8.11 -25.75 34.93
CA THR D 286 -9.37 -25.09 35.25
C THR D 286 -10.46 -26.10 35.57
N PHE D 287 -10.83 -26.92 34.60
CA PHE D 287 -11.80 -27.98 34.84
C PHE D 287 -11.11 -29.12 35.60
N PHE D 288 -11.81 -30.24 35.76
CA PHE D 288 -11.29 -31.38 36.51
C PHE D 288 -10.90 -30.96 37.93
N LYS D 289 -11.92 -30.58 38.69
CA LYS D 289 -11.77 -30.40 40.16
C LYS D 289 -10.98 -31.58 40.70
N ASP D 290 -10.10 -31.31 41.66
CA ASP D 290 -9.20 -32.34 42.17
C ASP D 290 -8.46 -32.99 41.00
N GLU D 291 -7.63 -32.17 40.36
CA GLU D 291 -7.03 -32.55 39.08
C GLU D 291 -5.98 -33.63 39.25
N ASN D 292 -5.34 -33.72 40.41
CA ASN D 292 -4.30 -34.72 40.62
C ASN D 292 -4.92 -36.12 40.68
N THR D 293 -4.59 -36.94 39.68
CA THR D 293 -5.01 -38.33 39.62
C THR D 293 -3.78 -39.18 39.38
N THR D 294 -3.95 -40.49 39.26
CA THR D 294 -2.82 -41.33 38.92
C THR D 294 -2.22 -40.97 37.56
N PRO D 295 -2.99 -40.69 36.50
CA PRO D 295 -2.38 -40.03 35.34
C PRO D 295 -2.22 -38.54 35.57
N TRP D 296 -1.78 -37.84 34.54
CA TRP D 296 -1.60 -36.39 34.50
C TRP D 296 -0.42 -35.96 35.36
N ILE D 297 -0.04 -36.78 36.32
CA ILE D 297 1.21 -36.54 37.03
C ILE D 297 2.37 -37.20 36.30
N VAL D 298 2.17 -38.43 35.83
CA VAL D 298 3.07 -39.00 34.84
C VAL D 298 3.21 -38.05 33.66
N PHE D 299 2.12 -37.43 33.23
CA PHE D 299 2.17 -36.54 32.08
C PHE D 299 3.05 -35.33 32.38
N ASN D 300 2.79 -34.65 33.50
CA ASN D 300 3.60 -33.49 33.83
C ASN D 300 5.06 -33.87 34.03
N VAL D 301 5.35 -35.03 34.59
CA VAL D 301 6.75 -35.33 34.88
C VAL D 301 7.49 -35.75 33.61
N VAL D 302 6.83 -36.47 32.70
CA VAL D 302 7.45 -36.79 31.41
C VAL D 302 7.70 -35.52 30.62
N SER D 303 6.70 -34.64 30.55
CA SER D 303 6.90 -33.37 29.87
C SER D 303 8.01 -32.57 30.52
N ASP D 304 8.14 -32.64 31.84
CA ASP D 304 9.17 -31.86 32.51
C ASP D 304 10.55 -32.42 32.23
N THR D 305 10.69 -33.75 32.17
CA THR D 305 11.96 -34.35 31.81
C THR D 305 12.37 -33.98 30.38
N PHE D 306 11.43 -34.12 29.43
CA PHE D 306 11.75 -33.74 28.06
C PHE D 306 12.15 -32.28 27.97
N PHE D 307 11.43 -31.40 28.66
CA PHE D 307 11.74 -29.99 28.56
C PHE D 307 13.00 -29.62 29.34
N LEU D 308 13.37 -30.41 30.34
CA LEU D 308 14.64 -30.17 31.02
C LEU D 308 15.82 -30.61 30.16
N ILE D 309 15.67 -31.74 29.47
CA ILE D 309 16.67 -32.10 28.47
C ILE D 309 16.75 -31.04 27.39
N ASP D 310 15.61 -30.46 27.02
CA ASP D 310 15.63 -29.31 26.13
C ASP D 310 16.44 -28.17 26.71
N LEU D 311 16.29 -27.92 28.01
CA LEU D 311 17.04 -26.85 28.64
C LEU D 311 18.54 -27.13 28.62
N VAL D 312 18.93 -28.37 28.88
CA VAL D 312 20.36 -28.71 28.93
C VAL D 312 20.95 -28.70 27.53
N LEU D 313 20.44 -29.56 26.65
CA LEU D 313 20.91 -29.59 25.28
C LEU D 313 20.66 -28.28 24.55
N ASN D 314 20.00 -27.33 25.20
CA ASN D 314 19.87 -25.99 24.58
C ASN D 314 21.20 -25.25 24.69
N PHE D 315 21.93 -25.43 25.80
CA PHE D 315 23.28 -24.80 25.93
C PHE D 315 24.24 -25.40 24.90
N ARG D 316 24.27 -26.74 24.79
CA ARG D 316 25.23 -27.41 23.87
C ARG D 316 24.59 -27.58 22.49
N THR D 317 24.45 -26.48 21.74
CA THR D 317 23.77 -26.56 20.42
C THR D 317 24.42 -25.62 19.40
N GLY D 318 24.19 -25.87 18.11
CA GLY D 318 24.69 -24.95 17.08
C GLY D 318 23.66 -23.85 16.83
N ILE D 319 24.09 -22.60 16.95
CA ILE D 319 23.25 -21.42 16.56
C ILE D 319 23.58 -21.06 15.10
N VAL D 320 22.64 -20.43 14.39
CA VAL D 320 22.87 -19.99 12.98
C VAL D 320 22.50 -18.50 12.84
N VAL D 321 23.39 -17.68 12.28
CA VAL D 321 23.10 -16.23 12.05
C VAL D 321 23.45 -15.86 10.61
N GLU D 322 22.52 -15.25 9.87
CA GLU D 322 22.80 -14.76 8.49
C GLU D 322 22.95 -15.93 7.53
N ASP D 323 22.60 -17.15 7.96
CA ASP D 323 22.75 -18.37 7.13
C ASP D 323 24.22 -18.80 7.17
N ASN D 324 25.06 -17.97 7.81
CA ASN D 324 26.49 -18.27 8.06
C ASN D 324 26.58 -19.16 9.29
N THR D 325 27.36 -20.24 9.24
CA THR D 325 27.39 -21.18 10.37
C THR D 325 27.86 -20.39 11.58
N ASP D 326 27.14 -20.48 12.71
CA ASP D 326 27.57 -19.81 13.94
C ASP D 326 27.98 -20.87 14.96
N ILE D 327 28.16 -22.11 14.52
CA ILE D 327 28.39 -23.17 15.53
C ILE D 327 29.51 -22.63 16.40
N ILE D 328 29.28 -22.53 17.71
CA ILE D 328 30.31 -21.89 18.57
C ILE D 328 30.89 -22.98 19.47
N LEU D 329 32.16 -23.29 19.28
CA LEU D 329 32.76 -24.38 20.06
C LEU D 329 32.76 -23.95 21.51
N ASP D 330 33.11 -22.68 21.77
CA ASP D 330 33.21 -22.23 23.17
C ASP D 330 31.85 -22.49 23.80
N PRO D 331 31.69 -23.43 24.80
CA PRO D 331 30.43 -23.61 25.51
C PRO D 331 30.01 -22.27 26.13
N ARG D 332 30.95 -21.51 26.67
CA ARG D 332 30.61 -20.24 27.37
C ARG D 332 29.94 -19.27 26.39
N ARG D 333 30.50 -19.13 25.17
CA ARG D 333 30.00 -18.19 24.12
C ARG D 333 28.55 -18.52 23.75
N ILE D 334 28.24 -19.80 23.52
CA ILE D 334 26.85 -20.26 23.23
C ILE D 334 26.02 -20.14 24.52
N LYS D 335 26.62 -20.51 25.65
CA LYS D 335 25.90 -20.44 26.95
C LYS D 335 25.56 -18.97 27.21
N MET D 336 26.50 -18.06 26.97
CA MET D 336 26.25 -16.63 27.27
C MET D 336 25.11 -16.14 26.39
N LYS D 337 25.13 -16.50 25.10
CA LYS D 337 24.08 -16.01 24.17
C LYS D 337 22.73 -16.54 24.63
N TYR D 338 22.66 -17.82 25.01
CA TYR D 338 21.38 -18.44 25.45
C TYR D 338 20.91 -17.75 26.73
N LEU D 339 21.83 -17.50 27.67
CA LEU D 339 21.48 -16.83 28.95
C LEU D 339 20.82 -15.50 28.63
N LYS D 340 21.43 -14.72 27.72
CA LYS D 340 20.90 -13.41 27.37
C LYS D 340 19.47 -13.56 26.85
N SER D 341 19.27 -14.46 25.89
CA SER D 341 18.02 -14.47 25.14
C SER D 341 16.88 -15.16 25.88
N TRP D 342 17.00 -16.47 26.13
CA TRP D 342 15.80 -17.22 26.50
C TRP D 342 15.97 -18.20 27.65
N PHE D 343 17.19 -18.44 28.13
CA PHE D 343 17.39 -19.39 29.21
C PHE D 343 16.55 -19.07 30.44
N VAL D 344 16.29 -17.79 30.70
CA VAL D 344 15.53 -17.42 31.89
C VAL D 344 14.10 -17.94 31.84
N VAL D 345 13.38 -17.64 30.76
CA VAL D 345 12.01 -18.12 30.68
C VAL D 345 12.00 -19.64 30.51
N ASP D 346 12.98 -20.21 29.83
CA ASP D 346 12.96 -21.66 29.68
C ASP D 346 13.18 -22.35 31.03
N PHE D 347 14.00 -21.75 31.89
CA PHE D 347 14.16 -22.29 33.23
C PHE D 347 12.87 -22.14 34.03
N VAL D 348 12.24 -20.95 33.96
CA VAL D 348 11.05 -20.74 34.76
C VAL D 348 9.91 -21.64 34.29
N SER D 349 9.93 -22.05 33.03
CA SER D 349 8.88 -22.89 32.47
C SER D 349 9.30 -24.34 32.31
N SER D 350 10.46 -24.72 32.85
CA SER D 350 10.88 -26.11 32.80
C SER D 350 10.62 -26.84 34.11
N ILE D 351 11.14 -26.33 35.22
CA ILE D 351 10.99 -27.01 36.51
C ILE D 351 9.54 -26.97 36.95
N PRO D 352 8.99 -28.04 37.54
CA PRO D 352 7.63 -27.96 38.08
C PRO D 352 7.56 -27.10 39.33
N VAL D 353 7.47 -25.78 39.11
CA VAL D 353 7.49 -24.83 40.21
C VAL D 353 6.33 -25.08 41.18
N ASP D 354 5.18 -25.49 40.66
CA ASP D 354 4.06 -25.74 41.55
C ASP D 354 4.34 -26.91 42.49
N TYR D 355 5.05 -27.94 42.01
CA TYR D 355 5.36 -29.08 42.86
C TYR D 355 6.33 -28.70 43.97
N ILE D 356 7.36 -27.92 43.66
CA ILE D 356 8.28 -27.52 44.72
C ILE D 356 7.60 -26.57 45.69
N PHE D 357 6.68 -25.73 45.21
CA PHE D 357 5.90 -24.90 46.12
C PHE D 357 5.07 -25.76 47.07
N LEU D 358 4.33 -26.73 46.51
CA LEU D 358 3.56 -27.64 47.33
C LEU D 358 4.44 -28.36 48.35
N ILE D 359 5.67 -28.71 47.95
CA ILE D 359 6.54 -29.45 48.85
C ILE D 359 7.01 -28.56 49.99
N VAL D 360 7.46 -27.35 49.68
CA VAL D 360 7.91 -26.45 50.73
C VAL D 360 6.76 -25.99 51.61
N GLU D 361 5.55 -26.40 51.24
CA GLU D 361 4.40 -26.17 52.15
C GLU D 361 4.05 -27.45 52.90
N THR D 362 4.08 -28.61 52.25
CA THR D 362 3.62 -29.84 52.95
C THR D 362 4.49 -30.09 54.17
N ARG D 363 5.81 -29.95 54.02
CA ARG D 363 6.76 -30.17 55.15
C ARG D 363 6.55 -29.10 56.23
N ILE D 364 6.46 -27.83 55.84
CA ILE D 364 6.38 -26.75 56.86
C ILE D 364 5.07 -26.81 57.66
N ASP D 365 3.94 -27.04 56.98
CA ASP D 365 2.63 -26.99 57.69
C ASP D 365 2.00 -28.38 57.79
N SER D 366 2.03 -29.00 58.98
CA SER D 366 1.29 -30.26 59.18
C SER D 366 -0.21 -29.95 59.17
N GLU D 367 -0.61 -28.84 59.80
CA GLU D 367 -2.05 -28.46 59.93
C GLU D 367 -2.56 -27.81 58.65
N VAL D 368 -1.87 -28.03 57.52
CA VAL D 368 -2.27 -27.41 56.23
C VAL D 368 -3.71 -27.82 55.91
N TYR D 369 -4.03 -29.10 56.03
CA TYR D 369 -5.42 -29.58 55.81
C TYR D 369 -6.35 -28.84 56.78
N LYS D 370 -6.01 -28.84 58.07
CA LYS D 370 -6.85 -28.18 59.10
C LYS D 370 -6.91 -26.67 58.87
N THR D 371 -5.78 -26.04 58.54
CA THR D 371 -5.73 -24.56 58.39
C THR D 371 -6.40 -24.06 57.10
N ALA D 372 -6.77 -22.79 57.06
CA ALA D 372 -7.37 -22.18 55.84
C ALA D 372 -6.30 -22.09 54.75
N ARG D 373 -5.03 -22.22 55.12
CA ARG D 373 -3.91 -22.05 54.15
C ARG D 373 -4.06 -23.07 53.01
N ALA D 374 -4.49 -24.29 53.30
CA ALA D 374 -4.54 -25.32 52.24
C ALA D 374 -5.48 -24.82 51.13
N LEU D 375 -6.60 -24.22 51.48
CA LEU D 375 -7.45 -23.64 50.42
C LEU D 375 -6.63 -22.56 49.75
N ARG D 376 -6.01 -21.68 50.54
CA ARG D 376 -5.13 -20.69 49.85
C ARG D 376 -4.11 -21.46 49.01
N ILE D 377 -3.57 -22.55 49.56
CA ILE D 377 -2.47 -23.27 48.93
C ILE D 377 -2.95 -24.01 47.69
N VAL D 378 -4.21 -24.47 47.65
CA VAL D 378 -4.67 -25.11 46.43
C VAL D 378 -4.92 -24.06 45.35
N ARG D 379 -5.40 -22.88 45.75
CA ARG D 379 -5.51 -21.78 44.80
C ARG D 379 -4.15 -21.40 44.24
N PHE D 380 -3.13 -21.36 45.10
CA PHE D 380 -1.80 -21.02 44.64
C PHE D 380 -1.19 -22.12 43.78
N THR D 381 -1.50 -23.38 44.09
CA THR D 381 -1.07 -24.46 43.20
C THR D 381 -1.65 -24.27 41.81
N LYS D 382 -2.96 -24.03 41.74
CA LYS D 382 -3.62 -23.86 40.44
C LYS D 382 -3.13 -22.63 39.70
N ILE D 383 -2.72 -21.58 40.41
CA ILE D 383 -2.22 -20.39 39.73
C ILE D 383 -0.78 -20.61 39.28
N LEU D 384 0.06 -21.16 40.15
CA LEU D 384 1.47 -21.32 39.83
C LEU D 384 1.72 -22.40 38.79
N SER D 385 0.81 -23.38 38.68
CA SER D 385 0.95 -24.34 37.60
C SER D 385 0.77 -23.70 36.23
N LEU D 386 0.34 -22.44 36.18
CA LEU D 386 0.15 -21.76 34.91
C LEU D 386 1.45 -21.31 34.28
N LEU D 387 2.57 -21.39 35.01
CA LEU D 387 3.84 -21.00 34.41
C LEU D 387 4.18 -21.88 33.22
N ARG D 388 3.81 -23.16 33.30
CA ARG D 388 4.21 -24.12 32.29
C ARG D 388 3.82 -23.72 30.88
N LEU D 389 2.93 -22.74 30.72
CA LEU D 389 2.54 -22.33 29.38
C LEU D 389 3.25 -21.05 28.96
N LEU D 390 4.48 -20.86 29.44
CA LEU D 390 5.46 -20.01 28.78
C LEU D 390 6.24 -20.77 27.72
N ARG D 391 6.09 -22.09 27.65
CA ARG D 391 6.65 -22.87 26.56
C ARG D 391 6.13 -22.43 25.20
N LEU D 392 5.14 -21.55 25.16
CA LEU D 392 4.78 -20.92 23.90
C LEU D 392 5.97 -20.18 23.30
N SER D 393 6.86 -19.67 24.16
CA SER D 393 8.09 -19.05 23.67
C SER D 393 8.88 -20.03 22.83
N ARG D 394 9.16 -21.21 23.37
CA ARG D 394 9.86 -22.24 22.62
C ARG D 394 9.08 -22.65 21.38
N LEU D 395 7.75 -22.73 21.49
CA LEU D 395 6.97 -23.15 20.33
C LEU D 395 7.17 -22.18 19.18
N ILE D 396 6.99 -20.88 19.42
CA ILE D 396 7.16 -19.94 18.32
C ILE D 396 8.61 -19.88 17.88
N ARG D 397 9.57 -20.04 18.80
CA ARG D 397 10.97 -20.06 18.43
C ARG D 397 11.26 -21.17 17.44
N TYR D 398 10.96 -22.40 17.83
CA TYR D 398 11.27 -23.54 17.00
C TYR D 398 10.47 -23.53 15.72
N ILE D 399 9.26 -22.97 15.73
CA ILE D 399 8.51 -22.90 14.49
C ILE D 399 9.14 -21.90 13.53
N HIS D 400 9.47 -20.70 14.00
CA HIS D 400 10.14 -19.76 13.12
C HIS D 400 11.44 -20.34 12.59
N GLN D 401 12.21 -21.00 13.45
CA GLN D 401 13.44 -21.64 13.03
C GLN D 401 13.16 -22.65 11.92
N TRP D 402 12.36 -23.66 12.19
CA TRP D 402 12.16 -24.72 11.22
C TRP D 402 11.14 -24.36 10.15
N GLU D 403 10.78 -23.09 10.03
CA GLU D 403 10.07 -22.61 8.84
C GLU D 403 10.90 -21.70 7.97
N GLU D 404 11.81 -20.90 8.54
CA GLU D 404 12.68 -20.09 7.67
C GLU D 404 13.94 -20.86 7.30
N ILE D 405 14.54 -21.55 8.27
CA ILE D 405 15.54 -22.57 7.96
C ILE D 405 14.99 -23.55 6.92
N PHE D 406 13.71 -23.92 7.07
CA PHE D 406 13.05 -24.70 6.04
C PHE D 406 12.96 -23.87 4.76
N HIS D 407 13.34 -24.49 3.65
CA HIS D 407 13.42 -23.75 2.39
C HIS D 407 12.11 -23.80 1.61
N MET D 408 11.57 -25.01 1.39
CA MET D 408 10.30 -25.14 0.69
C MET D 408 9.20 -24.30 1.33
N THR D 409 9.36 -23.93 2.60
CA THR D 409 8.46 -22.98 3.23
C THR D 409 8.93 -21.54 3.07
N TYR D 410 10.24 -21.30 3.06
CA TYR D 410 10.77 -19.96 2.85
C TYR D 410 10.43 -19.41 1.47
N ASP D 411 9.94 -20.24 0.55
CA ASP D 411 9.58 -19.81 -0.79
C ASP D 411 8.17 -19.26 -0.82
N LEU D 412 7.94 -18.29 -1.71
CA LEU D 412 6.62 -17.71 -1.95
C LEU D 412 6.10 -16.99 -0.71
N ALA D 413 6.91 -16.97 0.36
CA ALA D 413 6.51 -16.60 1.71
C ALA D 413 5.53 -17.62 2.27
N SER D 414 5.16 -18.60 1.44
CA SER D 414 4.24 -19.67 1.80
C SER D 414 3.01 -19.12 2.53
N ALA D 415 2.24 -18.32 1.79
CA ALA D 415 1.05 -17.69 2.34
C ALA D 415 0.15 -18.71 3.04
N VAL D 416 0.07 -19.92 2.49
CA VAL D 416 -0.71 -20.98 3.14
C VAL D 416 -0.18 -21.24 4.55
N VAL D 417 1.13 -21.49 4.66
CA VAL D 417 1.73 -21.78 5.95
C VAL D 417 1.56 -20.61 6.90
N ARG D 418 1.78 -19.39 6.42
CA ARG D 418 1.72 -18.23 7.31
C ARG D 418 0.30 -17.98 7.79
N ILE D 419 -0.70 -18.15 6.92
CA ILE D 419 -2.06 -17.94 7.37
C ILE D 419 -2.49 -19.06 8.29
N VAL D 420 -1.93 -20.26 8.14
CA VAL D 420 -2.29 -21.32 9.08
C VAL D 420 -1.62 -21.07 10.42
N ASN D 421 -0.40 -20.56 10.41
CA ASN D 421 0.22 -20.05 11.62
C ASN D 421 -0.70 -19.07 12.33
N LEU D 422 -1.23 -18.10 11.60
CA LEU D 422 -2.07 -17.07 12.22
C LEU D 422 -3.37 -17.65 12.76
N ILE D 423 -4.01 -18.54 11.99
CA ILE D 423 -5.23 -19.16 12.47
C ILE D 423 -4.95 -19.96 13.74
N GLY D 424 -3.80 -20.65 13.79
CA GLY D 424 -3.46 -21.39 14.99
C GLY D 424 -3.25 -20.47 16.18
N MET D 425 -2.60 -19.33 15.95
CA MET D 425 -2.34 -18.42 17.06
C MET D 425 -3.62 -17.81 17.58
N MET D 426 -4.54 -17.42 16.69
CA MET D 426 -5.83 -16.91 17.17
C MET D 426 -6.62 -17.99 17.90
N LEU D 427 -6.59 -19.22 17.41
CA LEU D 427 -7.32 -20.28 18.08
C LEU D 427 -6.74 -20.57 19.45
N LEU D 428 -5.43 -20.47 19.59
CA LEU D 428 -4.83 -20.71 20.90
C LEU D 428 -5.17 -19.59 21.86
N LEU D 429 -5.06 -18.34 21.41
CA LEU D 429 -5.46 -17.23 22.27
C LEU D 429 -6.90 -17.38 22.71
N CYS D 430 -7.79 -17.76 21.79
CA CYS D 430 -9.20 -17.88 22.12
C CYS D 430 -9.45 -19.04 23.09
N HIS D 431 -8.67 -20.11 22.98
CA HIS D 431 -8.86 -21.25 23.86
C HIS D 431 -8.32 -20.99 25.26
N TRP D 432 -7.17 -20.30 25.36
CA TRP D 432 -6.69 -19.89 26.67
C TRP D 432 -7.63 -18.88 27.31
N ASP D 433 -8.21 -18.01 26.48
CA ASP D 433 -9.18 -17.04 26.98
C ASP D 433 -10.41 -17.74 27.52
N GLY D 434 -10.90 -18.78 26.84
CA GLY D 434 -12.02 -19.54 27.37
C GLY D 434 -11.68 -20.18 28.70
N CYS D 435 -10.54 -20.85 28.78
CA CYS D 435 -10.16 -21.45 30.05
C CYS D 435 -9.99 -20.39 31.14
N LEU D 436 -9.59 -19.18 30.79
CA LEU D 436 -9.47 -18.12 31.77
C LEU D 436 -10.83 -17.65 32.26
N GLN D 437 -11.74 -17.37 31.32
CA GLN D 437 -13.13 -17.04 31.65
C GLN D 437 -13.72 -18.06 32.59
N PHE D 438 -13.27 -19.30 32.53
CA PHE D 438 -13.80 -20.24 33.51
C PHE D 438 -12.94 -20.38 34.76
N LEU D 439 -11.66 -20.08 34.69
CA LEU D 439 -10.82 -20.19 35.86
C LEU D 439 -11.17 -19.14 36.89
N VAL D 440 -11.31 -17.89 36.45
CA VAL D 440 -11.47 -16.78 37.39
C VAL D 440 -12.78 -16.86 38.17
N PRO D 441 -13.93 -17.19 37.57
CA PRO D 441 -15.11 -17.44 38.41
C PRO D 441 -14.93 -18.60 39.37
N MET D 442 -14.24 -19.64 38.97
CA MET D 442 -14.12 -20.84 39.80
C MET D 442 -13.29 -20.55 41.05
N LEU D 443 -12.18 -19.84 40.89
CA LEU D 443 -11.31 -19.54 42.02
C LEU D 443 -12.07 -18.88 43.15
N GLN D 444 -13.01 -18.01 42.83
CA GLN D 444 -13.88 -17.41 43.83
C GLN D 444 -15.07 -18.28 44.17
N ASP D 445 -15.03 -19.54 43.78
CA ASP D 445 -16.01 -20.54 44.21
C ASP D 445 -17.41 -20.17 43.75
N PHE D 446 -17.52 -19.70 42.51
CA PHE D 446 -18.79 -19.48 41.84
C PHE D 446 -19.68 -18.53 42.63
N PRO D 447 -19.36 -17.24 42.68
CA PRO D 447 -20.26 -16.29 43.33
C PRO D 447 -21.58 -16.23 42.59
N ASP D 448 -22.60 -15.72 43.27
CA ASP D 448 -23.95 -15.80 42.72
C ASP D 448 -24.14 -14.93 41.49
N ASP D 449 -23.09 -14.29 40.97
CA ASP D 449 -23.22 -13.41 39.82
C ASP D 449 -22.15 -13.67 38.77
N CYS D 450 -21.57 -14.87 38.74
CA CYS D 450 -20.69 -15.26 37.66
C CYS D 450 -21.49 -16.06 36.65
N TRP D 451 -21.16 -15.88 35.38
CA TRP D 451 -21.97 -16.50 34.33
C TRP D 451 -22.15 -17.98 34.56
N VAL D 452 -21.11 -18.65 35.05
CA VAL D 452 -21.21 -20.05 35.42
C VAL D 452 -22.35 -20.29 36.41
N SER D 453 -22.80 -19.26 37.13
CA SER D 453 -23.84 -19.45 38.12
C SER D 453 -25.15 -18.77 37.76
N LEU D 454 -25.19 -18.03 36.65
CA LEU D 454 -26.42 -17.57 36.05
C LEU D 454 -26.83 -18.42 34.87
N ASN D 455 -25.87 -18.83 34.03
CA ASN D 455 -26.13 -19.85 33.03
C ASN D 455 -26.31 -21.22 33.63
N ASN D 456 -26.25 -21.33 34.96
CA ASN D 456 -26.56 -22.56 35.67
C ASN D 456 -25.66 -23.71 35.21
N MET D 457 -24.38 -23.41 35.00
CA MET D 457 -23.39 -24.38 34.55
C MET D 457 -22.42 -24.78 35.64
N VAL D 458 -22.89 -24.83 36.89
CA VAL D 458 -22.01 -25.30 37.96
C VAL D 458 -21.92 -26.81 37.94
N ASN D 459 -23.06 -27.49 37.85
CA ASN D 459 -23.13 -28.94 37.89
C ASN D 459 -22.99 -29.58 36.52
N ASN D 460 -22.66 -28.81 35.48
CA ASN D 460 -22.57 -29.37 34.14
C ASN D 460 -21.35 -30.27 34.00
N SER D 461 -21.14 -30.75 32.79
CA SER D 461 -20.01 -31.59 32.49
C SER D 461 -18.90 -30.79 31.83
N TRP D 462 -17.67 -31.24 32.00
CA TRP D 462 -16.54 -30.43 31.56
C TRP D 462 -16.59 -30.15 30.06
N GLY D 463 -17.30 -30.98 29.29
CA GLY D 463 -17.45 -30.70 27.89
C GLY D 463 -18.32 -29.48 27.64
N LYS D 464 -19.47 -29.41 28.33
CA LYS D 464 -20.35 -28.27 28.14
C LYS D 464 -19.74 -27.00 28.71
N GLN D 465 -19.12 -27.08 29.89
CA GLN D 465 -18.45 -25.92 30.46
C GLN D 465 -17.36 -25.40 29.53
N TYR D 466 -16.51 -26.28 29.01
CA TYR D 466 -15.47 -25.82 28.11
C TYR D 466 -16.05 -25.22 26.85
N SER D 467 -17.01 -25.92 26.23
CA SER D 467 -17.53 -25.46 24.95
C SER D 467 -18.17 -24.10 25.09
N TYR D 468 -18.91 -23.88 26.17
CA TYR D 468 -19.58 -22.59 26.30
C TYR D 468 -18.64 -21.49 26.74
N ALA D 469 -17.63 -21.77 27.57
CA ALA D 469 -16.66 -20.73 27.90
C ALA D 469 -15.83 -20.36 26.68
N LEU D 470 -15.54 -21.33 25.81
CA LEU D 470 -14.88 -21.00 24.56
C LEU D 470 -15.79 -20.19 23.67
N PHE D 471 -17.09 -20.48 23.73
CA PHE D 471 -18.07 -19.65 23.04
C PHE D 471 -17.94 -18.20 23.47
N LYS D 472 -17.99 -17.94 24.78
CA LYS D 472 -17.87 -16.58 25.28
C LYS D 472 -16.59 -15.92 24.80
N ALA D 473 -15.47 -16.59 24.96
CA ALA D 473 -14.21 -15.97 24.57
C ALA D 473 -14.18 -15.67 23.08
N MET D 474 -14.85 -16.48 22.27
CA MET D 474 -14.86 -16.22 20.84
C MET D 474 -15.84 -15.13 20.48
N SER D 475 -16.93 -15.00 21.24
CA SER D 475 -17.80 -13.86 21.10
C SER D 475 -17.01 -12.57 21.31
N HIS D 476 -16.41 -12.43 22.48
CA HIS D 476 -15.59 -11.27 22.77
C HIS D 476 -14.54 -11.01 21.71
N MET D 477 -13.95 -12.07 21.15
CA MET D 477 -12.90 -11.86 20.15
C MET D 477 -13.45 -11.19 18.89
N LEU D 478 -14.53 -11.72 18.34
CA LEU D 478 -15.06 -11.20 17.09
C LEU D 478 -15.93 -9.97 17.28
N CYS D 479 -16.21 -9.60 18.52
CA CYS D 479 -17.07 -8.47 18.85
C CYS D 479 -18.48 -8.71 18.36
N ILE D 480 -19.02 -9.87 18.71
CA ILE D 480 -20.37 -10.24 18.32
C ILE D 480 -21.34 -10.17 19.49
N GLY D 481 -20.85 -10.07 20.71
CA GLY D 481 -21.72 -10.11 21.87
C GLY D 481 -20.89 -10.53 23.06
N TYR D 482 -21.57 -10.70 24.18
CA TYR D 482 -20.92 -11.26 25.35
C TYR D 482 -21.17 -12.76 25.45
N GLY D 483 -22.41 -13.17 25.59
CA GLY D 483 -22.75 -14.55 25.77
C GLY D 483 -24.24 -14.63 25.88
N ARG D 484 -24.74 -15.40 26.84
CA ARG D 484 -26.17 -15.38 27.09
C ARG D 484 -26.66 -14.02 27.57
N GLN D 485 -25.77 -13.18 28.08
CA GLN D 485 -26.15 -11.92 28.71
C GLN D 485 -24.90 -11.08 28.88
N ALA D 486 -25.01 -10.01 29.66
CA ALA D 486 -23.98 -9.03 29.89
C ALA D 486 -23.49 -9.09 31.33
N PRO D 487 -22.19 -8.89 31.56
CA PRO D 487 -21.61 -9.12 32.88
C PRO D 487 -22.37 -8.41 33.99
N MET D 488 -22.31 -8.98 35.19
CA MET D 488 -23.07 -8.43 36.29
C MET D 488 -22.29 -8.20 37.57
N GLY D 489 -21.18 -8.92 37.79
CA GLY D 489 -20.33 -8.70 38.94
C GLY D 489 -19.04 -8.07 38.49
N MET D 490 -18.25 -7.61 39.46
CA MET D 490 -17.09 -6.80 39.11
C MET D 490 -16.00 -7.64 38.46
N SER D 491 -15.85 -8.90 38.87
CA SER D 491 -14.89 -9.78 38.23
C SER D 491 -15.32 -10.09 36.80
N ASP D 492 -16.60 -10.31 36.58
CA ASP D 492 -17.10 -10.54 35.23
C ASP D 492 -16.88 -9.32 34.36
N VAL D 493 -17.22 -8.13 34.86
CA VAL D 493 -17.06 -6.93 34.05
C VAL D 493 -15.60 -6.74 33.68
N TRP D 494 -14.68 -6.93 34.63
CA TRP D 494 -13.30 -6.63 34.31
C TRP D 494 -12.66 -7.72 33.44
N LEU D 495 -13.05 -8.98 33.61
CA LEU D 495 -12.62 -10.02 32.66
C LEU D 495 -13.17 -9.77 31.28
N THR D 496 -14.46 -9.50 31.17
CA THR D 496 -15.06 -9.23 29.88
C THR D 496 -14.38 -8.05 29.21
N MET D 497 -14.00 -7.04 29.99
CA MET D 497 -13.37 -5.87 29.40
C MET D 497 -11.95 -6.18 28.92
N LEU D 498 -11.17 -6.87 29.76
CA LEU D 498 -9.84 -7.30 29.35
C LEU D 498 -9.90 -8.18 28.11
N SER D 499 -10.83 -9.13 28.08
CA SER D 499 -10.94 -10.05 26.96
C SER D 499 -11.45 -9.36 25.72
N MET D 500 -12.40 -8.44 25.86
CA MET D 500 -12.87 -7.68 24.71
C MET D 500 -11.74 -6.92 24.08
N ILE D 501 -11.01 -6.13 24.88
CA ILE D 501 -9.99 -5.27 24.29
C ILE D 501 -8.86 -6.10 23.69
N VAL D 502 -8.39 -7.12 24.41
CA VAL D 502 -7.29 -7.94 23.92
C VAL D 502 -7.72 -8.74 22.70
N GLY D 503 -8.86 -9.43 22.78
CA GLY D 503 -9.31 -10.23 21.66
C GLY D 503 -9.59 -9.41 20.42
N ALA D 504 -10.29 -8.29 20.57
CA ALA D 504 -10.66 -7.52 19.40
C ALA D 504 -9.44 -6.86 18.78
N THR D 505 -8.53 -6.33 19.60
CA THR D 505 -7.32 -5.77 19.04
C THR D 505 -6.50 -6.81 18.30
N CYS D 506 -6.32 -7.98 18.91
CA CYS D 506 -5.52 -9.03 18.28
C CYS D 506 -6.17 -9.54 17.00
N TYR D 507 -7.49 -9.73 17.01
CA TYR D 507 -8.18 -10.21 15.83
C TYR D 507 -8.09 -9.21 14.69
N ALA D 508 -8.33 -7.93 14.96
CA ALA D 508 -8.22 -6.94 13.91
C ALA D 508 -6.80 -6.84 13.38
N MET D 509 -5.80 -7.02 14.24
CA MET D 509 -4.42 -6.98 13.75
C MET D 509 -4.12 -8.19 12.88
N PHE D 510 -4.57 -9.38 13.30
CA PHE D 510 -4.40 -10.58 12.47
C PHE D 510 -5.07 -10.40 11.12
N ILE D 511 -6.22 -9.74 11.07
CA ILE D 511 -6.91 -9.66 9.79
C ILE D 511 -6.29 -8.59 8.90
N GLY D 512 -5.84 -7.48 9.46
CA GLY D 512 -5.02 -6.57 8.68
C GLY D 512 -3.79 -7.27 8.12
N HIS D 513 -3.18 -8.13 8.93
CA HIS D 513 -2.03 -8.91 8.51
C HIS D 513 -2.37 -9.79 7.31
N ALA D 514 -3.40 -10.63 7.46
CA ALA D 514 -3.73 -11.55 6.39
C ALA D 514 -4.23 -10.84 5.14
N THR D 515 -4.95 -9.72 5.31
CA THR D 515 -5.36 -8.94 4.15
C THR D 515 -4.17 -8.44 3.37
N ALA D 516 -3.19 -7.83 4.04
CA ALA D 516 -2.01 -7.38 3.32
C ALA D 516 -1.24 -8.53 2.71
N LEU D 517 -1.21 -9.68 3.40
CA LEU D 517 -0.47 -10.82 2.89
C LEU D 517 -1.15 -11.47 1.70
N ILE D 518 -2.46 -11.29 1.55
CA ILE D 518 -3.14 -11.77 0.36
C ILE D 518 -3.03 -10.76 -0.78
N GLN D 519 -3.22 -9.47 -0.49
CA GLN D 519 -3.04 -8.45 -1.52
C GLN D 519 -1.60 -8.29 -1.95
N SER D 520 -0.66 -8.98 -1.31
CA SER D 520 0.69 -9.04 -1.82
C SER D 520 0.89 -10.22 -2.77
N LEU D 521 -0.17 -10.93 -3.12
CA LEU D 521 -0.06 -12.04 -4.05
C LEU D 521 -0.26 -11.64 -5.50
N ASP D 522 -0.95 -10.53 -5.75
CA ASP D 522 -1.17 -10.03 -7.10
C ASP D 522 -0.39 -8.76 -7.34
N SER D 523 0.83 -8.70 -6.81
CA SER D 523 1.65 -7.50 -6.96
C SER D 523 2.03 -7.28 -8.41
N SER D 524 2.54 -8.30 -9.08
CA SER D 524 3.00 -8.11 -10.44
C SER D 524 1.88 -7.94 -11.44
N ARG D 525 0.63 -8.03 -11.00
CA ARG D 525 -0.50 -7.65 -11.85
C ARG D 525 -1.03 -6.27 -11.51
N ARG D 526 -1.07 -5.92 -10.23
CA ARG D 526 -1.38 -4.55 -9.86
C ARG D 526 -0.41 -3.58 -10.49
N GLN D 527 0.86 -3.97 -10.60
CA GLN D 527 1.83 -3.04 -11.17
C GLN D 527 1.65 -2.88 -12.66
N TYR D 528 1.24 -3.92 -13.38
CA TYR D 528 0.90 -3.74 -14.78
C TYR D 528 -0.32 -2.85 -14.93
N GLN D 529 -1.32 -3.03 -14.07
CA GLN D 529 -2.48 -2.17 -14.13
C GLN D 529 -2.10 -0.70 -13.95
N GLU D 530 -1.18 -0.43 -13.02
CA GLU D 530 -0.76 0.95 -12.80
C GLU D 530 -0.01 1.49 -14.02
N LYS D 531 0.93 0.72 -14.57
CA LYS D 531 1.65 1.20 -15.72
C LYS D 531 0.73 1.44 -16.91
N TYR D 532 -0.31 0.62 -17.06
CA TYR D 532 -1.23 0.88 -18.15
C TYR D 532 -2.09 2.10 -17.88
N LYS D 533 -2.43 2.40 -16.63
CA LYS D 533 -3.20 3.65 -16.39
C LYS D 533 -2.31 4.82 -16.77
N GLN D 534 -1.01 4.72 -16.54
CA GLN D 534 -0.16 5.83 -16.97
C GLN D 534 -0.10 5.93 -18.49
N VAL D 535 -0.13 4.81 -19.19
CA VAL D 535 -0.19 4.90 -20.65
C VAL D 535 -1.51 5.53 -21.09
N GLU D 536 -2.60 5.19 -20.41
CA GLU D 536 -3.89 5.80 -20.70
C GLU D 536 -3.81 7.31 -20.60
N GLN D 537 -3.20 7.82 -19.54
CA GLN D 537 -3.21 9.29 -19.33
C GLN D 537 -2.20 9.96 -20.26
N TYR D 538 -1.14 9.27 -20.67
CA TYR D 538 -0.32 9.86 -21.72
C TYR D 538 -1.11 9.97 -23.00
N MET D 539 -1.84 8.92 -23.37
CA MET D 539 -2.62 8.96 -24.60
C MET D 539 -3.62 10.11 -24.55
N SER D 540 -4.36 10.21 -23.45
CA SER D 540 -5.32 11.31 -23.30
C SER D 540 -4.62 12.66 -23.44
N PHE D 541 -3.56 12.90 -22.66
CA PHE D 541 -2.87 14.19 -22.65
C PHE D 541 -2.41 14.63 -24.04
N HIS D 542 -2.35 13.71 -25.01
CA HIS D 542 -2.06 14.09 -26.38
C HIS D 542 -3.23 13.84 -27.32
N LYS D 543 -4.31 13.33 -26.75
CA LYS D 543 -5.60 13.28 -27.47
C LYS D 543 -5.45 12.42 -28.72
N LEU D 544 -5.11 11.15 -28.55
CA LEU D 544 -4.80 10.35 -29.72
C LEU D 544 -6.07 9.78 -30.35
N PRO D 545 -6.06 9.62 -31.66
CA PRO D 545 -7.21 9.02 -32.35
C PRO D 545 -7.53 7.64 -31.79
N PRO D 546 -8.80 7.32 -31.64
CA PRO D 546 -9.17 6.04 -31.01
C PRO D 546 -8.94 4.84 -31.90
N ASP D 547 -8.17 5.02 -32.97
CA ASP D 547 -7.56 3.89 -33.67
C ASP D 547 -6.18 3.56 -33.10
N THR D 548 -5.32 4.58 -33.00
CA THR D 548 -4.04 4.38 -32.33
C THR D 548 -4.24 4.01 -30.87
N ARG D 549 -5.24 4.60 -30.22
CA ARG D 549 -5.53 4.23 -28.84
C ARG D 549 -5.89 2.76 -28.69
N GLN D 550 -6.33 2.12 -29.76
CA GLN D 550 -6.64 0.70 -29.69
C GLN D 550 -5.45 -0.15 -30.08
N ARG D 551 -4.67 0.31 -31.05
CA ARG D 551 -3.42 -0.41 -31.42
C ARG D 551 -2.52 -0.48 -30.21
N ILE D 552 -2.39 0.61 -29.48
CA ILE D 552 -1.50 0.64 -28.31
C ILE D 552 -1.96 -0.35 -27.26
N HIS D 553 -3.27 -0.37 -26.99
CA HIS D 553 -3.80 -1.30 -26.01
C HIS D 553 -3.54 -2.75 -26.43
N ASP D 554 -3.75 -3.05 -27.70
CA ASP D 554 -3.46 -4.39 -28.18
C ASP D 554 -2.00 -4.75 -27.94
N TYR D 555 -1.09 -3.85 -28.32
CA TYR D 555 0.33 -4.13 -28.17
C TYR D 555 0.70 -4.36 -26.72
N TYR D 556 0.20 -3.51 -25.82
CA TYR D 556 0.51 -3.70 -24.41
C TYR D 556 0.02 -5.04 -23.92
N GLU D 557 -1.29 -5.28 -24.01
CA GLU D 557 -1.83 -6.56 -23.56
C GLU D 557 -1.10 -7.75 -24.18
N HIS D 558 -0.56 -7.61 -25.38
CA HIS D 558 0.15 -8.70 -26.04
C HIS D 558 1.66 -8.63 -25.87
N ARG D 559 2.16 -7.78 -24.99
CA ARG D 559 3.58 -7.81 -24.65
C ARG D 559 3.81 -8.07 -23.16
N TYR D 560 3.01 -7.47 -22.30
CA TYR D 560 3.20 -7.62 -20.86
C TYR D 560 2.15 -8.51 -20.24
N GLN D 561 1.20 -9.02 -21.03
CA GLN D 561 0.34 -10.14 -20.66
C GLN D 561 -0.22 -10.00 -19.24
N GLY D 562 -0.47 -8.77 -18.81
CA GLY D 562 -0.90 -8.56 -17.45
C GLY D 562 0.12 -8.90 -16.41
N LYS D 563 1.41 -8.75 -16.71
CA LYS D 563 2.46 -9.03 -15.74
C LYS D 563 3.75 -8.35 -16.18
N MET D 564 4.28 -7.49 -15.31
CA MET D 564 5.42 -6.66 -15.67
C MET D 564 6.73 -7.36 -15.33
N PHE D 565 7.72 -7.17 -16.19
CA PHE D 565 9.09 -7.57 -15.90
C PHE D 565 10.01 -6.67 -16.69
N ASP D 566 11.32 -6.83 -16.48
CA ASP D 566 12.31 -5.93 -17.05
C ASP D 566 13.53 -6.75 -17.49
N GLU D 567 13.61 -7.06 -18.78
CA GLU D 567 14.71 -7.85 -19.31
C GLU D 567 16.04 -7.13 -19.22
N GLU D 568 16.08 -5.91 -18.68
CA GLU D 568 17.33 -5.19 -18.52
C GLU D 568 17.85 -5.26 -17.09
N SER D 569 17.00 -4.98 -16.12
CA SER D 569 17.38 -5.20 -14.73
C SER D 569 17.62 -6.68 -14.45
N ILE D 570 16.67 -7.53 -14.85
CA ILE D 570 16.70 -8.95 -14.53
C ILE D 570 17.87 -9.62 -15.26
N LEU D 571 18.58 -8.87 -16.09
CA LEU D 571 19.84 -9.34 -16.64
C LEU D 571 21.03 -8.57 -16.11
N GLY D 572 20.81 -7.43 -15.48
CA GLY D 572 21.88 -6.72 -14.81
C GLY D 572 22.04 -7.18 -13.38
N GLU D 573 21.09 -7.99 -12.90
CA GLU D 573 21.20 -8.55 -11.56
C GLU D 573 21.86 -9.92 -11.58
N LEU D 574 21.69 -10.67 -12.65
CA LEU D 574 22.27 -12.01 -12.72
C LEU D 574 23.77 -11.94 -12.91
N SER D 575 24.46 -13.01 -12.52
CA SER D 575 25.89 -13.09 -12.74
C SER D 575 26.18 -13.31 -14.22
N GLU D 576 27.45 -13.41 -14.55
CA GLU D 576 27.79 -13.60 -15.96
C GLU D 576 27.48 -15.01 -16.43
N PRO D 577 27.74 -16.06 -15.64
CA PRO D 577 27.30 -17.40 -16.09
C PRO D 577 25.81 -17.48 -16.38
N LEU D 578 24.97 -16.91 -15.52
CA LEU D 578 23.53 -16.98 -15.76
C LEU D 578 23.12 -16.08 -16.92
N ARG D 579 23.70 -14.88 -17.02
CA ARG D 579 23.49 -14.07 -18.20
C ARG D 579 23.74 -14.88 -19.45
N GLU D 580 24.86 -15.62 -19.48
CA GLU D 580 25.19 -16.35 -20.68
C GLU D 580 24.30 -17.58 -20.87
N GLU D 581 23.82 -18.18 -19.79
CA GLU D 581 22.90 -19.35 -19.96
C GLU D 581 21.59 -18.90 -20.58
N ILE D 582 21.00 -17.81 -20.06
CA ILE D 582 19.75 -17.32 -20.63
C ILE D 582 19.96 -16.83 -22.06
N ILE D 583 20.99 -16.00 -22.29
CA ILE D 583 21.24 -15.50 -23.63
C ILE D 583 21.43 -16.64 -24.62
N ASN D 584 22.21 -17.66 -24.23
CA ASN D 584 22.45 -18.78 -25.11
C ASN D 584 21.18 -19.55 -25.39
N PHE D 585 20.46 -19.94 -24.34
CA PHE D 585 19.23 -20.70 -24.55
C PHE D 585 18.25 -19.93 -25.42
N ASN D 586 18.27 -18.60 -25.35
CA ASN D 586 17.35 -17.82 -26.18
C ASN D 586 17.79 -17.81 -27.63
N CYS D 587 19.04 -17.41 -27.90
CA CYS D 587 19.45 -17.04 -29.25
C CYS D 587 20.30 -18.09 -29.95
N ARG D 588 20.41 -19.29 -29.38
CA ARG D 588 21.37 -20.27 -29.96
C ARG D 588 20.89 -20.70 -31.35
N LYS D 589 19.77 -21.40 -31.38
CA LYS D 589 19.30 -21.94 -32.65
C LYS D 589 19.06 -20.84 -33.68
N LEU D 590 18.77 -19.62 -33.21
CA LEU D 590 18.55 -18.52 -34.14
C LEU D 590 19.84 -18.08 -34.80
N VAL D 591 20.87 -17.78 -34.01
CA VAL D 591 22.10 -17.24 -34.59
C VAL D 591 22.90 -18.34 -35.26
N ALA D 592 22.72 -19.59 -34.84
CA ALA D 592 23.43 -20.70 -35.46
C ALA D 592 22.93 -20.99 -36.88
N SER D 593 21.71 -20.57 -37.21
CA SER D 593 21.15 -20.84 -38.53
C SER D 593 21.91 -20.10 -39.61
N MET D 594 22.38 -18.90 -39.33
CA MET D 594 23.12 -18.14 -40.34
C MET D 594 24.46 -18.79 -40.59
N PRO D 595 24.94 -18.80 -41.83
CA PRO D 595 26.24 -19.43 -42.13
C PRO D 595 27.41 -18.54 -41.75
N LEU D 596 27.25 -17.22 -41.88
CA LEU D 596 28.37 -16.30 -41.64
C LEU D 596 28.77 -16.23 -40.17
N PHE D 597 27.91 -16.68 -39.26
CA PHE D 597 28.22 -16.72 -37.83
C PHE D 597 28.51 -18.11 -37.33
N ALA D 598 27.74 -19.12 -37.76
CA ALA D 598 27.94 -20.48 -37.26
C ALA D 598 29.34 -20.99 -37.55
N ASN D 599 30.00 -20.47 -38.59
CA ASN D 599 31.36 -20.87 -38.90
C ASN D 599 32.39 -20.24 -37.99
N ALA D 600 32.05 -19.14 -37.32
CA ALA D 600 32.97 -18.49 -36.40
C ALA D 600 33.07 -19.28 -35.09
N ASP D 601 33.83 -18.74 -34.16
CA ASP D 601 34.02 -19.50 -32.94
C ASP D 601 33.17 -18.94 -31.80
N PRO D 602 32.88 -19.79 -30.80
CA PRO D 602 32.06 -19.33 -29.66
C PRO D 602 32.48 -18.01 -29.06
N ASN D 603 33.78 -17.67 -29.07
CA ASN D 603 34.21 -16.37 -28.58
C ASN D 603 33.45 -15.25 -29.28
N PHE D 604 33.56 -15.18 -30.62
CA PHE D 604 32.88 -14.13 -31.37
C PHE D 604 31.36 -14.30 -31.30
N VAL D 605 30.87 -15.54 -31.43
CA VAL D 605 29.43 -15.76 -31.40
C VAL D 605 28.83 -15.18 -30.13
N THR D 606 29.25 -15.71 -28.98
CA THR D 606 28.64 -15.35 -27.71
C THR D 606 29.18 -14.03 -27.15
N SER D 607 30.12 -13.39 -27.83
CA SER D 607 30.39 -11.98 -27.56
C SER D 607 29.55 -11.06 -28.41
N MET D 608 28.97 -11.58 -29.50
CA MET D 608 28.03 -10.82 -30.31
C MET D 608 26.61 -10.91 -29.76
N LEU D 609 26.17 -12.11 -29.39
CA LEU D 609 24.80 -12.37 -28.97
C LEU D 609 24.32 -11.45 -27.86
N THR D 610 25.24 -10.75 -27.21
CA THR D 610 24.86 -9.81 -26.16
C THR D 610 24.43 -8.46 -26.73
N LYS D 611 24.34 -8.33 -28.05
CA LYS D 611 23.81 -7.14 -28.69
C LYS D 611 22.42 -7.35 -29.27
N LEU D 612 21.89 -8.57 -29.21
CA LEU D 612 20.54 -8.84 -29.69
C LEU D 612 19.53 -8.07 -28.86
N ARG D 613 18.38 -7.78 -29.46
CA ARG D 613 17.31 -7.04 -28.81
C ARG D 613 15.99 -7.75 -29.04
N PHE D 614 15.10 -7.65 -28.06
CA PHE D 614 13.78 -8.23 -28.17
C PHE D 614 12.78 -7.21 -28.70
N GLU D 615 11.79 -7.68 -29.45
CA GLU D 615 10.89 -6.83 -30.22
C GLU D 615 9.65 -7.63 -30.57
N VAL D 616 8.47 -7.03 -30.36
CA VAL D 616 7.20 -7.72 -30.54
C VAL D 616 6.37 -6.87 -31.49
N PHE D 617 6.42 -7.17 -32.78
CA PHE D 617 5.67 -6.37 -33.73
C PHE D 617 4.20 -6.76 -33.70
N GLN D 618 3.43 -6.20 -34.62
CA GLN D 618 1.98 -6.31 -34.60
C GLN D 618 1.47 -6.52 -36.02
N PRO D 619 0.48 -7.40 -36.21
CA PRO D 619 0.04 -7.73 -37.57
C PRO D 619 -0.32 -6.50 -38.38
N GLY D 620 0.47 -6.20 -39.40
CA GLY D 620 0.28 -5.05 -40.25
C GLY D 620 1.43 -4.08 -40.29
N ASP D 621 2.39 -4.18 -39.37
CA ASP D 621 3.50 -3.24 -39.38
C ASP D 621 4.42 -3.50 -40.56
N TYR D 622 5.18 -2.49 -40.94
CA TYR D 622 6.21 -2.63 -41.96
C TYR D 622 7.56 -2.76 -41.25
N ILE D 623 7.81 -3.97 -40.73
CA ILE D 623 9.06 -4.27 -40.05
C ILE D 623 10.25 -3.78 -40.86
N ILE D 624 10.16 -3.86 -42.18
CA ILE D 624 11.08 -3.18 -43.07
C ILE D 624 10.27 -2.24 -43.95
N ARG D 625 10.86 -1.09 -44.29
CA ARG D 625 10.24 -0.15 -45.21
C ARG D 625 10.90 -0.31 -46.58
N GLU D 626 10.07 -0.31 -47.62
CA GLU D 626 10.57 -0.59 -48.96
C GLU D 626 11.58 0.46 -49.40
N GLY D 627 12.69 -0.01 -49.98
CA GLY D 627 13.75 0.85 -50.45
C GLY D 627 14.21 1.88 -49.43
N THR D 628 14.59 1.41 -48.25
CA THR D 628 14.90 2.30 -47.14
C THR D 628 16.17 1.81 -46.45
N ILE D 629 16.76 2.68 -45.65
CA ILE D 629 17.96 2.34 -44.90
C ILE D 629 17.63 1.30 -43.85
N GLY D 630 18.37 0.20 -43.86
CA GLY D 630 18.08 -0.96 -43.03
C GLY D 630 19.08 -1.16 -41.90
N LYS D 631 19.39 -0.08 -41.18
CA LYS D 631 20.50 -0.05 -40.23
C LYS D 631 20.56 -1.28 -39.33
N LYS D 632 19.44 -1.95 -39.07
CA LYS D 632 19.47 -3.15 -38.25
C LYS D 632 18.98 -4.34 -39.07
N MET D 633 19.51 -5.52 -38.76
CA MET D 633 19.03 -6.76 -39.35
C MET D 633 18.32 -7.57 -38.28
N TYR D 634 17.29 -8.29 -38.70
CA TYR D 634 16.40 -8.96 -37.76
C TYR D 634 16.60 -10.47 -37.81
N PHE D 635 16.41 -11.10 -36.65
CA PHE D 635 16.36 -12.55 -36.55
C PHE D 635 14.99 -12.91 -35.99
N ILE D 636 14.19 -13.62 -36.76
CA ILE D 636 12.86 -13.94 -36.29
C ILE D 636 12.95 -15.06 -35.26
N GLN D 637 11.98 -15.10 -34.35
CA GLN D 637 11.95 -16.04 -33.26
C GLN D 637 10.59 -16.69 -33.08
N HIS D 638 9.55 -16.19 -33.73
CA HIS D 638 8.20 -16.68 -33.55
C HIS D 638 7.33 -16.00 -34.61
N GLY D 639 6.04 -16.34 -34.62
CA GLY D 639 5.13 -15.78 -35.58
C GLY D 639 5.51 -16.14 -37.00
N VAL D 640 5.05 -15.32 -37.93
CA VAL D 640 5.39 -15.50 -39.34
C VAL D 640 5.33 -14.16 -40.07
N VAL D 641 6.37 -13.84 -40.82
CA VAL D 641 6.39 -12.63 -41.61
C VAL D 641 6.22 -13.00 -43.08
N SER D 642 6.00 -12.00 -43.91
CA SER D 642 5.93 -12.18 -45.36
C SER D 642 6.72 -11.07 -46.02
N VAL D 643 7.90 -11.41 -46.54
CA VAL D 643 8.66 -10.44 -47.30
C VAL D 643 7.89 -10.10 -48.56
N LEU D 644 7.99 -8.85 -49.01
CA LEU D 644 7.29 -8.41 -50.21
C LEU D 644 8.25 -7.68 -51.13
N THR D 645 8.00 -7.81 -52.43
CA THR D 645 8.72 -7.09 -53.47
C THR D 645 7.73 -6.62 -54.52
N LYS D 646 8.11 -5.57 -55.25
CA LYS D 646 7.31 -5.14 -56.39
C LYS D 646 7.31 -6.20 -57.47
N GLY D 647 8.45 -6.83 -57.72
CA GLY D 647 8.55 -7.88 -58.72
C GLY D 647 8.18 -9.25 -58.20
N ASN D 648 8.86 -9.69 -57.14
CA ASN D 648 8.53 -10.98 -56.53
C ASN D 648 7.09 -10.95 -56.01
N LYS D 649 6.43 -12.11 -56.07
CA LYS D 649 5.02 -12.17 -55.69
C LYS D 649 4.85 -12.28 -54.18
N GLU D 650 5.28 -13.39 -53.58
CA GLU D 650 5.14 -13.60 -52.15
C GLU D 650 6.30 -14.47 -51.67
N THR D 651 6.47 -14.52 -50.35
CA THR D 651 7.42 -15.37 -49.66
C THR D 651 7.19 -15.22 -48.17
N LYS D 652 7.54 -16.26 -47.41
CA LYS D 652 7.29 -16.29 -45.98
C LYS D 652 8.51 -16.80 -45.24
N LEU D 653 8.55 -16.50 -43.93
CA LEU D 653 9.54 -17.04 -43.01
C LEU D 653 8.88 -17.13 -41.65
N ALA D 654 9.31 -18.08 -40.83
CA ALA D 654 8.68 -18.27 -39.53
C ALA D 654 9.55 -19.11 -38.61
N ASP D 655 9.28 -18.99 -37.32
CA ASP D 655 9.72 -19.89 -36.26
C ASP D 655 11.18 -20.34 -36.43
N GLY D 656 12.08 -19.36 -36.47
CA GLY D 656 13.50 -19.63 -36.46
C GLY D 656 14.24 -19.29 -37.74
N SER D 657 13.64 -18.55 -38.64
CA SER D 657 14.29 -18.16 -39.88
C SER D 657 15.15 -16.91 -39.62
N TYR D 658 15.60 -16.26 -40.69
CA TYR D 658 16.37 -15.03 -40.55
C TYR D 658 16.35 -14.28 -41.87
N PHE D 659 16.21 -12.95 -41.80
CA PHE D 659 16.19 -12.14 -43.00
C PHE D 659 16.95 -10.84 -42.74
N GLY D 660 17.12 -10.07 -43.81
CA GLY D 660 17.86 -8.82 -43.72
C GLY D 660 19.36 -8.96 -43.85
N GLU D 661 19.84 -9.89 -44.68
CA GLU D 661 21.27 -10.15 -44.75
C GLU D 661 22.00 -9.14 -45.65
N ILE D 662 21.29 -8.49 -46.57
CA ILE D 662 21.93 -7.59 -47.52
C ILE D 662 22.52 -6.36 -46.88
N CYS D 663 22.29 -6.14 -45.58
CA CYS D 663 22.67 -4.90 -44.92
C CYS D 663 23.97 -4.98 -44.15
N LEU D 664 24.31 -6.16 -43.63
CA LEU D 664 25.44 -6.25 -42.70
C LEU D 664 26.76 -5.95 -43.39
N LEU D 665 27.07 -6.66 -44.47
CA LEU D 665 28.36 -6.48 -45.12
C LEU D 665 28.48 -5.10 -45.75
N THR D 666 27.42 -4.63 -46.40
CA THR D 666 27.44 -3.34 -47.07
C THR D 666 26.16 -2.60 -46.78
N ARG D 667 26.27 -1.28 -46.66
CA ARG D 667 25.12 -0.43 -46.40
C ARG D 667 24.53 0.11 -47.70
N GLY D 668 23.22 0.11 -47.77
CA GLY D 668 22.53 0.62 -48.95
C GLY D 668 21.05 0.77 -48.68
N ARG D 669 20.26 0.39 -49.67
CA ARG D 669 18.80 0.44 -49.57
C ARG D 669 18.23 -0.97 -49.65
N ARG D 670 17.26 -1.24 -48.80
CA ARG D 670 16.66 -2.57 -48.73
C ARG D 670 15.90 -2.87 -50.03
N THR D 671 16.09 -4.07 -50.54
CA THR D 671 15.45 -4.50 -51.79
C THR D 671 14.05 -5.04 -51.58
N ALA D 672 13.47 -4.89 -50.39
CA ALA D 672 12.18 -5.48 -50.09
C ALA D 672 11.53 -4.72 -48.95
N SER D 673 10.41 -5.26 -48.47
CA SER D 673 9.67 -4.71 -47.34
C SER D 673 8.78 -5.81 -46.80
N VAL D 674 8.93 -6.14 -45.54
CA VAL D 674 8.25 -7.28 -44.94
C VAL D 674 7.11 -6.77 -44.08
N ARG D 675 6.17 -7.65 -43.76
CA ARG D 675 5.03 -7.29 -42.94
C ARG D 675 4.79 -8.34 -41.89
N ALA D 676 4.51 -7.91 -40.67
CA ALA D 676 4.07 -8.82 -39.63
C ALA D 676 2.71 -9.36 -39.99
N ASP D 677 2.63 -10.65 -40.32
CA ASP D 677 1.35 -11.27 -40.60
C ASP D 677 0.67 -11.80 -39.34
N THR D 678 1.45 -12.01 -38.28
CA THR D 678 0.89 -12.24 -36.96
C THR D 678 1.76 -11.55 -35.93
N TYR D 679 1.56 -11.84 -34.65
CA TYR D 679 2.31 -11.13 -33.63
C TYR D 679 3.75 -11.62 -33.59
N CYS D 680 4.56 -11.17 -34.55
CA CYS D 680 5.95 -11.62 -34.64
C CYS D 680 6.71 -11.28 -33.37
N ARG D 681 7.86 -11.92 -33.21
CA ARG D 681 8.64 -11.78 -31.99
C ARG D 681 10.13 -11.71 -32.32
N LEU D 682 10.46 -10.89 -33.32
CA LEU D 682 11.79 -10.87 -33.90
C LEU D 682 12.85 -10.57 -32.84
N TYR D 683 14.11 -10.76 -33.22
CA TYR D 683 15.26 -10.40 -32.39
C TYR D 683 16.14 -9.45 -33.18
N SER D 684 16.24 -8.22 -32.72
CA SER D 684 16.95 -7.19 -33.46
C SER D 684 18.45 -7.42 -33.41
N LEU D 685 19.16 -6.87 -34.38
CA LEU D 685 20.61 -6.97 -34.44
C LEU D 685 21.14 -5.76 -35.21
N SER D 686 21.62 -4.76 -34.49
CA SER D 686 22.04 -3.51 -35.13
C SER D 686 23.39 -3.70 -35.81
N VAL D 687 23.91 -2.62 -36.40
CA VAL D 687 25.21 -2.64 -37.04
C VAL D 687 26.27 -1.88 -36.26
N ASP D 688 25.89 -0.86 -35.48
CA ASP D 688 26.88 -0.19 -34.64
C ASP D 688 27.38 -1.13 -33.55
N ASN D 689 26.47 -1.82 -32.87
CA ASN D 689 26.89 -2.87 -31.95
C ASN D 689 27.69 -3.94 -32.69
N PHE D 690 27.27 -4.24 -33.92
CA PHE D 690 27.96 -5.25 -34.71
C PHE D 690 29.42 -4.89 -34.93
N ASN D 691 29.69 -3.70 -35.45
CA ASN D 691 31.07 -3.36 -35.76
C ASN D 691 31.85 -2.98 -34.50
N GLU D 692 31.17 -2.67 -33.39
CA GLU D 692 31.90 -2.54 -32.14
C GLU D 692 32.41 -3.89 -31.65
N VAL D 693 31.56 -4.92 -31.69
CA VAL D 693 32.04 -6.27 -31.43
C VAL D 693 33.07 -6.68 -32.47
N LEU D 694 32.91 -6.20 -33.71
CA LEU D 694 33.78 -6.60 -34.80
C LEU D 694 35.20 -6.09 -34.60
N GLU D 695 35.35 -4.79 -34.31
CA GLU D 695 36.68 -4.22 -34.09
C GLU D 695 37.38 -4.85 -32.90
N GLU D 696 36.65 -5.57 -32.05
CA GLU D 696 37.30 -6.38 -31.02
C GLU D 696 37.82 -7.69 -31.60
N TYR D 697 37.24 -8.15 -32.70
CA TYR D 697 37.66 -9.40 -33.34
C TYR D 697 38.20 -9.14 -34.74
N PRO D 698 39.47 -8.72 -34.87
CA PRO D 698 40.04 -8.54 -36.21
C PRO D 698 40.08 -9.81 -37.02
N MET D 699 40.22 -10.96 -36.34
CA MET D 699 40.26 -12.25 -37.02
C MET D 699 39.11 -12.39 -38.01
N MET D 700 37.88 -12.15 -37.55
CA MET D 700 36.74 -12.19 -38.43
C MET D 700 36.42 -10.83 -39.06
N ARG D 701 37.07 -9.76 -38.59
CA ARG D 701 36.92 -8.48 -39.27
C ARG D 701 37.52 -8.51 -40.67
N ARG D 702 38.59 -9.28 -40.84
CA ARG D 702 39.21 -9.35 -42.17
C ARG D 702 38.39 -10.20 -43.13
N ALA D 703 37.85 -11.33 -42.67
CA ALA D 703 37.27 -12.32 -43.57
C ALA D 703 35.86 -11.97 -44.03
N PHE D 704 35.21 -10.98 -43.43
CA PHE D 704 33.83 -10.68 -43.81
C PHE D 704 33.74 -10.00 -45.17
N GLU D 705 34.78 -9.28 -45.59
CA GLU D 705 34.73 -8.57 -46.86
C GLU D 705 34.42 -9.49 -48.03
N THR D 706 34.85 -10.74 -47.96
CA THR D 706 34.61 -11.70 -49.03
C THR D 706 33.39 -12.57 -48.73
#